data_7ZRK
#
_entry.id   7ZRK
#
_cell.length_a   1.00
_cell.length_b   1.00
_cell.length_c   1.00
_cell.angle_alpha   90.00
_cell.angle_beta   90.00
_cell.angle_gamma   90.00
#
_symmetry.space_group_name_H-M   'P 1'
#
loop_
_entity.id
_entity.type
_entity.pdbx_description
1 polymer 'Potassium-transporting ATPase potassium-binding subunit'
2 polymer 'Potassium-transporting ATPase KdpC subunit'
3 polymer 'Potassium-transporting ATPase KdpF subunit'
4 polymer 'Potassium-transporting ATPase ATP-binding subunit'
5 non-polymer 'POTASSIUM ION'
6 non-polymer CARDIOLIPIN
7 non-polymer "ADENOSINE-5'-DIPHOSPHATE"
#
loop_
_entity_poly.entity_id
_entity_poly.type
_entity_poly.pdbx_seq_one_letter_code
_entity_poly.pdbx_strand_id
1 'polypeptide(L)'
;MAAQGFLLIATFLLVLMVLARPLGSGLARLINDIPLPGTTGVERVLFRALGVSDREMNWKQYLCAILGLNMLGLAVLFFM
LLGQHYLPLNPQQLPGLSWDLALNTAVSFVTNTNWQSYSGETTLSYFSQMAGLTVQNFLSAASGIAVIFALIRAFTRQSM
STLGNAWVDLLRITLWVLVPVALLIALFFIQQGALQNFLPYQAVNTVEGAQQLLPMGPVASQEAIKMLGTNGGGFFNANS
SHPFENPTALTNFVQMLAIFLIPTALCFAFGEVMGDRRQGRMLLWAMSVIFVICVGVVMWAEVQGNPHLLALGTDSSINM
EGKESRFGVLVSSLFAVVTTAASCGAVIAMHDSFTALGGMVPMWLMQIGEVVFGGVGSGLYGMMLFVLLAVFIAGLMIGR
TPEYLGKKIDVREMKLTALAILVTPTLVLMGAALAMMTDAGRSAMLNPGPHGFSEVLYAVSSAANNNGSAFAGLSANSPF
WNCLLAFCMFVGRFGVIIPVMAIAGSLVSKKSQAASSGTLPTHGPLFVGLLIGTVLLVGALTFIPALALGPVAEYLS
;
A
2 'polypeptide(L)'
;MSGLRPALSTFIFLLLITGGVYPLLTTVLGQWWFPWQANGSLIREGDTVRGSALIGQNFTGNGYFHGRPSATAEMPYNPQ
ASGGSNLAVSNPELDKLIAARVAALRAANPDASASVPVELVTASASGLDNNITPQAAAWQIPRVAKARNLSVEQLTQLIA
KYSQQPLVKYIGQPVVNIVELNLALDKLDE
;
C
3 'polypeptide(L)' MSAGVITGVLLVFLLLGYLVYALINAE D
4 'polypeptide(L)'
;MSRKQLALFEPTLVVQALKEAVKKLNPQAQWRNPVMFIVWIGSLLTTCISIAMASGAMPGNALFSAAISGWLWITVLFAN
FAEALAEGRSKAQANSLKGVKKTAFARKLREPKYGAAADKVPADQLRKGDIVLVEAGDIIPCDGEVIEGGASVDESAITG
E(SEP)APVIRESGGDFASVTGGTRILSDWLVIECSVNPGETFLDRMIAMVEGAQRRKTPNEIALTILLIALTIVFLLAT
ATLWPFSAWGGNAVSVTVLVALLVCLIPTTIGGLLSAIGVAGMSRMLGANVIATSGRAVEAAGDVDVLLL(PHD)KTGTI
TLGNRQASEFIPAQGVDEKTLADAAQLASLADETPEGRSIVILAKQRFNLRERDVQSLHATFVPFTAQSRMSGINIDNRM
IRKGSVDAIRRHVEANGGHFPTDVDQKVDQVARQGATPLVVVEGSRVLGVIALKDIVKGGIKERFAQLRKMGIKTVMITG
DNRLTAAAIAAEAGVDDFLAEATPEAKLALIRQYQAEGRLVAMTGDGTNDAPALAQADVAVAMNSGTQAAKEAGNMVDLD
SNPTKLIEVVHIGKQMLMTRGSLTTFSIANDVAKYFAIIPAAFAATYPQLNALNIMCLHSPDSAILSAVIFNALIIVFLI
PLALKGVSYKPLTASAMLRRNLWIYGLGGLLVPFIGIKVIDLLLTVCGLV
;
B
#
# COMPACT_ATOMS: atom_id res chain seq x y z
N MET A 1 36.60 -10.61 9.98
CA MET A 1 35.91 -9.39 9.56
C MET A 1 34.41 -9.63 9.47
N ALA A 2 34.02 -10.74 8.85
CA ALA A 2 32.61 -11.09 8.75
C ALA A 2 32.02 -11.42 10.12
N ALA A 3 32.80 -12.09 10.97
CA ALA A 3 32.34 -12.36 12.34
C ALA A 3 32.18 -11.07 13.13
N GLN A 4 33.12 -10.13 12.97
CA GLN A 4 33.02 -8.84 13.65
C GLN A 4 31.79 -8.06 13.15
N GLY A 5 31.53 -8.11 11.84
CA GLY A 5 30.35 -7.44 11.31
C GLY A 5 29.05 -8.05 11.81
N PHE A 6 28.99 -9.39 11.85
CA PHE A 6 27.81 -10.07 12.38
C PHE A 6 27.60 -9.72 13.85
N LEU A 7 28.68 -9.71 14.64
CA LEU A 7 28.58 -9.36 16.05
C LEU A 7 28.11 -7.91 16.22
N LEU A 8 28.60 -7.01 15.38
CA LEU A 8 28.19 -5.61 15.45
C LEU A 8 26.70 -5.45 15.13
N ILE A 9 26.24 -6.10 14.06
CA ILE A 9 24.81 -6.01 13.69
C ILE A 9 23.94 -6.62 14.77
N ALA A 10 24.33 -7.80 15.28
CA ALA A 10 23.51 -8.47 16.29
C ALA A 10 23.46 -7.69 17.59
N THR A 11 24.60 -7.14 18.03
CA THR A 11 24.62 -6.34 19.25
C THR A 11 23.79 -5.07 19.09
N PHE A 12 23.93 -4.39 17.93
CA PHE A 12 23.18 -3.16 17.70
C PHE A 12 21.68 -3.41 17.68
N LEU A 13 21.25 -4.47 16.96
CA LEU A 13 19.83 -4.76 16.88
C LEU A 13 19.27 -5.24 18.22
N LEU A 14 20.06 -6.00 18.98
CA LEU A 14 19.60 -6.47 20.28
C LEU A 14 19.43 -5.32 21.27
N VAL A 15 20.42 -4.42 21.33
CA VAL A 15 20.32 -3.28 22.24
C VAL A 15 19.20 -2.34 21.81
N LEU A 16 19.01 -2.17 20.49
CA LEU A 16 17.91 -1.34 19.99
C LEU A 16 16.56 -1.93 20.35
N MET A 17 16.38 -3.24 20.18
CA MET A 17 15.11 -3.87 20.52
C MET A 17 14.86 -3.86 22.02
N VAL A 18 15.90 -3.95 22.83
CA VAL A 18 15.73 -3.85 24.28
C VAL A 18 15.32 -2.44 24.67
N LEU A 19 15.98 -1.43 24.09
CA LEU A 19 15.74 -0.04 24.50
C LEU A 19 14.42 0.51 23.97
N ALA A 20 13.97 0.08 22.80
CA ALA A 20 12.82 0.72 22.17
C ALA A 20 11.48 0.20 22.68
N ARG A 21 11.46 -0.83 23.51
CA ARG A 21 10.19 -1.37 23.99
C ARG A 21 9.58 -0.54 25.14
N PRO A 22 10.32 -0.15 26.19
CA PRO A 22 9.71 0.79 27.15
C PRO A 22 9.35 2.14 26.53
N LEU A 23 10.17 2.63 25.61
CA LEU A 23 9.80 3.82 24.87
C LEU A 23 8.60 3.57 23.97
N GLY A 24 8.46 2.34 23.47
CA GLY A 24 7.26 1.98 22.74
C GLY A 24 6.01 2.04 23.61
N SER A 25 6.12 1.57 24.85
CA SER A 25 4.99 1.66 25.77
C SER A 25 4.65 3.11 26.12
N GLY A 26 5.68 3.93 26.33
CA GLY A 26 5.45 5.35 26.59
C GLY A 26 4.81 6.07 25.42
N LEU A 27 5.26 5.76 24.20
CA LEU A 27 4.66 6.36 23.02
C LEU A 27 3.24 5.86 22.79
N ALA A 28 2.96 4.60 23.15
CA ALA A 28 1.59 4.09 23.08
C ALA A 28 0.69 4.82 24.07
N ARG A 29 1.21 5.11 25.27
CA ARG A 29 0.46 5.91 26.23
C ARG A 29 0.21 7.32 25.70
N LEU A 30 1.20 7.88 24.99
CA LEU A 30 1.00 9.21 24.38
C LEU A 30 -0.02 9.17 23.24
N ILE A 31 -0.05 8.07 22.47
CA ILE A 31 -1.05 7.94 21.41
C ILE A 31 -2.45 7.82 22.00
N ASN A 32 -2.60 7.03 23.06
CA ASN A 32 -3.90 6.77 23.66
C ASN A 32 -4.41 7.93 24.52
N ASP A 33 -3.78 9.11 24.43
CA ASP A 33 -4.19 10.33 25.15
C ASP A 33 -4.15 10.14 26.66
N ILE A 34 -3.31 9.24 27.14
CA ILE A 34 -3.12 9.00 28.57
C ILE A 34 -1.86 9.75 29.00
N PRO A 35 -1.95 10.67 29.95
CA PRO A 35 -0.75 11.37 30.41
C PRO A 35 0.23 10.44 31.10
N LEU A 36 1.51 10.73 30.94
CA LEU A 36 2.55 9.92 31.55
C LEU A 36 2.50 10.06 33.08
N PRO A 37 2.98 9.05 33.81
CA PRO A 37 3.00 9.15 35.28
C PRO A 37 3.88 10.29 35.77
N GLY A 38 3.33 11.12 36.64
CA GLY A 38 4.01 12.27 37.16
C GLY A 38 3.80 13.55 36.37
N THR A 39 3.32 13.44 35.13
CA THR A 39 3.08 14.62 34.30
C THR A 39 1.72 15.26 34.55
N THR A 40 0.82 14.59 35.27
CA THR A 40 -0.49 15.15 35.54
C THR A 40 -0.37 16.34 36.49
N GLY A 41 -1.23 17.33 36.28
CA GLY A 41 -1.18 18.56 37.06
C GLY A 41 -0.35 19.64 36.39
N VAL A 42 0.95 19.37 36.21
CA VAL A 42 1.82 20.34 35.54
C VAL A 42 1.46 20.45 34.06
N GLU A 43 1.06 19.34 33.44
CA GLU A 43 0.60 19.38 32.05
C GLU A 43 -0.70 20.15 31.92
N ARG A 44 -1.61 19.98 32.89
CA ARG A 44 -2.88 20.68 32.86
C ARG A 44 -2.69 22.18 33.04
N VAL A 45 -1.85 22.59 34.00
CA VAL A 45 -1.64 24.02 34.21
C VAL A 45 -0.84 24.63 33.06
N LEU A 46 0.05 23.86 32.43
CA LEU A 46 0.76 24.35 31.25
C LEU A 46 -0.20 24.55 30.08
N PHE A 47 -1.14 23.61 29.89
CA PHE A 47 -2.13 23.76 28.83
C PHE A 47 -3.05 24.94 29.10
N ARG A 48 -3.44 25.15 30.36
CA ARG A 48 -4.25 26.31 30.73
C ARG A 48 -3.51 27.62 30.45
N ALA A 49 -2.21 27.67 30.79
CA ALA A 49 -1.43 28.87 30.55
C ALA A 49 -1.24 29.12 29.05
N LEU A 50 -0.99 28.08 28.27
CA LEU A 50 -0.80 28.23 26.84
C LEU A 50 -2.11 28.46 26.09
N GLY A 51 -3.25 28.19 26.71
CA GLY A 51 -4.52 28.46 26.08
C GLY A 51 -5.03 27.38 25.17
N VAL A 52 -4.39 26.22 25.14
CA VAL A 52 -4.92 25.09 24.39
C VAL A 52 -6.02 24.43 25.21
N SER A 53 -7.19 24.30 24.61
CA SER A 53 -8.37 23.84 25.32
C SER A 53 -8.45 22.32 25.27
N ASP A 54 -9.60 21.77 25.68
CA ASP A 54 -9.88 20.35 25.55
C ASP A 54 -10.50 20.01 24.20
N ARG A 55 -10.31 20.86 23.20
CA ARG A 55 -10.82 20.59 21.86
C ARG A 55 -10.05 19.44 21.22
N GLU A 56 -10.64 18.87 20.19
CA GLU A 56 -10.09 17.70 19.53
C GLU A 56 -10.38 17.83 18.04
N MET A 57 -9.40 18.30 17.28
CA MET A 57 -9.63 18.63 15.88
C MET A 57 -9.73 17.39 15.00
N ASN A 58 -10.33 17.59 13.83
CA ASN A 58 -10.38 16.58 12.79
C ASN A 58 -9.10 16.67 11.95
N TRP A 59 -9.07 15.96 10.82
CA TRP A 59 -7.84 15.86 10.04
C TRP A 59 -7.49 17.18 9.37
N LYS A 60 -8.49 17.96 8.94
CA LYS A 60 -8.23 19.22 8.27
C LYS A 60 -7.56 20.21 9.21
N GLN A 61 -8.11 20.37 10.41
CA GLN A 61 -7.53 21.31 11.37
C GLN A 61 -6.23 20.77 11.97
N TYR A 62 -6.11 19.44 12.10
CA TYR A 62 -4.84 18.86 12.55
C TYR A 62 -3.72 19.13 11.55
N LEU A 63 -3.99 18.91 10.26
CA LEU A 63 -3.01 19.19 9.22
C LEU A 63 -2.71 20.68 9.13
N CYS A 64 -3.74 21.52 9.28
CA CYS A 64 -3.52 22.97 9.28
C CYS A 64 -2.68 23.40 10.47
N ALA A 65 -2.86 22.74 11.62
CA ALA A 65 -2.05 23.04 12.80
C ALA A 65 -0.59 22.70 12.56
N ILE A 66 -0.32 21.49 12.03
CA ILE A 66 1.05 21.08 11.75
C ILE A 66 1.70 21.98 10.72
N LEU A 67 0.97 22.29 9.63
CA LEU A 67 1.50 23.14 8.58
C LEU A 67 1.73 24.57 9.06
N GLY A 68 0.84 25.08 9.92
CA GLY A 68 1.02 26.42 10.44
C GLY A 68 2.21 26.53 11.37
N LEU A 69 2.41 25.52 12.23
CA LEU A 69 3.59 25.51 13.08
C LEU A 69 4.87 25.41 12.25
N ASN A 70 4.85 24.59 11.20
CA ASN A 70 6.03 24.46 10.33
C ASN A 70 6.31 25.74 9.56
N MET A 71 5.28 26.42 9.08
CA MET A 71 5.49 27.68 8.35
C MET A 71 5.96 28.79 9.28
N LEU A 72 5.44 28.83 10.50
CA LEU A 72 5.92 29.81 11.47
C LEU A 72 7.37 29.57 11.83
N GLY A 73 7.75 28.30 12.03
CA GLY A 73 9.15 27.99 12.25
C GLY A 73 10.03 28.31 11.05
N LEU A 74 9.49 28.11 9.85
CA LEU A 74 10.22 28.44 8.63
C LEU A 74 10.50 29.93 8.53
N ALA A 75 9.48 30.75 8.80
CA ALA A 75 9.67 32.20 8.76
C ALA A 75 10.64 32.67 9.84
N VAL A 76 10.51 32.14 11.06
CA VAL A 76 11.38 32.55 12.16
C VAL A 76 12.82 32.17 11.87
N LEU A 77 13.04 30.94 11.39
CA LEU A 77 14.41 30.49 11.11
C LEU A 77 14.99 31.23 9.91
N PHE A 78 14.19 31.52 8.88
CA PHE A 78 14.68 32.25 7.73
C PHE A 78 15.13 33.66 8.12
N PHE A 79 14.33 34.35 8.94
CA PHE A 79 14.74 35.68 9.37
C PHE A 79 15.91 35.63 10.35
N MET A 80 16.00 34.58 11.17
CA MET A 80 17.13 34.41 12.06
C MET A 80 18.43 34.19 11.29
N LEU A 81 18.39 33.40 10.23
CA LEU A 81 19.58 33.16 9.43
C LEU A 81 19.93 34.36 8.56
N LEU A 82 18.92 35.10 8.09
CA LEU A 82 19.19 36.28 7.28
C LEU A 82 19.76 37.41 8.12
N GLY A 83 19.29 37.56 9.36
CA GLY A 83 19.77 38.63 10.22
C GLY A 83 20.56 38.14 11.40
N GLN A 84 21.44 37.16 11.19
CA GLN A 84 22.21 36.59 12.28
C GLN A 84 23.35 37.49 12.75
N HIS A 85 23.70 38.54 12.01
CA HIS A 85 24.76 39.44 12.43
C HIS A 85 24.30 40.52 13.41
N TYR A 86 22.99 40.61 13.68
CA TYR A 86 22.48 41.49 14.73
C TYR A 86 22.23 40.77 16.04
N LEU A 87 22.04 39.45 16.00
CA LEU A 87 21.76 38.67 17.18
C LEU A 87 23.03 38.44 17.99
N PRO A 88 22.91 38.21 19.32
CA PRO A 88 24.11 37.99 20.14
C PRO A 88 24.76 36.62 19.92
N LEU A 89 25.75 36.31 20.76
CA LEU A 89 26.49 35.04 20.71
C LEU A 89 27.16 34.83 19.36
N ASN A 90 27.87 35.86 18.90
CA ASN A 90 28.60 35.83 17.63
C ASN A 90 30.04 36.27 17.90
N PRO A 91 30.86 35.38 18.46
CA PRO A 91 32.24 35.79 18.78
C PRO A 91 33.12 35.92 17.56
N GLN A 92 32.83 35.19 16.49
CA GLN A 92 33.61 35.27 15.26
C GLN A 92 33.17 36.41 14.35
N GLN A 93 32.12 37.13 14.72
CA GLN A 93 31.52 38.20 13.92
C GLN A 93 31.16 37.71 12.52
N LEU A 94 30.53 36.54 12.47
CA LEU A 94 30.15 35.95 11.19
C LEU A 94 29.01 36.74 10.58
N PRO A 95 29.07 37.06 9.29
CA PRO A 95 28.03 37.87 8.67
C PRO A 95 26.76 37.06 8.44
N GLY A 96 25.70 37.79 8.06
CA GLY A 96 24.44 37.15 7.76
C GLY A 96 24.49 36.34 6.49
N LEU A 97 23.61 35.35 6.40
CA LEU A 97 23.58 34.46 5.27
C LEU A 97 22.98 35.14 4.04
N SER A 98 23.32 34.60 2.87
CA SER A 98 22.67 35.05 1.65
C SER A 98 21.22 34.56 1.64
N TRP A 99 20.44 35.13 0.71
CA TRP A 99 19.02 34.80 0.65
C TRP A 99 18.80 33.34 0.27
N ASP A 100 19.58 32.82 -0.68
CA ASP A 100 19.39 31.45 -1.14
C ASP A 100 19.87 30.45 -0.09
N LEU A 101 21.02 30.73 0.54
CA LEU A 101 21.53 29.85 1.58
C LEU A 101 20.61 29.85 2.81
N ALA A 102 20.11 31.03 3.18
CA ALA A 102 19.19 31.11 4.32
C ALA A 102 17.87 30.41 4.03
N LEU A 103 17.34 30.56 2.82
CA LEU A 103 16.10 29.87 2.45
C LEU A 103 16.31 28.36 2.43
N ASN A 104 17.43 27.90 1.86
CA ASN A 104 17.72 26.48 1.81
C ASN A 104 17.90 25.89 3.20
N THR A 105 18.62 26.59 4.08
CA THR A 105 18.83 26.09 5.43
C THR A 105 17.54 26.11 6.24
N ALA A 106 16.69 27.12 6.04
CA ALA A 106 15.42 27.19 6.77
C ALA A 106 14.48 26.07 6.35
N VAL A 107 14.30 25.89 5.04
CA VAL A 107 13.45 24.79 4.55
C VAL A 107 14.06 23.46 4.93
N SER A 108 15.39 23.37 4.93
CA SER A 108 16.10 22.13 5.26
C SER A 108 15.89 21.73 6.71
N PHE A 109 15.91 22.69 7.63
CA PHE A 109 15.72 22.36 9.04
C PHE A 109 14.26 22.30 9.46
N VAL A 110 13.34 22.86 8.67
CA VAL A 110 11.93 22.68 8.97
C VAL A 110 11.39 21.37 8.41
N THR A 111 11.85 20.96 7.23
CA THR A 111 11.33 19.76 6.59
C THR A 111 11.98 18.47 7.11
N ASN A 112 12.68 18.53 8.26
CA ASN A 112 13.37 17.39 8.86
C ASN A 112 14.36 16.73 7.91
N THR A 113 14.97 17.54 7.03
CA THR A 113 15.95 17.04 6.08
C THR A 113 17.38 17.33 6.55
N ASN A 114 17.65 18.60 6.88
CA ASN A 114 18.91 19.05 7.45
C ASN A 114 20.07 18.89 6.48
N TRP A 115 19.78 19.10 5.20
CA TRP A 115 20.81 19.29 4.20
C TRP A 115 21.61 20.54 4.52
N GLN A 116 22.93 20.45 4.39
CA GLN A 116 23.82 21.57 4.69
C GLN A 116 24.77 21.77 3.51
N SER A 117 24.56 22.86 2.78
CA SER A 117 25.45 23.27 1.71
C SER A 117 26.46 24.32 2.16
N TYR A 118 26.88 24.24 3.43
CA TYR A 118 27.78 25.20 4.02
C TYR A 118 28.61 24.51 5.09
N SER A 119 29.69 25.17 5.50
CA SER A 119 30.45 24.76 6.66
C SER A 119 29.90 25.46 7.89
N GLY A 120 29.54 24.69 8.91
CA GLY A 120 28.90 25.27 10.08
C GLY A 120 29.80 26.21 10.86
N GLU A 121 31.04 25.78 11.12
CA GLU A 121 31.97 26.55 11.93
C GLU A 121 32.44 27.83 11.23
N THR A 122 32.30 27.91 9.91
CA THR A 122 32.63 29.11 9.16
C THR A 122 31.41 29.98 8.91
N THR A 123 30.21 29.39 8.87
CA THR A 123 29.01 30.09 8.41
C THR A 123 28.11 30.56 9.54
N LEU A 124 27.84 29.72 10.54
CA LEU A 124 26.78 29.96 11.50
C LEU A 124 27.32 30.34 12.87
N SER A 125 26.62 31.25 13.53
CA SER A 125 26.97 31.68 14.88
C SER A 125 26.35 30.74 15.91
N TYR A 126 26.80 30.90 17.16
CA TYR A 126 26.34 30.02 18.24
C TYR A 126 24.85 30.19 18.49
N PHE A 127 24.37 31.44 18.50
CA PHE A 127 22.95 31.69 18.77
C PHE A 127 22.09 31.12 17.66
N SER A 128 22.53 31.24 16.40
CA SER A 128 21.79 30.63 15.30
C SER A 128 21.73 29.11 15.47
N GLN A 129 22.87 28.50 15.81
CA GLN A 129 22.94 27.04 15.95
C GLN A 129 22.07 26.54 17.09
N MET A 130 22.05 27.23 18.23
CA MET A 130 21.31 26.75 19.39
C MET A 130 19.90 27.32 19.49
N ALA A 131 19.50 28.23 18.61
CA ALA A 131 18.21 28.88 18.74
C ALA A 131 17.31 28.77 17.52
N GLY A 132 17.84 28.53 16.32
CA GLY A 132 16.96 28.20 15.22
C GLY A 132 17.12 26.75 14.81
N LEU A 133 18.38 26.31 14.73
CA LEU A 133 18.68 24.99 14.22
C LEU A 133 18.25 23.90 15.19
N THR A 134 18.55 24.09 16.48
CA THR A 134 18.16 23.10 17.48
C THR A 134 16.65 23.10 17.69
N VAL A 135 16.01 24.27 17.68
CA VAL A 135 14.57 24.29 17.88
C VAL A 135 13.85 23.68 16.68
N GLN A 136 14.41 23.81 15.48
CA GLN A 136 13.81 23.13 14.34
C GLN A 136 14.11 21.65 14.33
N ASN A 137 15.27 21.25 14.88
CA ASN A 137 15.56 19.83 15.07
C ASN A 137 14.54 19.19 16.01
N PHE A 138 14.13 19.92 17.05
CA PHE A 138 13.06 19.43 17.92
C PHE A 138 11.71 19.47 17.21
N LEU A 139 11.40 20.57 16.52
CA LEU A 139 10.04 20.81 16.05
C LEU A 139 9.69 19.95 14.85
N SER A 140 10.62 19.75 13.92
CA SER A 140 10.34 18.89 12.77
C SER A 140 10.15 17.44 13.19
N ALA A 141 10.96 16.98 14.14
CA ALA A 141 10.77 15.64 14.70
C ALA A 141 9.43 15.53 15.41
N ALA A 142 9.06 16.54 16.19
CA ALA A 142 7.78 16.52 16.88
C ALA A 142 6.62 16.53 15.90
N SER A 143 6.75 17.27 14.79
CA SER A 143 5.71 17.30 13.77
C SER A 143 5.55 15.95 13.09
N GLY A 144 6.66 15.29 12.76
CA GLY A 144 6.58 13.96 12.17
C GLY A 144 5.95 12.94 13.10
N ILE A 145 6.34 12.97 14.38
CA ILE A 145 5.74 12.04 15.35
C ILE A 145 4.28 12.39 15.60
N ALA A 146 3.89 13.67 15.51
CA ALA A 146 2.50 14.03 15.65
C ALA A 146 1.66 13.53 14.47
N VAL A 147 2.22 13.59 13.26
CA VAL A 147 1.51 13.07 12.09
C VAL A 147 1.34 11.56 12.20
N ILE A 148 2.38 10.85 12.66
CA ILE A 148 2.20 9.40 12.79
C ILE A 148 1.29 9.07 13.98
N PHE A 149 1.24 9.95 14.99
CA PHE A 149 0.26 9.79 16.07
C PHE A 149 -1.15 9.89 15.53
N ALA A 150 -1.38 10.85 14.63
CA ALA A 150 -2.68 10.99 13.98
C ALA A 150 -3.02 9.75 13.15
N LEU A 151 -2.03 9.21 12.42
CA LEU A 151 -2.32 8.03 11.60
C LEU A 151 -2.63 6.80 12.46
N ILE A 152 -1.88 6.61 13.55
CA ILE A 152 -2.14 5.48 14.44
C ILE A 152 -3.49 5.64 15.14
N ARG A 153 -3.83 6.87 15.52
CA ARG A 153 -5.14 7.13 16.11
C ARG A 153 -6.26 6.88 15.11
N ALA A 154 -6.02 7.20 13.84
CA ALA A 154 -7.00 6.91 12.80
C ALA A 154 -7.18 5.41 12.61
N PHE A 155 -6.10 4.65 12.72
CA PHE A 155 -6.21 3.20 12.59
C PHE A 155 -6.90 2.57 13.79
N THR A 156 -6.76 3.17 14.98
CA THR A 156 -7.34 2.58 16.18
C THR A 156 -8.70 3.16 16.58
N ARG A 157 -9.16 4.21 15.92
CA ARG A 157 -10.41 4.88 16.32
C ARG A 157 -11.57 4.37 15.47
N GLN A 158 -12.75 4.32 16.10
CA GLN A 158 -13.92 3.66 15.52
C GLN A 158 -15.00 4.69 15.21
N SER A 159 -15.17 5.00 13.91
CA SER A 159 -16.29 5.78 13.38
C SER A 159 -16.41 7.16 14.02
N MET A 160 -15.27 7.79 14.27
CA MET A 160 -15.23 9.17 14.74
C MET A 160 -14.73 10.08 13.64
N SER A 161 -14.74 11.39 13.92
CA SER A 161 -14.24 12.38 12.99
C SER A 161 -12.99 13.11 13.47
N THR A 162 -12.74 13.13 14.78
CA THR A 162 -11.61 13.85 15.33
C THR A 162 -10.35 13.00 15.29
N LEU A 163 -9.20 13.65 15.54
CA LEU A 163 -7.91 12.99 15.42
C LEU A 163 -6.95 13.37 16.55
N GLY A 164 -7.48 13.80 17.68
CA GLY A 164 -6.63 14.25 18.76
C GLY A 164 -6.37 15.74 18.71
N ASN A 165 -5.61 16.20 19.70
CA ASN A 165 -5.25 17.60 19.83
C ASN A 165 -3.80 17.76 19.39
N ALA A 166 -3.59 18.52 18.30
CA ALA A 166 -2.27 18.57 17.67
C ALA A 166 -1.26 19.30 18.55
N TRP A 167 -1.66 20.40 19.17
CA TRP A 167 -0.77 21.12 20.07
C TRP A 167 -0.40 20.28 21.29
N VAL A 168 -1.39 19.56 21.83
CA VAL A 168 -1.15 18.68 22.97
C VAL A 168 -0.18 17.56 22.57
N ASP A 169 -0.35 17.00 21.38
CA ASP A 169 0.55 15.95 20.90
C ASP A 169 1.97 16.49 20.74
N LEU A 170 2.11 17.66 20.11
CA LEU A 170 3.44 18.25 19.90
C LEU A 170 4.12 18.57 21.22
N LEU A 171 3.38 19.18 22.16
CA LEU A 171 3.94 19.52 23.46
C LEU A 171 4.32 18.27 24.25
N ARG A 172 3.46 17.25 24.24
CA ARG A 172 3.75 16.01 24.95
C ARG A 172 4.99 15.32 24.39
N ILE A 173 5.09 15.24 23.05
CA ILE A 173 6.24 14.59 22.42
C ILE A 173 7.51 15.35 22.77
N THR A 174 7.53 16.66 22.53
CA THR A 174 8.73 17.46 22.76
C THR A 174 9.15 17.47 24.23
N LEU A 175 8.19 17.60 25.15
CA LEU A 175 8.55 17.72 26.55
C LEU A 175 8.85 16.40 27.24
N TRP A 176 8.24 15.29 26.84
CA TRP A 176 8.40 14.05 27.58
C TRP A 176 9.13 12.94 26.82
N VAL A 177 9.45 13.12 25.53
CA VAL A 177 10.20 12.15 24.78
C VAL A 177 11.49 12.74 24.23
N LEU A 178 11.42 13.96 23.69
CA LEU A 178 12.57 14.55 23.01
C LEU A 178 13.54 15.19 24.01
N VAL A 179 13.05 16.11 24.84
CA VAL A 179 13.94 16.90 25.71
C VAL A 179 14.69 16.07 26.74
N PRO A 180 14.04 15.19 27.55
CA PRO A 180 14.83 14.48 28.57
C PRO A 180 15.79 13.43 28.00
N VAL A 181 15.36 12.72 26.96
CA VAL A 181 16.24 11.72 26.35
C VAL A 181 17.43 12.39 25.68
N ALA A 182 17.19 13.52 25.00
CA ALA A 182 18.31 14.28 24.44
C ALA A 182 19.18 14.88 25.52
N LEU A 183 18.61 15.23 26.68
CA LEU A 183 19.43 15.72 27.79
C LEU A 183 20.38 14.63 28.27
N LEU A 184 19.87 13.41 28.43
CA LEU A 184 20.74 12.30 28.85
C LEU A 184 21.79 11.98 27.80
N ILE A 185 21.40 11.96 26.52
CA ILE A 185 22.32 11.65 25.44
C ILE A 185 23.40 12.73 25.33
N ALA A 186 23.02 14.01 25.47
CA ALA A 186 23.97 15.10 25.43
C ALA A 186 24.93 15.05 26.60
N LEU A 187 24.45 14.70 27.80
CA LEU A 187 25.34 14.58 28.95
C LEU A 187 26.33 13.43 28.76
N PHE A 188 25.87 12.31 28.19
CA PHE A 188 26.81 11.22 27.90
C PHE A 188 27.82 11.61 26.84
N PHE A 189 27.39 12.38 25.84
CA PHE A 189 28.31 12.85 24.80
C PHE A 189 29.36 13.79 25.39
N ILE A 190 28.94 14.68 26.29
CA ILE A 190 29.88 15.58 26.97
C ILE A 190 30.87 14.77 27.80
N GLN A 191 30.38 13.74 28.50
CA GLN A 191 31.27 12.87 29.27
C GLN A 191 32.29 12.18 28.38
N GLN A 192 31.86 11.70 27.22
CA GLN A 192 32.78 11.04 26.31
C GLN A 192 33.75 12.02 25.63
N GLY A 193 33.38 13.28 25.51
CA GLY A 193 34.31 14.27 24.98
C GLY A 193 33.74 15.25 23.99
N ALA A 194 32.43 15.21 23.75
CA ALA A 194 31.81 16.15 22.83
C ALA A 194 31.81 17.56 23.42
N LEU A 195 31.57 18.53 22.54
CA LEU A 195 31.76 19.94 22.86
C LEU A 195 30.45 20.56 23.33
N GLN A 196 30.52 21.32 24.43
CA GLN A 196 29.36 22.07 24.89
C GLN A 196 29.86 23.26 25.71
N ASN A 197 29.90 24.44 25.09
CA ASN A 197 30.34 25.66 25.73
C ASN A 197 29.88 26.83 24.87
N PHE A 198 30.30 28.05 25.25
CA PHE A 198 30.03 29.23 24.44
C PHE A 198 31.27 30.10 24.32
N LEU A 199 32.46 29.53 24.48
CA LEU A 199 33.70 30.27 24.40
C LEU A 199 33.97 30.68 22.95
N PRO A 200 34.76 31.74 22.74
CA PRO A 200 35.22 32.05 21.38
C PRO A 200 36.17 30.99 20.86
N TYR A 201 36.51 31.12 19.58
CA TYR A 201 37.33 30.13 18.88
C TYR A 201 38.73 30.11 19.48
N GLN A 202 39.12 28.96 20.02
CA GLN A 202 40.37 28.86 20.76
C GLN A 202 41.55 28.80 19.81
N ALA A 203 42.59 29.60 20.10
CA ALA A 203 43.81 29.61 19.31
C ALA A 203 44.75 28.53 19.81
N VAL A 204 45.36 27.80 18.89
CA VAL A 204 46.23 26.66 19.21
C VAL A 204 47.60 26.91 18.59
N ASN A 205 48.64 26.80 19.41
CA ASN A 205 50.02 26.79 18.92
C ASN A 205 50.40 25.33 18.65
N THR A 206 50.51 24.99 17.36
CA THR A 206 50.89 23.65 16.94
C THR A 206 52.31 23.34 17.39
N VAL A 207 52.58 22.05 17.62
CA VAL A 207 53.89 21.60 18.08
C VAL A 207 54.96 21.93 17.06
N GLU A 208 54.67 21.75 15.78
CA GLU A 208 55.63 22.05 14.73
C GLU A 208 55.72 23.53 14.41
N GLY A 209 54.84 24.36 14.97
CA GLY A 209 54.91 25.80 14.80
C GLY A 209 53.76 26.42 14.04
N ALA A 210 52.77 25.64 13.62
CA ALA A 210 51.64 26.18 12.88
C ALA A 210 50.63 26.81 13.85
N GLN A 211 49.54 27.32 13.30
CA GLN A 211 48.50 27.97 14.08
C GLN A 211 47.14 27.55 13.55
N GLN A 212 46.40 26.77 14.34
CA GLN A 212 45.06 26.34 13.96
C GLN A 212 44.05 26.91 14.95
N LEU A 213 42.90 27.31 14.43
CA LEU A 213 41.82 27.89 15.24
C LEU A 213 40.76 26.82 15.49
N LEU A 214 40.53 26.52 16.76
CA LEU A 214 39.58 25.47 17.13
C LEU A 214 38.19 26.07 17.26
N PRO A 215 37.20 25.59 16.48
CA PRO A 215 35.84 26.08 16.67
C PRO A 215 35.24 25.58 17.98
N MET A 216 34.33 26.37 18.53
CA MET A 216 33.66 26.03 19.77
C MET A 216 32.14 26.12 19.59
N GLY A 217 31.39 26.05 20.69
CA GLY A 217 29.96 26.20 20.64
C GLY A 217 29.21 25.04 21.26
N PRO A 218 27.89 25.19 21.41
CA PRO A 218 27.06 24.13 22.01
C PRO A 218 26.82 22.96 21.05
N VAL A 219 27.88 22.17 20.83
CA VAL A 219 27.82 21.11 19.83
C VAL A 219 26.98 19.93 20.33
N ALA A 220 27.16 19.54 21.60
CA ALA A 220 26.56 18.31 22.10
C ALA A 220 25.05 18.42 22.26
N SER A 221 24.54 19.61 22.60
CA SER A 221 23.10 19.79 22.73
C SER A 221 22.39 19.60 21.41
N GLN A 222 22.98 20.11 20.31
CA GLN A 222 22.41 19.86 18.99
C GLN A 222 22.71 18.45 18.51
N GLU A 223 23.83 17.85 18.94
CA GLU A 223 24.18 16.50 18.53
C GLU A 223 23.19 15.48 19.07
N ALA A 224 22.76 15.67 20.32
CA ALA A 224 21.79 14.75 20.92
C ALA A 224 20.47 14.77 20.18
N ILE A 225 19.98 15.96 19.81
CA ILE A 225 18.70 16.02 19.13
C ILE A 225 18.83 15.63 17.66
N LYS A 226 19.99 15.87 17.02
CA LYS A 226 20.15 15.40 15.64
C LYS A 226 20.28 13.88 15.59
N MET A 227 20.74 13.26 16.66
CA MET A 227 20.65 11.80 16.75
C MET A 227 19.23 11.33 17.06
N LEU A 228 18.56 11.98 18.01
CA LEU A 228 17.30 11.46 18.52
C LEU A 228 16.16 11.64 17.53
N GLY A 229 16.09 12.80 16.88
CA GLY A 229 14.96 13.10 16.01
C GLY A 229 15.20 12.73 14.57
N THR A 230 16.17 11.84 14.32
CA THR A 230 16.61 11.45 12.97
C THR A 230 16.90 12.66 12.11
N ASN A 231 17.57 13.65 12.71
CA ASN A 231 17.73 14.96 12.09
C ASN A 231 19.01 15.04 11.26
N GLY A 232 20.16 14.82 11.88
CA GLY A 232 21.40 14.78 11.13
C GLY A 232 21.95 16.10 10.67
N GLY A 233 21.54 17.20 11.28
CA GLY A 233 22.08 18.51 10.93
C GLY A 233 23.36 18.81 11.68
N GLY A 234 24.50 18.72 11.01
CA GLY A 234 25.78 18.80 11.70
C GLY A 234 26.09 20.20 12.18
N PHE A 235 26.70 20.28 13.36
CA PHE A 235 27.24 21.54 13.85
C PHE A 235 28.39 22.01 12.96
N PHE A 236 29.24 21.08 12.53
CA PHE A 236 30.36 21.37 11.65
C PHE A 236 30.12 20.75 10.28
N ASN A 237 31.03 21.06 9.36
CA ASN A 237 30.92 20.52 8.01
C ASN A 237 31.26 19.04 7.98
N ALA A 238 32.07 18.56 8.92
CA ALA A 238 32.42 17.15 8.96
C ALA A 238 31.27 16.28 9.46
N ASN A 239 30.26 16.87 10.08
CA ASN A 239 29.06 16.21 10.61
C ASN A 239 29.52 15.22 11.68
N SER A 240 29.06 13.96 11.67
CA SER A 240 29.44 13.02 12.72
C SER A 240 30.85 12.47 12.54
N SER A 241 31.57 12.85 11.48
CA SER A 241 32.98 12.52 11.39
C SER A 241 33.83 13.37 12.34
N HIS A 242 33.31 14.52 12.77
CA HIS A 242 34.08 15.44 13.58
C HIS A 242 34.28 14.88 14.99
N PRO A 243 35.50 14.90 15.53
CA PRO A 243 35.71 14.42 16.90
C PRO A 243 35.01 15.23 17.97
N PHE A 244 34.67 16.50 17.72
CA PHE A 244 33.87 17.26 18.67
C PHE A 244 32.40 16.85 18.67
N GLU A 245 31.93 16.18 17.64
CA GLU A 245 30.55 15.69 17.61
C GLU A 245 30.45 14.21 17.99
N ASN A 246 31.35 13.39 17.47
CA ASN A 246 31.35 11.94 17.73
C ASN A 246 32.76 11.53 18.12
N PRO A 247 33.13 11.72 19.40
CA PRO A 247 34.52 11.47 19.78
C PRO A 247 34.92 10.00 19.86
N THR A 248 34.02 9.11 20.25
CA THR A 248 34.39 7.74 20.55
C THR A 248 33.46 6.75 19.85
N ALA A 249 33.90 5.49 19.84
CA ALA A 249 33.10 4.41 19.27
C ALA A 249 31.85 4.15 20.10
N LEU A 250 31.95 4.28 21.43
CA LEU A 250 30.75 4.19 22.27
C LEU A 250 29.78 5.30 21.97
N THR A 251 30.31 6.51 21.73
CA THR A 251 29.46 7.63 21.31
C THR A 251 28.77 7.32 19.99
N ASN A 252 29.48 6.73 19.03
CA ASN A 252 28.86 6.41 17.75
C ASN A 252 27.81 5.31 17.88
N PHE A 253 28.05 4.34 18.77
CA PHE A 253 27.05 3.31 19.02
C PHE A 253 25.77 3.92 19.60
N VAL A 254 25.93 4.84 20.55
CA VAL A 254 24.78 5.57 21.09
C VAL A 254 24.13 6.42 20.01
N GLN A 255 24.92 6.94 19.07
CA GLN A 255 24.38 7.72 17.96
C GLN A 255 23.46 6.88 17.09
N MET A 256 23.92 5.68 16.68
CA MET A 256 23.09 4.81 15.87
C MET A 256 21.85 4.34 16.65
N LEU A 257 22.02 4.06 17.94
CA LEU A 257 20.89 3.68 18.78
C LEU A 257 19.84 4.79 18.83
N ALA A 258 20.29 6.04 18.97
CA ALA A 258 19.36 7.16 19.02
C ALA A 258 18.71 7.42 17.66
N ILE A 259 19.41 7.10 16.57
CA ILE A 259 18.82 7.24 15.24
C ILE A 259 17.67 6.25 15.06
N PHE A 260 17.91 4.98 15.41
CA PHE A 260 16.84 3.99 15.27
C PHE A 260 15.88 3.92 16.45
N LEU A 261 16.08 4.70 17.51
CA LEU A 261 15.31 4.52 18.74
C LEU A 261 13.84 4.84 18.57
N ILE A 262 13.52 6.02 18.03
CA ILE A 262 12.13 6.47 17.96
C ILE A 262 11.33 5.79 16.86
N PRO A 263 11.86 5.52 15.64
CA PRO A 263 11.06 4.71 14.69
C PRO A 263 10.72 3.30 15.19
N THR A 264 11.65 2.62 15.86
CA THR A 264 11.36 1.29 16.40
C THR A 264 10.35 1.39 17.54
N ALA A 265 10.50 2.41 18.40
CA ALA A 265 9.53 2.62 19.47
C ALA A 265 8.17 2.98 18.92
N LEU A 266 8.11 3.66 17.78
CA LEU A 266 6.84 3.98 17.16
C LEU A 266 6.18 2.74 16.57
N CYS A 267 6.98 1.83 16.01
CA CYS A 267 6.43 0.55 15.56
C CYS A 267 5.88 -0.26 16.73
N PHE A 268 6.62 -0.29 17.84
CA PHE A 268 6.14 -0.99 19.03
C PHE A 268 4.88 -0.33 19.59
N ALA A 269 4.83 0.99 19.60
CA ALA A 269 3.66 1.73 20.08
C ALA A 269 2.46 1.48 19.19
N PHE A 270 2.67 1.42 17.88
CA PHE A 270 1.59 1.10 16.95
C PHE A 270 1.04 -0.29 17.20
N GLY A 271 1.93 -1.27 17.39
CA GLY A 271 1.49 -2.63 17.69
C GLY A 271 0.76 -2.74 19.02
N GLU A 272 1.18 -1.97 20.01
CA GLU A 272 0.54 -2.02 21.32
C GLU A 272 -0.80 -1.27 21.32
N VAL A 273 -0.88 -0.15 20.61
CA VAL A 273 -2.12 0.61 20.53
C VAL A 273 -3.18 -0.19 19.77
N MET A 274 -2.80 -0.85 18.68
CA MET A 274 -3.78 -1.69 18.01
C MET A 274 -4.10 -2.97 18.76
N GLY A 275 -3.37 -3.30 19.82
CA GLY A 275 -3.62 -4.47 20.62
C GLY A 275 -2.85 -5.69 20.14
N ASP A 276 -2.81 -5.88 18.83
CA ASP A 276 -2.05 -6.98 18.24
C ASP A 276 -0.60 -6.53 18.07
N ARG A 277 0.29 -7.05 18.90
CA ARG A 277 1.71 -6.77 18.78
C ARG A 277 2.33 -7.44 17.56
N ARG A 278 1.63 -8.40 16.96
CA ARG A 278 2.14 -9.08 15.76
C ARG A 278 2.22 -8.13 14.57
N GLN A 279 1.40 -7.07 14.54
CA GLN A 279 1.51 -6.09 13.46
C GLN A 279 2.80 -5.29 13.56
N GLY A 280 3.11 -4.79 14.76
CA GLY A 280 4.37 -4.09 14.96
C GLY A 280 5.58 -5.00 14.75
N ARG A 281 5.47 -6.26 15.18
CA ARG A 281 6.54 -7.21 14.94
C ARG A 281 6.70 -7.53 13.46
N MET A 282 5.60 -7.55 12.70
CA MET A 282 5.67 -7.74 11.26
C MET A 282 6.40 -6.59 10.58
N LEU A 283 6.03 -5.36 10.95
CA LEU A 283 6.70 -4.18 10.40
C LEU A 283 8.18 -4.19 10.73
N LEU A 284 8.52 -4.48 11.99
CA LEU A 284 9.91 -4.51 12.41
C LEU A 284 10.68 -5.64 11.75
N TRP A 285 10.03 -6.78 11.50
CA TRP A 285 10.69 -7.88 10.79
C TRP A 285 11.01 -7.48 9.35
N ALA A 286 10.07 -6.78 8.69
CA ALA A 286 10.32 -6.34 7.32
C ALA A 286 11.48 -5.36 7.24
N MET A 287 11.44 -4.31 8.07
CA MET A 287 12.54 -3.34 8.08
C MET A 287 13.85 -3.98 8.50
N SER A 288 13.82 -4.91 9.46
CA SER A 288 15.04 -5.53 9.94
C SER A 288 15.67 -6.44 8.89
N VAL A 289 14.84 -7.17 8.14
CA VAL A 289 15.38 -8.03 7.08
C VAL A 289 16.01 -7.21 5.97
N ILE A 290 15.31 -6.16 5.52
CA ILE A 290 15.86 -5.29 4.48
C ILE A 290 17.12 -4.59 4.97
N PHE A 291 17.11 -4.13 6.23
CA PHE A 291 18.25 -3.44 6.82
C PHE A 291 19.46 -4.36 6.95
N VAL A 292 19.25 -5.61 7.38
CA VAL A 292 20.36 -6.54 7.55
C VAL A 292 20.97 -6.90 6.19
N ILE A 293 20.12 -7.11 5.17
CA ILE A 293 20.63 -7.37 3.83
C ILE A 293 21.46 -6.20 3.31
N CYS A 294 20.94 -4.97 3.49
CA CYS A 294 21.65 -3.78 3.02
C CYS A 294 22.97 -3.58 3.76
N VAL A 295 22.97 -3.81 5.07
CA VAL A 295 24.20 -3.66 5.86
C VAL A 295 25.25 -4.66 5.42
N GLY A 296 24.84 -5.92 5.23
CA GLY A 296 25.79 -6.93 4.77
C GLY A 296 26.38 -6.61 3.42
N VAL A 297 25.54 -6.12 2.50
CA VAL A 297 26.02 -5.75 1.16
C VAL A 297 27.01 -4.59 1.25
N VAL A 298 26.70 -3.58 2.08
CA VAL A 298 27.55 -2.39 2.14
C VAL A 298 28.89 -2.71 2.82
N MET A 299 28.88 -3.50 3.90
CA MET A 299 30.16 -3.91 4.48
C MET A 299 30.98 -4.79 3.53
N TRP A 300 30.31 -5.68 2.77
CA TRP A 300 31.07 -6.48 1.81
C TRP A 300 31.70 -5.59 0.74
N ALA A 301 30.96 -4.61 0.24
CA ALA A 301 31.49 -3.69 -0.77
C ALA A 301 32.65 -2.87 -0.23
N GLU A 302 32.54 -2.39 1.02
CA GLU A 302 33.60 -1.55 1.58
C GLU A 302 34.82 -2.36 1.98
N VAL A 303 34.64 -3.62 2.39
CA VAL A 303 35.79 -4.48 2.67
C VAL A 303 36.51 -4.83 1.37
N GLN A 304 35.76 -5.05 0.28
CA GLN A 304 36.40 -5.20 -1.02
C GLN A 304 37.14 -3.94 -1.42
N GLY A 305 36.50 -2.78 -1.26
CA GLY A 305 37.11 -1.46 -1.28
C GLY A 305 37.76 -1.09 -2.59
N ASN A 306 38.81 -0.27 -2.48
CA ASN A 306 39.53 0.22 -3.65
C ASN A 306 40.40 -0.88 -4.22
N PRO A 307 40.20 -1.29 -5.48
CA PRO A 307 41.01 -2.37 -6.06
C PRO A 307 42.41 -1.94 -6.45
N HIS A 308 42.71 -0.64 -6.49
CA HIS A 308 44.01 -0.14 -6.92
C HIS A 308 45.01 -0.03 -5.78
N LEU A 309 44.61 -0.34 -4.55
CA LEU A 309 45.49 -0.11 -3.40
C LEU A 309 46.67 -1.08 -3.40
N LEU A 310 46.41 -2.38 -3.61
CA LEU A 310 47.51 -3.33 -3.73
C LEU A 310 48.36 -3.07 -4.96
N ALA A 311 47.77 -2.52 -6.02
CA ALA A 311 48.56 -2.13 -7.19
C ALA A 311 49.51 -0.98 -6.87
N LEU A 312 49.06 -0.04 -6.03
CA LEU A 312 49.85 1.13 -5.66
C LEU A 312 50.53 0.97 -4.29
N GLY A 313 50.75 -0.26 -3.84
CA GLY A 313 51.58 -0.48 -2.67
C GLY A 313 50.92 -0.19 -1.33
N THR A 314 49.89 -0.96 -0.98
CA THR A 314 49.15 -0.75 0.25
C THR A 314 48.95 -2.12 0.92
N ASP A 315 48.80 -2.11 2.24
CA ASP A 315 48.60 -3.34 2.99
C ASP A 315 47.35 -4.10 2.55
N SER A 316 46.25 -3.37 2.32
CA SER A 316 44.99 -4.02 1.99
C SER A 316 44.17 -3.10 1.10
N SER A 317 43.15 -3.70 0.46
CA SER A 317 42.18 -2.97 -0.34
C SER A 317 41.06 -2.38 0.50
N ILE A 318 41.25 -2.30 1.82
CA ILE A 318 40.23 -1.75 2.72
C ILE A 318 40.01 -0.28 2.40
N ASN A 319 38.76 0.08 2.13
CA ASN A 319 38.41 1.43 1.72
C ASN A 319 38.38 2.34 2.96
N MET A 320 39.56 2.80 3.35
CA MET A 320 39.70 3.73 4.46
C MET A 320 39.70 5.18 4.01
N GLU A 321 39.50 5.45 2.73
CA GLU A 321 39.48 6.81 2.23
C GLU A 321 38.16 7.48 2.59
N GLY A 322 38.26 8.65 3.22
CA GLY A 322 37.06 9.32 3.67
C GLY A 322 36.36 8.64 4.83
N LYS A 323 37.10 7.89 5.65
CA LYS A 323 36.57 7.24 6.83
C LYS A 323 37.48 7.54 8.02
N GLU A 324 36.86 7.78 9.18
CA GLU A 324 37.63 8.07 10.39
C GLU A 324 38.32 6.83 10.90
N SER A 325 39.50 7.01 11.49
CA SER A 325 40.32 5.90 11.93
C SER A 325 39.86 5.29 13.25
N ARG A 326 39.05 6.00 14.03
CA ARG A 326 38.53 5.43 15.26
C ARG A 326 37.35 4.50 15.01
N PHE A 327 36.89 4.41 13.77
CA PHE A 327 35.79 3.53 13.40
C PHE A 327 36.25 2.63 12.26
N GLY A 328 35.86 1.36 12.31
CA GLY A 328 36.19 0.46 11.24
C GLY A 328 35.36 0.74 10.00
N VAL A 329 35.72 0.06 8.91
CA VAL A 329 34.89 0.13 7.71
C VAL A 329 33.56 -0.57 7.95
N LEU A 330 33.53 -1.59 8.83
CA LEU A 330 32.27 -2.21 9.19
C LEU A 330 31.36 -1.24 9.94
N VAL A 331 31.92 -0.50 10.89
CA VAL A 331 31.15 0.49 11.64
C VAL A 331 30.69 1.63 10.74
N SER A 332 31.56 2.06 9.84
CA SER A 332 31.21 3.13 8.90
C SER A 332 30.11 2.69 7.95
N SER A 333 30.19 1.44 7.47
CA SER A 333 29.15 0.90 6.60
C SER A 333 27.82 0.79 7.34
N LEU A 334 27.85 0.33 8.59
CA LEU A 334 26.63 0.22 9.38
C LEU A 334 26.00 1.58 9.61
N PHE A 335 26.81 2.58 9.97
CA PHE A 335 26.28 3.93 10.17
C PHE A 335 25.73 4.53 8.88
N ALA A 336 26.40 4.26 7.75
CA ALA A 336 25.90 4.75 6.46
C ALA A 336 24.54 4.17 6.14
N VAL A 337 24.37 2.86 6.36
CA VAL A 337 23.08 2.23 6.10
C VAL A 337 22.02 2.74 7.06
N VAL A 338 22.37 2.91 8.35
CA VAL A 338 21.42 3.40 9.34
C VAL A 338 20.92 4.79 8.99
N THR A 339 21.83 5.69 8.61
CA THR A 339 21.41 7.06 8.34
C THR A 339 20.70 7.20 7.00
N THR A 340 21.12 6.47 5.98
CA THR A 340 20.45 6.59 4.69
C THR A 340 19.18 5.76 4.60
N ALA A 341 18.95 4.83 5.51
CA ALA A 341 17.67 4.16 5.60
C ALA A 341 16.72 4.86 6.56
N ALA A 342 17.24 5.57 7.55
CA ALA A 342 16.46 6.16 8.63
C ALA A 342 16.21 7.64 8.43
N SER A 343 16.44 8.16 7.22
CA SER A 343 16.20 9.57 6.88
C SER A 343 16.98 10.52 7.80
N CYS A 344 18.21 10.14 8.13
CA CYS A 344 19.09 10.95 8.96
C CYS A 344 20.27 11.42 8.12
N GLY A 345 20.61 12.70 8.25
CA GLY A 345 21.68 13.28 7.47
C GLY A 345 23.07 13.13 8.03
N ALA A 346 23.22 12.44 9.17
CA ALA A 346 24.53 12.30 9.79
C ALA A 346 25.40 11.36 8.95
N VAL A 347 26.69 11.70 8.86
CA VAL A 347 27.66 10.86 8.17
C VAL A 347 28.85 10.64 9.09
N ILE A 348 29.18 9.36 9.31
CA ILE A 348 30.44 9.00 9.97
C ILE A 348 31.59 9.07 8.98
N ALA A 349 31.28 9.07 7.70
CA ALA A 349 32.27 8.92 6.64
C ALA A 349 31.72 9.60 5.39
N MET A 350 32.63 10.11 4.57
CA MET A 350 32.24 10.75 3.33
C MET A 350 31.73 9.69 2.37
N HIS A 351 30.42 9.70 2.09
CA HIS A 351 29.81 8.72 1.21
C HIS A 351 30.28 8.87 -0.24
N ASP A 352 30.85 10.01 -0.59
CA ASP A 352 31.40 10.20 -1.93
C ASP A 352 32.61 9.29 -2.15
N SER A 353 33.41 9.08 -1.11
CA SER A 353 34.59 8.23 -1.18
C SER A 353 34.26 6.76 -1.00
N PHE A 354 32.99 6.40 -0.80
CA PHE A 354 32.59 5.01 -0.76
C PHE A 354 32.72 4.37 -2.13
N THR A 355 32.68 3.03 -2.14
CA THR A 355 32.73 2.31 -3.41
C THR A 355 31.38 2.43 -4.12
N ALA A 356 31.29 1.81 -5.30
CA ALA A 356 30.10 1.96 -6.13
C ALA A 356 28.89 1.30 -5.50
N LEU A 357 29.03 0.05 -5.04
CA LEU A 357 27.90 -0.63 -4.41
C LEU A 357 27.57 -0.02 -3.05
N GLY A 358 28.61 0.37 -2.30
CA GLY A 358 28.43 0.99 -1.01
C GLY A 358 27.94 2.42 -1.06
N GLY A 359 27.88 3.02 -2.25
CA GLY A 359 27.18 4.26 -2.44
C GLY A 359 25.81 4.05 -3.05
N MET A 360 25.64 2.99 -3.83
CA MET A 360 24.34 2.69 -4.42
C MET A 360 23.32 2.29 -3.37
N VAL A 361 23.68 1.34 -2.50
CA VAL A 361 22.71 0.82 -1.53
C VAL A 361 22.23 1.89 -0.55
N PRO A 362 23.08 2.77 0.00
CA PRO A 362 22.53 3.93 0.72
C PRO A 362 21.64 4.83 -0.12
N MET A 363 22.03 5.10 -1.37
CA MET A 363 21.25 6.00 -2.21
C MET A 363 19.93 5.36 -2.63
N TRP A 364 19.95 4.06 -2.92
CA TRP A 364 18.72 3.34 -3.20
C TRP A 364 17.85 3.24 -1.95
N LEU A 365 18.46 3.14 -0.77
CA LEU A 365 17.69 3.10 0.48
C LEU A 365 17.00 4.42 0.74
N MET A 366 17.63 5.54 0.37
CA MET A 366 16.87 6.79 0.39
C MET A 366 15.77 6.77 -0.66
N GLN A 367 16.10 6.30 -1.87
CA GLN A 367 15.20 6.43 -3.01
C GLN A 367 13.93 5.59 -2.88
N ILE A 368 13.95 4.52 -2.07
CA ILE A 368 12.75 3.70 -1.92
C ILE A 368 11.70 4.35 -1.03
N GLY A 369 11.94 5.57 -0.54
CA GLY A 369 10.95 6.31 0.20
C GLY A 369 11.20 6.45 1.68
N GLU A 370 12.34 5.97 2.19
CA GLU A 370 12.69 5.99 3.60
C GLU A 370 11.63 5.27 4.45
N VAL A 371 11.56 3.96 4.22
CA VAL A 371 10.61 3.10 4.93
C VAL A 371 11.29 2.13 5.88
N VAL A 372 12.62 2.03 5.86
CA VAL A 372 13.36 1.17 6.79
C VAL A 372 13.73 2.05 7.97
N PHE A 373 12.81 2.16 8.94
CA PHE A 373 12.92 3.08 10.08
C PHE A 373 13.12 4.52 9.61
N GLY A 374 12.52 4.88 8.48
CA GLY A 374 12.91 6.06 7.74
C GLY A 374 12.55 7.40 8.34
N GLY A 375 13.03 7.69 9.54
CA GLY A 375 12.76 8.96 10.18
C GLY A 375 11.70 8.84 11.25
N VAL A 376 11.64 9.88 12.08
CA VAL A 376 10.64 9.90 13.15
C VAL A 376 9.27 10.14 12.56
N GLY A 377 8.41 9.14 12.66
CA GLY A 377 7.09 9.25 12.04
C GLY A 377 7.03 9.10 10.53
N SER A 378 7.92 9.76 9.81
CA SER A 378 7.90 9.73 8.34
C SER A 378 8.12 8.33 7.81
N GLY A 379 9.07 7.61 8.41
CA GLY A 379 9.29 6.23 8.02
C GLY A 379 8.08 5.35 8.29
N LEU A 380 7.41 5.59 9.42
CA LEU A 380 6.25 4.76 9.75
C LEU A 380 5.07 5.04 8.83
N TYR A 381 4.82 6.30 8.46
CA TYR A 381 3.69 6.49 7.56
C TYR A 381 4.04 6.20 6.09
N GLY A 382 5.31 6.29 5.70
CA GLY A 382 5.69 5.76 4.40
C GLY A 382 5.55 4.25 4.32
N MET A 383 5.97 3.56 5.39
CA MET A 383 5.72 2.13 5.49
C MET A 383 4.24 1.82 5.54
N MET A 384 3.43 2.71 6.13
CA MET A 384 1.97 2.52 6.10
C MET A 384 1.43 2.64 4.69
N LEU A 385 1.96 3.57 3.89
CA LEU A 385 1.56 3.66 2.48
C LEU A 385 1.89 2.37 1.75
N PHE A 386 3.09 1.83 1.99
CA PHE A 386 3.45 0.56 1.36
C PHE A 386 2.61 -0.60 1.90
N VAL A 387 2.18 -0.54 3.15
CA VAL A 387 1.31 -1.58 3.72
C VAL A 387 -0.07 -1.53 3.10
N LEU A 388 -0.63 -0.32 2.89
CA LEU A 388 -1.90 -0.23 2.15
C LEU A 388 -1.76 -0.74 0.73
N LEU A 389 -0.64 -0.45 0.06
CA LEU A 389 -0.40 -1.02 -1.26
C LEU A 389 -0.34 -2.55 -1.21
N ALA A 390 0.37 -3.10 -0.22
CA ALA A 390 0.52 -4.54 -0.10
C ALA A 390 -0.80 -5.23 0.25
N VAL A 391 -1.60 -4.63 1.12
CA VAL A 391 -2.87 -5.26 1.48
C VAL A 391 -3.88 -5.11 0.36
N PHE A 392 -3.77 -4.05 -0.46
CA PHE A 392 -4.59 -3.98 -1.68
C PHE A 392 -4.24 -5.12 -2.62
N ILE A 393 -2.95 -5.34 -2.84
CA ILE A 393 -2.51 -6.43 -3.72
C ILE A 393 -2.94 -7.78 -3.15
N ALA A 394 -2.77 -7.98 -1.83
CA ALA A 394 -3.13 -9.24 -1.20
C ALA A 394 -4.64 -9.49 -1.25
N GLY A 395 -5.44 -8.45 -1.00
CA GLY A 395 -6.89 -8.62 -1.09
C GLY A 395 -7.34 -8.92 -2.51
N LEU A 396 -6.68 -8.31 -3.50
CA LEU A 396 -6.97 -8.67 -4.89
C LEU A 396 -6.62 -10.12 -5.18
N MET A 397 -5.44 -10.57 -4.73
CA MET A 397 -5.02 -11.95 -5.01
C MET A 397 -5.78 -13.00 -4.20
N ILE A 398 -6.45 -12.61 -3.11
CA ILE A 398 -7.32 -13.56 -2.40
C ILE A 398 -8.79 -13.39 -2.76
N GLY A 399 -9.16 -12.36 -3.52
CA GLY A 399 -10.52 -12.22 -3.97
C GLY A 399 -11.44 -11.49 -3.01
N ARG A 400 -10.92 -10.94 -1.93
CA ARG A 400 -11.71 -10.20 -0.96
C ARG A 400 -11.47 -8.70 -1.12
N THR A 401 -12.24 -7.92 -0.37
CA THR A 401 -12.05 -6.48 -0.38
C THR A 401 -10.72 -6.11 0.26
N PRO A 402 -10.06 -5.05 -0.21
CA PRO A 402 -8.77 -4.65 0.37
C PRO A 402 -8.95 -4.19 1.82
N GLU A 403 -8.16 -4.77 2.71
CA GLU A 403 -8.45 -4.75 4.14
C GLU A 403 -7.15 -4.70 4.91
N TYR A 404 -7.11 -3.82 5.92
CA TYR A 404 -5.97 -3.74 6.83
C TYR A 404 -6.46 -3.29 8.19
N LEU A 405 -6.22 -4.14 9.20
CA LEU A 405 -6.56 -3.87 10.60
C LEU A 405 -8.05 -3.60 10.80
N GLY A 406 -8.88 -4.36 10.10
CA GLY A 406 -10.32 -4.27 10.25
C GLY A 406 -10.98 -3.17 9.46
N LYS A 407 -10.22 -2.31 8.81
CA LYS A 407 -10.76 -1.15 8.11
C LYS A 407 -10.62 -1.35 6.60
N LYS A 408 -11.67 -0.98 5.87
CA LYS A 408 -11.68 -1.17 4.43
C LYS A 408 -10.72 -0.19 3.76
N ILE A 409 -10.16 -0.62 2.63
CA ILE A 409 -9.33 0.23 1.78
C ILE A 409 -10.12 0.50 0.51
N ASP A 410 -10.51 1.76 0.31
CA ASP A 410 -11.42 2.14 -0.76
C ASP A 410 -10.72 3.07 -1.75
N VAL A 411 -11.52 3.64 -2.66
CA VAL A 411 -11.01 4.40 -3.79
C VAL A 411 -10.28 5.66 -3.33
N ARG A 412 -10.83 6.35 -2.33
CA ARG A 412 -10.21 7.58 -1.84
C ARG A 412 -8.86 7.31 -1.19
N GLU A 413 -8.78 6.28 -0.35
CA GLU A 413 -7.51 5.95 0.27
C GLU A 413 -6.49 5.43 -0.74
N MET A 414 -6.95 4.71 -1.78
CA MET A 414 -6.02 4.33 -2.85
C MET A 414 -5.52 5.54 -3.63
N LYS A 415 -6.39 6.52 -3.88
CA LYS A 415 -5.98 7.74 -4.55
C LYS A 415 -4.92 8.47 -3.75
N LEU A 416 -5.16 8.63 -2.44
CA LEU A 416 -4.21 9.38 -1.62
C LEU A 416 -2.92 8.61 -1.39
N THR A 417 -3.01 7.28 -1.25
CA THR A 417 -1.81 6.44 -1.15
C THR A 417 -0.99 6.52 -2.43
N ALA A 418 -1.65 6.47 -3.58
CA ALA A 418 -0.96 6.58 -4.86
C ALA A 418 -0.28 7.93 -5.01
N LEU A 419 -0.97 9.02 -4.63
CA LEU A 419 -0.37 10.35 -4.74
C LEU A 419 0.82 10.49 -3.80
N ALA A 420 0.70 10.02 -2.56
CA ALA A 420 1.80 10.12 -1.60
C ALA A 420 2.99 9.28 -2.02
N ILE A 421 2.75 8.12 -2.64
CA ILE A 421 3.83 7.35 -3.23
C ILE A 421 4.43 8.09 -4.41
N LEU A 422 3.61 8.81 -5.17
CA LEU A 422 4.07 9.45 -6.39
C LEU A 422 4.94 10.68 -6.13
N VAL A 423 4.73 11.36 -5.00
CA VAL A 423 5.36 12.67 -4.77
C VAL A 423 6.89 12.59 -4.81
N THR A 424 7.47 11.65 -4.07
CA THR A 424 8.92 11.71 -3.89
C THR A 424 9.73 11.21 -5.09
N PRO A 425 9.41 10.07 -5.73
CA PRO A 425 10.15 9.73 -6.97
C PRO A 425 9.98 10.74 -8.08
N THR A 426 8.82 11.39 -8.19
CA THR A 426 8.65 12.47 -9.15
C THR A 426 9.63 13.59 -8.89
N LEU A 427 9.76 14.01 -7.63
CA LEU A 427 10.69 15.06 -7.28
C LEU A 427 12.13 14.64 -7.56
N VAL A 428 12.49 13.40 -7.21
CA VAL A 428 13.86 12.93 -7.42
C VAL A 428 14.20 12.94 -8.91
N LEU A 429 13.32 12.37 -9.74
CA LEU A 429 13.62 12.23 -11.15
C LEU A 429 13.61 13.58 -11.86
N MET A 430 12.60 14.42 -11.60
CA MET A 430 12.55 15.72 -12.28
C MET A 430 13.64 16.67 -11.78
N GLY A 431 13.95 16.66 -10.48
CA GLY A 431 15.03 17.49 -9.99
C GLY A 431 16.39 17.06 -10.50
N ALA A 432 16.63 15.75 -10.56
CA ALA A 432 17.89 15.27 -11.13
C ALA A 432 17.99 15.59 -12.61
N ALA A 433 16.88 15.46 -13.35
CA ALA A 433 16.87 15.81 -14.76
C ALA A 433 17.11 17.30 -14.96
N LEU A 434 16.49 18.15 -14.13
CA LEU A 434 16.69 19.59 -14.23
C LEU A 434 18.13 19.98 -13.91
N ALA A 435 18.73 19.32 -12.91
CA ALA A 435 20.14 19.56 -12.62
C ALA A 435 21.05 19.03 -13.72
N MET A 436 20.64 17.99 -14.43
CA MET A 436 21.49 17.37 -15.44
C MET A 436 21.36 18.02 -16.81
N MET A 437 20.39 18.91 -17.00
CA MET A 437 20.27 19.70 -18.23
C MET A 437 20.78 21.13 -18.06
N THR A 438 21.35 21.46 -16.90
CA THR A 438 21.74 22.82 -16.59
C THR A 438 23.23 22.86 -16.24
N ASP A 439 23.91 23.89 -16.75
CA ASP A 439 25.32 24.08 -16.42
C ASP A 439 25.52 24.40 -14.95
N ALA A 440 24.54 25.07 -14.33
CA ALA A 440 24.63 25.32 -12.90
C ALA A 440 24.45 24.04 -12.09
N GLY A 441 23.73 23.06 -12.63
CA GLY A 441 23.55 21.80 -11.96
C GLY A 441 24.65 20.79 -12.27
N ARG A 442 25.38 21.00 -13.35
CA ARG A 442 26.46 20.10 -13.74
C ARG A 442 27.84 20.60 -13.35
N SER A 443 28.01 21.90 -13.12
CA SER A 443 29.31 22.45 -12.73
C SER A 443 29.63 22.22 -11.26
N ALA A 444 28.64 21.82 -10.45
CA ALA A 444 28.87 21.50 -9.05
C ALA A 444 29.50 20.14 -8.85
N MET A 445 29.61 19.34 -9.91
CA MET A 445 30.18 18.00 -9.83
C MET A 445 31.67 18.07 -9.50
N LEU A 446 32.13 17.07 -8.75
CA LEU A 446 33.55 16.95 -8.42
C LEU A 446 34.19 15.75 -9.11
N ASN A 447 33.66 14.56 -8.90
CA ASN A 447 34.15 13.39 -9.62
C ASN A 447 33.52 13.33 -11.01
N PRO A 448 34.27 12.90 -12.03
CA PRO A 448 33.72 12.89 -13.39
C PRO A 448 33.04 11.58 -13.76
N GLY A 449 31.95 11.70 -14.52
CA GLY A 449 31.30 10.56 -15.11
C GLY A 449 30.14 10.01 -14.32
N PRO A 450 30.06 8.67 -14.28
CA PRO A 450 28.95 8.02 -13.55
C PRO A 450 28.91 8.35 -12.07
N HIS A 451 30.07 8.57 -11.45
CA HIS A 451 30.05 8.98 -10.04
C HIS A 451 29.61 10.43 -9.88
N GLY A 452 29.86 11.28 -10.87
CA GLY A 452 29.31 12.63 -10.82
C GLY A 452 27.80 12.64 -10.96
N PHE A 453 27.28 11.80 -11.86
CA PHE A 453 25.83 11.62 -11.92
C PHE A 453 25.30 11.03 -10.62
N SER A 454 26.08 10.16 -9.98
CA SER A 454 25.70 9.64 -8.67
C SER A 454 25.65 10.75 -7.63
N GLU A 455 26.57 11.71 -7.72
CA GLU A 455 26.55 12.87 -6.82
C GLU A 455 25.27 13.68 -6.99
N VAL A 456 24.92 13.98 -8.24
CA VAL A 456 23.72 14.78 -8.50
C VAL A 456 22.46 14.02 -8.05
N LEU A 457 22.39 12.73 -8.39
CA LEU A 457 21.24 11.90 -8.03
C LEU A 457 21.13 11.73 -6.52
N TYR A 458 22.26 11.55 -5.83
CA TYR A 458 22.26 11.42 -4.38
C TYR A 458 21.78 12.71 -3.73
N ALA A 459 22.22 13.86 -4.25
CA ALA A 459 21.79 15.15 -3.68
C ALA A 459 20.29 15.33 -3.84
N VAL A 460 19.75 15.06 -5.04
CA VAL A 460 18.32 15.26 -5.27
C VAL A 460 17.50 14.24 -4.48
N SER A 461 17.98 13.00 -4.37
CA SER A 461 17.28 11.98 -3.60
C SER A 461 17.25 12.31 -2.12
N SER A 462 18.37 12.79 -1.57
CA SER A 462 18.40 13.16 -0.17
C SER A 462 17.57 14.40 0.11
N ALA A 463 17.50 15.34 -0.85
CA ALA A 463 16.66 16.51 -0.65
C ALA A 463 15.19 16.13 -0.67
N ALA A 464 14.76 15.35 -1.67
CA ALA A 464 13.34 15.04 -1.81
C ALA A 464 12.87 14.03 -0.77
N ASN A 465 13.76 13.17 -0.28
CA ASN A 465 13.39 12.12 0.66
C ASN A 465 13.59 12.53 2.11
N ASN A 466 13.89 13.81 2.35
CA ASN A 466 14.09 14.37 3.70
C ASN A 466 15.19 13.63 4.47
N ASN A 467 16.27 13.28 3.77
CA ASN A 467 17.42 12.64 4.38
C ASN A 467 18.48 13.65 4.79
N GLY A 468 19.02 14.41 3.82
CA GLY A 468 20.00 15.42 4.09
C GLY A 468 21.44 14.97 4.05
N SER A 469 21.70 13.67 4.10
CA SER A 469 23.05 13.17 3.94
C SER A 469 23.53 13.41 2.52
N ALA A 470 24.81 13.74 2.38
CA ALA A 470 25.36 14.13 1.10
C ALA A 470 26.61 13.34 0.80
N PHE A 471 26.91 13.22 -0.51
CA PHE A 471 28.27 12.92 -0.91
C PHE A 471 29.22 14.03 -0.50
N ALA A 472 28.73 15.28 -0.49
CA ALA A 472 29.40 16.52 -0.10
C ALA A 472 30.51 16.94 -1.06
N GLY A 473 30.80 16.13 -2.09
CA GLY A 473 31.65 16.61 -3.17
C GLY A 473 30.94 17.55 -4.11
N LEU A 474 29.61 17.52 -4.12
CA LEU A 474 28.84 18.47 -4.89
C LEU A 474 28.89 19.84 -4.25
N SER A 475 29.01 20.88 -5.08
CA SER A 475 29.04 22.26 -4.61
C SER A 475 27.63 22.84 -4.71
N ALA A 476 26.82 22.51 -3.71
CA ALA A 476 25.40 22.87 -3.71
C ALA A 476 25.14 24.24 -3.09
N ASN A 477 26.14 25.11 -3.03
CA ASN A 477 25.98 26.45 -2.46
C ASN A 477 25.58 27.48 -3.50
N SER A 478 25.39 27.07 -4.76
CA SER A 478 24.90 27.98 -5.77
C SER A 478 23.43 28.32 -5.52
N PRO A 479 22.96 29.48 -5.98
CA PRO A 479 21.53 29.80 -5.85
C PRO A 479 20.61 28.81 -6.54
N PHE A 480 21.02 28.28 -7.70
CA PHE A 480 20.20 27.30 -8.40
C PHE A 480 20.05 26.02 -7.58
N TRP A 481 21.15 25.50 -7.06
CA TRP A 481 21.10 24.29 -6.25
C TRP A 481 20.34 24.53 -4.96
N ASN A 482 20.53 25.70 -4.33
CA ASN A 482 19.82 26.01 -3.09
C ASN A 482 18.32 26.05 -3.31
N CYS A 483 17.88 26.73 -4.38
CA CYS A 483 16.44 26.83 -4.64
C CYS A 483 15.85 25.49 -5.07
N LEU A 484 16.54 24.75 -5.93
CA LEU A 484 16.04 23.45 -6.39
C LEU A 484 15.93 22.46 -5.24
N LEU A 485 16.97 22.38 -4.40
CA LEU A 485 16.93 21.47 -3.29
C LEU A 485 15.91 21.90 -2.25
N ALA A 486 15.76 23.21 -2.02
CA ALA A 486 14.75 23.68 -1.06
C ALA A 486 13.35 23.33 -1.53
N PHE A 487 13.08 23.47 -2.84
CA PHE A 487 11.80 23.03 -3.39
C PHE A 487 11.61 21.54 -3.20
N CYS A 488 12.65 20.75 -3.42
CA CYS A 488 12.55 19.30 -3.26
C CYS A 488 12.23 18.90 -1.82
N MET A 489 12.92 19.52 -0.85
CA MET A 489 12.64 19.25 0.56
C MET A 489 11.23 19.66 0.95
N PHE A 490 10.81 20.86 0.52
CA PHE A 490 9.48 21.37 0.88
C PHE A 490 8.38 20.46 0.36
N VAL A 491 8.46 20.10 -0.93
CA VAL A 491 7.41 19.25 -1.49
C VAL A 491 7.50 17.84 -0.93
N GLY A 492 8.70 17.26 -0.85
CA GLY A 492 8.85 15.90 -0.37
C GLY A 492 8.52 15.70 1.09
N ARG A 493 8.46 16.79 1.86
CA ARG A 493 7.90 16.69 3.20
C ARG A 493 6.39 16.91 3.19
N PHE A 494 5.94 18.07 2.71
CA PHE A 494 4.57 18.48 2.99
C PHE A 494 3.56 17.86 2.04
N GLY A 495 3.94 17.59 0.79
CA GLY A 495 3.04 16.87 -0.10
C GLY A 495 2.99 15.38 0.14
N VAL A 496 3.66 14.89 1.17
CA VAL A 496 3.48 13.53 1.65
C VAL A 496 2.74 13.58 2.98
N ILE A 497 2.99 14.63 3.77
CA ILE A 497 2.26 14.82 5.02
C ILE A 497 0.78 15.06 4.75
N ILE A 498 0.46 15.89 3.75
CA ILE A 498 -0.94 16.22 3.47
C ILE A 498 -1.80 15.01 3.07
N PRO A 499 -1.39 14.15 2.12
CA PRO A 499 -2.23 12.98 1.83
C PRO A 499 -2.23 11.92 2.92
N VAL A 500 -1.20 11.86 3.76
CA VAL A 500 -1.24 10.94 4.91
C VAL A 500 -2.31 11.40 5.90
N MET A 501 -2.40 12.71 6.15
CA MET A 501 -3.47 13.22 6.99
C MET A 501 -4.84 13.05 6.33
N ALA A 502 -4.90 13.13 5.01
CA ALA A 502 -6.15 12.85 4.31
C ALA A 502 -6.56 11.39 4.44
N ILE A 503 -5.58 10.47 4.39
CA ILE A 503 -5.84 9.05 4.64
C ILE A 503 -6.34 8.85 6.06
N ALA A 504 -5.74 9.56 7.02
CA ALA A 504 -6.18 9.46 8.41
C ALA A 504 -7.61 9.96 8.58
N GLY A 505 -7.96 11.06 7.93
CA GLY A 505 -9.32 11.55 7.99
C GLY A 505 -10.32 10.68 7.24
N SER A 506 -9.84 9.95 6.24
CA SER A 506 -10.70 8.98 5.58
C SER A 506 -10.90 7.73 6.43
N LEU A 507 -9.91 7.37 7.25
CA LEU A 507 -9.96 6.13 8.01
C LEU A 507 -10.57 6.30 9.40
N VAL A 508 -10.68 7.52 9.91
CA VAL A 508 -11.36 7.69 11.20
C VAL A 508 -12.85 7.33 11.11
N SER A 509 -13.47 7.61 9.96
CA SER A 509 -14.92 7.42 9.85
C SER A 509 -15.31 5.95 9.78
N LYS A 510 -14.38 5.07 9.43
CA LYS A 510 -14.71 3.66 9.25
C LYS A 510 -14.64 2.92 10.59
N LYS A 511 -15.25 1.74 10.60
CA LYS A 511 -15.28 0.88 11.78
C LYS A 511 -14.40 -0.34 11.53
N SER A 512 -13.57 -0.67 12.51
CA SER A 512 -12.67 -1.82 12.41
C SER A 512 -13.50 -3.10 12.59
N GLN A 513 -13.83 -3.74 11.47
CA GLN A 513 -14.57 -4.99 11.52
C GLN A 513 -13.69 -6.11 12.09
N ALA A 514 -14.31 -7.01 12.85
CA ALA A 514 -13.57 -8.08 13.50
C ALA A 514 -13.09 -9.10 12.47
N ALA A 515 -12.07 -9.87 12.87
CA ALA A 515 -11.53 -10.89 12.00
C ALA A 515 -12.49 -12.07 11.88
N SER A 516 -12.32 -12.84 10.81
CA SER A 516 -13.16 -14.00 10.54
C SER A 516 -12.26 -15.15 10.11
N SER A 517 -12.87 -16.22 9.62
CA SER A 517 -12.10 -17.36 9.12
C SER A 517 -11.46 -17.05 7.78
N GLY A 518 -12.17 -16.30 6.94
CA GLY A 518 -11.68 -15.96 5.62
C GLY A 518 -10.77 -14.76 5.53
N THR A 519 -10.53 -14.07 6.64
CA THR A 519 -9.68 -12.89 6.62
C THR A 519 -8.21 -13.29 6.44
N LEU A 520 -7.42 -12.33 5.98
CA LEU A 520 -6.01 -12.58 5.74
C LEU A 520 -5.20 -12.12 6.94
N PRO A 521 -4.35 -12.99 7.51
CA PRO A 521 -3.48 -12.55 8.60
C PRO A 521 -2.43 -11.56 8.12
N THR A 522 -2.49 -10.33 8.62
CA THR A 522 -1.58 -9.27 8.17
C THR A 522 -0.38 -9.29 9.14
N HIS A 523 0.29 -10.42 9.14
CA HIS A 523 1.48 -10.72 9.94
C HIS A 523 2.01 -12.06 9.45
N GLY A 524 3.10 -12.51 10.05
CA GLY A 524 3.70 -13.77 9.68
C GLY A 524 4.64 -13.63 8.51
N PRO A 525 5.41 -14.69 8.24
CA PRO A 525 6.43 -14.61 7.19
C PRO A 525 5.87 -14.39 5.80
N LEU A 526 4.65 -14.84 5.51
CA LEU A 526 4.07 -14.63 4.19
C LEU A 526 3.84 -13.15 3.92
N PHE A 527 3.21 -12.45 4.87
CA PHE A 527 2.99 -11.02 4.67
C PHE A 527 4.27 -10.23 4.82
N VAL A 528 5.22 -10.69 5.65
CA VAL A 528 6.50 -10.01 5.75
C VAL A 528 7.23 -10.06 4.41
N GLY A 529 7.25 -11.25 3.78
CA GLY A 529 7.86 -11.37 2.47
C GLY A 529 7.11 -10.62 1.40
N LEU A 530 5.78 -10.59 1.48
CA LEU A 530 4.99 -9.83 0.50
C LEU A 530 5.25 -8.33 0.62
N LEU A 531 5.32 -7.80 1.84
CA LEU A 531 5.59 -6.37 2.03
C LEU A 531 7.03 -6.03 1.62
N ILE A 532 7.99 -6.89 1.94
CA ILE A 532 9.38 -6.66 1.54
C ILE A 532 9.48 -6.69 0.01
N GLY A 533 8.84 -7.67 -0.63
CA GLY A 533 8.85 -7.74 -2.08
C GLY A 533 8.20 -6.54 -2.72
N THR A 534 7.09 -6.07 -2.16
CA THR A 534 6.42 -4.88 -2.68
C THR A 534 7.32 -3.65 -2.59
N VAL A 535 7.95 -3.45 -1.42
CA VAL A 535 8.80 -2.28 -1.22
C VAL A 535 10.01 -2.32 -2.16
N LEU A 536 10.73 -3.44 -2.15
CA LEU A 536 11.94 -3.56 -2.96
C LEU A 536 11.62 -3.52 -4.45
N LEU A 537 10.52 -4.15 -4.86
CA LEU A 537 10.18 -4.18 -6.27
C LEU A 537 9.71 -2.81 -6.76
N VAL A 538 8.94 -2.08 -5.95
CA VAL A 538 8.52 -0.74 -6.36
C VAL A 538 9.71 0.20 -6.46
N GLY A 539 10.59 0.17 -5.45
CA GLY A 539 11.78 1.01 -5.50
C GLY A 539 12.71 0.64 -6.64
N ALA A 540 12.86 -0.66 -6.90
CA ALA A 540 13.70 -1.12 -8.01
C ALA A 540 13.13 -0.68 -9.34
N LEU A 541 11.85 -0.98 -9.61
CA LEU A 541 11.26 -0.60 -10.88
C LEU A 541 11.21 0.90 -11.08
N THR A 542 11.23 1.68 -9.99
CA THR A 542 11.39 3.12 -10.15
C THR A 542 12.83 3.51 -10.50
N PHE A 543 13.84 2.92 -9.85
CA PHE A 543 15.17 3.53 -9.88
C PHE A 543 16.32 2.71 -10.48
N ILE A 544 16.10 1.49 -11.00
CA ILE A 544 17.19 0.76 -11.66
C ILE A 544 17.83 1.49 -12.84
N PRO A 545 17.10 2.15 -13.76
CA PRO A 545 17.81 2.89 -14.82
C PRO A 545 18.74 4.00 -14.31
N ALA A 546 18.34 4.70 -13.25
CA ALA A 546 19.21 5.72 -12.67
C ALA A 546 20.46 5.10 -12.05
N LEU A 547 20.30 3.98 -11.34
CA LEU A 547 21.45 3.28 -10.78
C LEU A 547 22.36 2.75 -11.88
N ALA A 548 21.76 2.28 -12.98
CA ALA A 548 22.52 1.74 -14.10
C ALA A 548 23.34 2.83 -14.79
N LEU A 549 22.80 4.05 -14.85
CA LEU A 549 23.58 5.14 -15.41
C LEU A 549 24.49 5.80 -14.37
N GLY A 550 24.37 5.45 -13.10
CA GLY A 550 25.29 5.96 -12.10
C GLY A 550 26.19 4.90 -11.48
N PRO A 551 25.84 4.46 -10.27
CA PRO A 551 26.74 3.57 -9.51
C PRO A 551 26.94 2.19 -10.14
N VAL A 552 25.96 1.63 -10.85
CA VAL A 552 26.18 0.36 -11.54
C VAL A 552 27.19 0.54 -12.66
N ALA A 553 27.11 1.66 -13.38
CA ALA A 553 28.10 1.95 -14.41
C ALA A 553 29.50 2.13 -13.81
N GLU A 554 29.57 2.79 -12.65
CA GLU A 554 30.87 2.93 -11.97
C GLU A 554 31.41 1.58 -11.51
N TYR A 555 30.53 0.70 -11.02
CA TYR A 555 30.98 -0.62 -10.59
C TYR A 555 31.46 -1.46 -11.77
N LEU A 556 30.74 -1.42 -12.89
CA LEU A 556 31.11 -2.20 -14.06
C LEU A 556 32.22 -1.55 -14.88
N SER A 557 32.63 -0.33 -14.53
CA SER A 557 33.80 0.29 -15.15
C SER A 557 35.07 -0.49 -14.86
N MET B 1 -8.29 33.77 14.34
CA MET B 1 -9.66 33.62 14.82
C MET B 1 -9.78 32.40 15.73
N SER B 2 -9.33 32.56 16.98
CA SER B 2 -9.36 31.56 18.04
C SER B 2 -8.54 30.31 17.74
N GLY B 3 -7.70 30.35 16.71
CA GLY B 3 -6.83 29.24 16.40
C GLY B 3 -5.39 29.70 16.21
N LEU B 4 -5.21 31.01 16.05
CA LEU B 4 -3.87 31.57 15.93
C LEU B 4 -3.17 31.65 17.27
N ARG B 5 -3.91 31.90 18.35
CA ARG B 5 -3.31 31.98 19.68
C ARG B 5 -2.69 30.67 20.16
N PRO B 6 -3.33 29.48 20.04
CA PRO B 6 -2.62 28.25 20.43
C PRO B 6 -1.38 27.97 19.60
N ALA B 7 -1.40 28.31 18.31
CA ALA B 7 -0.22 28.12 17.46
C ALA B 7 0.95 28.96 17.94
N LEU B 8 0.72 30.25 18.13
CA LEU B 8 1.78 31.15 18.60
C LEU B 8 2.25 30.77 19.99
N SER B 9 1.32 30.45 20.90
CA SER B 9 1.71 30.12 22.27
C SER B 9 2.55 28.85 22.32
N THR B 10 2.12 27.82 21.58
CA THR B 10 2.89 26.57 21.53
C THR B 10 4.25 26.79 20.88
N PHE B 11 4.31 27.60 19.81
CA PHE B 11 5.58 27.82 19.14
C PHE B 11 6.55 28.60 20.02
N ILE B 12 6.08 29.66 20.69
CA ILE B 12 6.96 30.44 21.56
C ILE B 12 7.41 29.62 22.76
N PHE B 13 6.51 28.82 23.34
CA PHE B 13 6.91 28.00 24.49
C PHE B 13 7.92 26.94 24.09
N LEU B 14 7.70 26.25 22.97
CA LEU B 14 8.62 25.21 22.55
C LEU B 14 9.95 25.79 22.10
N LEU B 15 9.92 26.95 21.42
CA LEU B 15 11.16 27.62 21.06
C LEU B 15 11.93 28.06 22.28
N LEU B 16 11.24 28.62 23.28
CA LEU B 16 11.91 29.06 24.51
C LEU B 16 12.52 27.88 25.24
N ILE B 17 11.80 26.77 25.35
CA ILE B 17 12.34 25.59 26.01
C ILE B 17 13.54 25.06 25.25
N THR B 18 13.33 24.61 24.01
CA THR B 18 14.37 23.95 23.23
C THR B 18 15.42 24.91 22.67
N GLY B 19 15.39 26.18 23.03
CA GLY B 19 16.47 27.06 22.64
C GLY B 19 17.05 27.90 23.77
N GLY B 20 16.49 27.81 24.98
CA GLY B 20 17.07 28.55 26.08
C GLY B 20 17.01 27.85 27.42
N VAL B 21 16.49 26.62 27.46
CA VAL B 21 16.42 25.84 28.69
C VAL B 21 17.16 24.52 28.53
N TYR B 22 16.83 23.75 27.50
CA TYR B 22 17.60 22.55 27.20
C TYR B 22 19.07 22.83 26.85
N PRO B 23 19.42 23.78 25.96
CA PRO B 23 20.85 24.08 25.80
C PRO B 23 21.48 24.71 27.02
N LEU B 24 20.73 25.54 27.76
CA LEU B 24 21.27 26.14 28.97
C LEU B 24 21.53 25.11 30.05
N LEU B 25 20.57 24.20 30.27
CA LEU B 25 20.78 23.14 31.25
C LEU B 25 21.89 22.20 30.81
N THR B 26 21.98 21.90 29.52
CA THR B 26 23.06 21.06 29.00
C THR B 26 24.41 21.70 29.24
N THR B 27 24.54 23.00 28.95
CA THR B 27 25.80 23.70 29.16
C THR B 27 26.15 23.79 30.63
N VAL B 28 25.18 24.08 31.50
CA VAL B 28 25.44 24.20 32.92
C VAL B 28 25.87 22.87 33.51
N LEU B 29 25.15 21.79 33.18
CA LEU B 29 25.49 20.47 33.70
C LEU B 29 26.82 19.99 33.13
N GLY B 30 27.10 20.29 31.86
CA GLY B 30 28.38 19.91 31.29
C GLY B 30 29.56 20.62 31.94
N GLN B 31 29.42 21.93 32.14
CA GLN B 31 30.50 22.68 32.77
C GLN B 31 30.65 22.34 34.25
N TRP B 32 29.56 21.89 34.90
CA TRP B 32 29.66 21.48 36.29
C TRP B 32 30.29 20.09 36.43
N TRP B 33 29.97 19.17 35.51
CA TRP B 33 30.38 17.78 35.67
C TRP B 33 31.65 17.42 34.91
N PHE B 34 31.73 17.76 33.63
CA PHE B 34 32.83 17.33 32.76
C PHE B 34 33.44 18.57 32.10
N PRO B 35 34.16 19.38 32.87
CA PRO B 35 34.55 20.70 32.35
C PRO B 35 35.68 20.63 31.33
N TRP B 36 36.67 19.75 31.53
CA TRP B 36 37.79 19.67 30.61
C TRP B 36 37.35 19.19 29.24
N GLN B 37 36.58 18.11 29.19
CA GLN B 37 36.09 17.59 27.92
C GLN B 37 34.87 18.32 27.42
N ALA B 38 34.29 19.24 28.20
CA ALA B 38 33.25 20.10 27.69
C ALA B 38 33.81 21.38 27.09
N ASN B 39 34.98 21.83 27.56
CA ASN B 39 35.58 23.07 27.09
C ASN B 39 36.54 22.88 25.93
N GLY B 40 36.79 21.64 25.51
CA GLY B 40 37.61 21.44 24.33
C GLY B 40 38.61 20.30 24.40
N SER B 41 38.75 19.69 25.58
CA SER B 41 39.78 18.67 25.87
C SER B 41 41.17 19.21 25.53
N LEU B 42 41.42 20.46 25.92
CA LEU B 42 42.63 21.17 25.52
C LEU B 42 43.82 20.70 26.34
N ILE B 43 44.92 20.40 25.64
CA ILE B 43 46.18 20.07 26.30
C ILE B 43 46.94 21.38 26.47
N ARG B 44 46.96 21.89 27.69
CA ARG B 44 47.56 23.18 28.00
C ARG B 44 48.76 22.97 28.92
N GLU B 45 49.92 23.45 28.49
CA GLU B 45 51.14 23.44 29.30
C GLU B 45 51.46 24.88 29.67
N GLY B 46 51.32 25.22 30.94
CA GLY B 46 51.47 26.60 31.37
C GLY B 46 50.26 27.43 31.02
N ASP B 47 50.41 28.34 30.06
CA ASP B 47 49.32 29.15 29.57
C ASP B 47 49.11 28.99 28.06
N THR B 48 49.84 28.07 27.42
CA THR B 48 49.78 27.87 25.99
C THR B 48 49.01 26.60 25.68
N VAL B 49 48.05 26.69 24.76
CA VAL B 49 47.26 25.54 24.34
C VAL B 49 48.00 24.88 23.17
N ARG B 50 48.48 23.66 23.39
CA ARG B 50 49.23 22.93 22.39
C ARG B 50 48.34 22.06 21.50
N GLY B 51 47.03 22.09 21.70
CA GLY B 51 46.12 21.34 20.86
C GLY B 51 45.12 20.54 21.68
N SER B 52 43.95 20.29 21.08
CA SER B 52 42.98 19.43 21.70
C SER B 52 43.44 17.97 21.62
N ALA B 53 42.92 17.16 22.53
CA ALA B 53 43.21 15.74 22.53
C ALA B 53 42.36 14.96 21.53
N LEU B 54 41.49 15.65 20.78
CA LEU B 54 40.62 15.01 19.81
C LEU B 54 40.86 15.45 18.38
N ILE B 55 41.43 16.64 18.15
CA ILE B 55 41.46 17.22 16.81
C ILE B 55 42.62 16.68 16.00
N GLY B 56 43.82 16.67 16.55
CA GLY B 56 44.95 16.20 15.78
C GLY B 56 45.56 17.28 14.90
N GLN B 57 46.88 17.31 14.85
CA GLN B 57 47.62 18.37 14.19
C GLN B 57 48.44 17.80 13.04
N ASN B 58 48.84 18.68 12.13
CA ASN B 58 49.62 18.28 10.97
C ASN B 58 51.07 18.06 11.38
N PHE B 59 51.48 16.81 11.40
CA PHE B 59 52.85 16.44 11.78
C PHE B 59 53.60 16.01 10.54
N THR B 60 54.62 16.78 10.17
CA THR B 60 55.48 16.46 9.04
C THR B 60 56.94 16.29 9.44
N GLY B 61 57.27 16.44 10.70
CA GLY B 61 58.65 16.29 11.14
C GLY B 61 59.11 14.85 11.13
N ASN B 62 60.43 14.69 11.07
CA ASN B 62 61.01 13.35 11.02
C ASN B 62 60.89 12.67 12.39
N GLY B 63 61.07 13.42 13.46
CA GLY B 63 61.03 12.85 14.80
C GLY B 63 59.65 12.64 15.38
N TYR B 64 58.60 13.07 14.69
CA TYR B 64 57.23 12.93 15.16
C TYR B 64 56.56 11.73 14.51
N PHE B 65 55.38 11.41 15.01
CA PHE B 65 54.54 10.35 14.44
C PHE B 65 53.57 10.99 13.46
N HIS B 66 53.63 10.56 12.21
CA HIS B 66 52.76 11.11 11.18
C HIS B 66 51.41 10.39 11.20
N GLY B 67 50.34 11.17 11.10
CA GLY B 67 48.99 10.65 11.10
C GLY B 67 48.46 10.44 9.70
N ARG B 68 47.13 10.35 9.62
CA ARG B 68 46.47 10.21 8.33
C ARG B 68 46.55 11.52 7.55
N PRO B 69 46.50 11.44 6.21
CA PRO B 69 46.43 12.67 5.41
C PRO B 69 45.14 13.43 5.67
N SER B 70 45.22 14.75 5.53
CA SER B 70 44.09 15.64 5.73
C SER B 70 43.78 16.35 4.43
N ALA B 71 42.49 16.48 4.12
CA ALA B 71 42.02 17.10 2.90
C ALA B 71 41.18 18.34 3.18
N THR B 72 41.49 19.03 4.27
CA THR B 72 40.81 20.28 4.57
C THR B 72 41.32 21.39 3.67
N ALA B 73 40.54 22.46 3.56
CA ALA B 73 40.94 23.61 2.76
C ALA B 73 42.07 24.37 3.45
N GLU B 74 42.79 25.16 2.65
CA GLU B 74 43.97 25.95 3.07
C GLU B 74 45.01 24.97 3.60
N MET B 75 45.46 25.09 4.84
CA MET B 75 46.46 24.18 5.37
C MET B 75 45.82 22.83 5.69
N PRO B 76 46.61 21.75 5.72
CA PRO B 76 46.10 20.47 6.21
C PRO B 76 45.80 20.53 7.70
N TYR B 77 44.85 19.69 8.12
CA TYR B 77 44.35 19.63 9.50
C TYR B 77 43.83 20.99 9.96
N ASN B 78 43.14 21.70 9.06
CA ASN B 78 42.53 22.98 9.39
C ASN B 78 41.16 22.72 10.00
N PRO B 79 40.93 23.09 11.27
CA PRO B 79 39.62 22.83 11.88
C PRO B 79 38.53 23.78 11.39
N GLN B 80 38.87 24.87 10.73
CA GLN B 80 37.86 25.79 10.21
C GLN B 80 37.22 25.27 8.93
N ALA B 81 37.82 24.29 8.28
CA ALA B 81 37.32 23.77 7.02
C ALA B 81 37.34 22.24 7.04
N SER B 82 36.80 21.66 8.11
CA SER B 82 36.81 20.22 8.27
C SER B 82 35.94 19.54 7.22
N GLY B 83 36.40 18.41 6.72
CA GLY B 83 35.72 17.67 5.67
C GLY B 83 36.73 16.89 4.86
N GLY B 84 36.27 15.79 4.27
CA GLY B 84 37.13 14.91 3.52
C GLY B 84 37.39 15.39 2.11
N SER B 85 38.14 14.56 1.37
CA SER B 85 38.46 14.89 -0.01
C SER B 85 37.26 14.70 -0.92
N ASN B 86 36.34 13.79 -0.55
CA ASN B 86 35.17 13.42 -1.34
C ASN B 86 35.56 12.95 -2.74
N LEU B 87 36.66 12.19 -2.82
CA LEU B 87 37.18 11.69 -4.08
C LEU B 87 36.70 10.26 -4.29
N ALA B 88 36.16 9.98 -5.46
CA ALA B 88 35.63 8.66 -5.75
C ALA B 88 36.77 7.68 -6.04
N VAL B 89 36.42 6.39 -6.02
CA VAL B 89 37.36 5.34 -6.38
C VAL B 89 37.76 5.45 -7.85
N SER B 90 36.79 5.72 -8.72
CA SER B 90 37.04 5.86 -10.15
C SER B 90 37.74 7.15 -10.51
N ASN B 91 37.88 8.09 -9.58
CA ASN B 91 38.55 9.35 -9.85
C ASN B 91 40.05 9.14 -9.98
N PRO B 92 40.68 9.54 -11.09
CA PRO B 92 42.15 9.42 -11.20
C PRO B 92 42.90 10.31 -10.22
N GLU B 93 42.27 11.37 -9.70
CA GLU B 93 42.93 12.23 -8.72
C GLU B 93 43.21 11.48 -7.43
N LEU B 94 42.30 10.61 -7.00
CA LEU B 94 42.53 9.81 -5.82
C LEU B 94 43.70 8.85 -6.01
N ASP B 95 43.80 8.23 -7.20
CA ASP B 95 44.92 7.35 -7.49
C ASP B 95 46.24 8.12 -7.53
N LYS B 96 46.23 9.32 -8.10
CA LYS B 96 47.44 10.14 -8.12
C LYS B 96 47.88 10.54 -6.72
N LEU B 97 46.92 10.94 -5.88
CA LEU B 97 47.23 11.31 -4.49
C LEU B 97 47.73 10.11 -3.70
N ILE B 98 47.15 8.94 -3.93
CA ILE B 98 47.58 7.73 -3.24
C ILE B 98 49.00 7.36 -3.66
N ALA B 99 49.30 7.46 -4.95
CA ALA B 99 50.65 7.17 -5.44
C ALA B 99 51.67 8.15 -4.86
N ALA B 100 51.33 9.44 -4.81
CA ALA B 100 52.24 10.43 -4.24
C ALA B 100 52.45 10.19 -2.76
N ARG B 101 51.39 9.85 -2.02
CA ARG B 101 51.52 9.57 -0.59
C ARG B 101 52.35 8.32 -0.33
N VAL B 102 52.16 7.27 -1.15
CA VAL B 102 52.94 6.04 -1.00
C VAL B 102 54.41 6.31 -1.27
N ALA B 103 54.71 7.07 -2.33
CA ALA B 103 56.10 7.40 -2.64
C ALA B 103 56.74 8.24 -1.53
N ALA B 104 56.00 9.22 -1.01
CA ALA B 104 56.53 10.07 0.06
C ALA B 104 56.76 9.28 1.34
N LEU B 105 55.83 8.38 1.68
CA LEU B 105 55.99 7.57 2.89
C LEU B 105 57.10 6.54 2.75
N ARG B 106 57.28 5.98 1.56
CA ARG B 106 58.39 5.06 1.33
C ARG B 106 59.73 5.79 1.40
N ALA B 107 59.78 7.03 0.89
CA ALA B 107 61.01 7.81 1.00
C ALA B 107 61.29 8.19 2.45
N ALA B 108 60.25 8.53 3.21
CA ALA B 108 60.43 8.92 4.60
C ALA B 108 60.73 7.74 5.53
N ASN B 109 60.29 6.53 5.16
CA ASN B 109 60.46 5.35 6.00
C ASN B 109 61.18 4.27 5.20
N PRO B 110 62.50 4.36 5.08
CA PRO B 110 63.24 3.37 4.28
C PRO B 110 63.42 2.04 4.99
N ASP B 111 63.57 2.06 6.32
CA ASP B 111 63.78 0.85 7.10
C ASP B 111 62.47 0.27 7.61
N ALA B 112 61.53 0.04 6.70
CA ALA B 112 60.23 -0.51 7.04
C ALA B 112 59.71 -1.33 5.87
N SER B 113 58.48 -1.82 6.01
CA SER B 113 57.88 -2.63 4.95
C SER B 113 57.51 -1.77 3.75
N ALA B 114 57.48 -2.40 2.58
CA ALA B 114 57.08 -1.72 1.36
C ALA B 114 55.56 -1.67 1.18
N SER B 115 54.80 -2.32 2.06
CA SER B 115 53.35 -2.29 2.02
C SER B 115 52.89 -1.32 3.10
N VAL B 116 52.58 -0.09 2.68
CA VAL B 116 52.24 0.98 3.62
C VAL B 116 50.83 0.75 4.16
N PRO B 117 50.57 1.01 5.45
CA PRO B 117 49.20 0.92 5.96
C PRO B 117 48.25 1.87 5.24
N VAL B 118 46.99 1.44 5.13
CA VAL B 118 46.03 2.12 4.26
C VAL B 118 45.62 3.47 4.84
N GLU B 119 45.56 3.58 6.18
CA GLU B 119 45.16 4.84 6.79
C GLU B 119 46.21 5.93 6.64
N LEU B 120 47.46 5.56 6.40
CA LEU B 120 48.52 6.53 6.19
C LEU B 120 48.50 7.12 4.78
N VAL B 121 47.84 6.47 3.83
CA VAL B 121 47.74 6.97 2.46
C VAL B 121 46.33 7.36 2.08
N THR B 122 45.35 7.12 2.94
CA THR B 122 43.96 7.48 2.69
C THR B 122 43.56 8.62 3.61
N ALA B 123 42.96 9.66 3.04
CA ALA B 123 42.53 10.80 3.83
C ALA B 123 41.32 10.44 4.68
N SER B 124 41.18 11.13 5.81
CA SER B 124 40.12 10.82 6.76
C SER B 124 38.80 11.45 6.32
N ALA B 125 37.75 11.12 7.07
CA ALA B 125 36.42 11.66 6.77
C ALA B 125 36.30 13.13 7.15
N SER B 126 36.84 13.49 8.31
CA SER B 126 36.75 14.86 8.81
C SER B 126 37.94 15.72 8.41
N GLY B 127 39.09 15.12 8.13
CA GLY B 127 40.31 15.86 7.96
C GLY B 127 41.00 16.23 9.26
N LEU B 128 40.43 15.86 10.39
CA LEU B 128 40.97 16.10 11.72
C LEU B 128 41.04 14.80 12.50
N ASP B 129 41.66 13.79 11.89
CA ASP B 129 41.82 12.49 12.54
C ASP B 129 43.06 12.54 13.42
N ASN B 130 42.85 12.41 14.73
CA ASN B 130 43.93 12.34 15.71
C ASN B 130 44.41 10.92 15.95
N ASN B 131 43.88 9.95 15.20
CA ASN B 131 44.07 8.55 15.53
C ASN B 131 44.61 7.77 14.35
N ILE B 132 45.47 6.80 14.65
CA ILE B 132 45.88 5.76 13.71
C ILE B 132 45.88 4.44 14.46
N THR B 133 46.04 3.35 13.72
CA THR B 133 46.06 2.04 14.33
C THR B 133 47.44 1.74 14.92
N PRO B 134 47.51 0.85 15.92
CA PRO B 134 48.82 0.41 16.41
C PRO B 134 49.65 -0.30 15.35
N GLN B 135 49.03 -0.88 14.32
CA GLN B 135 49.81 -1.42 13.20
C GLN B 135 50.52 -0.32 12.44
N ALA B 136 49.83 0.81 12.19
CA ALA B 136 50.49 1.96 11.56
C ALA B 136 51.56 2.57 12.45
N ALA B 137 51.29 2.62 13.76
CA ALA B 137 52.30 3.09 14.70
C ALA B 137 53.54 2.18 14.70
N ALA B 138 53.33 0.87 14.66
CA ALA B 138 54.44 -0.09 14.57
C ALA B 138 55.18 0.03 13.25
N TRP B 139 54.48 0.37 12.17
CA TRP B 139 55.15 0.65 10.91
C TRP B 139 56.01 1.90 11.01
N GLN B 140 55.57 2.90 11.77
CA GLN B 140 56.34 4.13 11.91
C GLN B 140 57.39 4.10 13.03
N ILE B 141 57.45 3.04 13.85
CA ILE B 141 58.47 2.97 14.91
C ILE B 141 59.91 3.12 14.42
N PRO B 142 60.39 2.42 13.33
CA PRO B 142 61.81 2.57 12.95
C PRO B 142 62.27 3.99 12.64
N ARG B 143 61.44 4.77 11.92
CA ARG B 143 61.81 6.14 11.60
C ARG B 143 61.89 7.01 12.84
N VAL B 144 60.92 6.88 13.74
CA VAL B 144 60.90 7.66 14.97
C VAL B 144 62.07 7.29 15.87
N ALA B 145 62.37 5.98 15.96
CA ALA B 145 63.50 5.53 16.77
C ALA B 145 64.83 6.05 16.22
N LYS B 146 64.99 6.02 14.89
CA LYS B 146 66.20 6.54 14.28
C LYS B 146 66.33 8.05 14.48
N ALA B 147 65.21 8.77 14.41
CA ALA B 147 65.27 10.22 14.53
C ALA B 147 65.50 10.66 15.97
N ARG B 148 64.88 9.98 16.93
CA ARG B 148 64.92 10.38 18.33
C ARG B 148 66.01 9.68 19.13
N ASN B 149 66.71 8.71 18.53
CA ASN B 149 67.70 7.86 19.19
C ASN B 149 67.03 7.18 20.40
N LEU B 150 66.02 6.38 20.10
CA LEU B 150 65.30 5.58 21.07
C LEU B 150 65.36 4.12 20.65
N SER B 151 64.60 3.28 21.33
CA SER B 151 64.54 1.86 21.01
C SER B 151 63.11 1.42 20.77
N VAL B 152 62.99 0.28 20.08
CA VAL B 152 61.69 -0.26 19.67
C VAL B 152 60.86 -0.64 20.89
N GLU B 153 61.52 -1.14 21.95
CA GLU B 153 60.80 -1.55 23.15
C GLU B 153 60.15 -0.35 23.85
N GLN B 154 60.91 0.73 24.02
CA GLN B 154 60.35 1.92 24.66
C GLN B 154 59.30 2.58 23.77
N LEU B 155 59.51 2.58 22.45
CA LEU B 155 58.50 3.15 21.56
C LEU B 155 57.20 2.36 21.59
N THR B 156 57.30 1.03 21.61
CA THR B 156 56.11 0.18 21.70
C THR B 156 55.41 0.37 23.05
N GLN B 157 56.19 0.48 24.13
CA GLN B 157 55.61 0.71 25.44
C GLN B 157 54.87 2.04 25.51
N LEU B 158 55.45 3.09 24.92
CA LEU B 158 54.82 4.41 24.96
C LEU B 158 53.57 4.45 24.07
N ILE B 159 53.63 3.77 22.91
CA ILE B 159 52.47 3.68 22.03
C ILE B 159 51.33 2.92 22.71
N ALA B 160 51.65 1.81 23.39
CA ALA B 160 50.63 1.08 24.13
C ALA B 160 50.11 1.90 25.32
N LYS B 161 50.96 2.75 25.90
CA LYS B 161 50.51 3.64 26.97
C LYS B 161 49.49 4.64 26.44
N TYR B 162 49.71 5.19 25.25
CA TYR B 162 48.79 6.16 24.67
C TYR B 162 47.83 5.53 23.67
N SER B 163 47.54 4.24 23.81
CA SER B 163 46.59 3.54 22.95
C SER B 163 45.25 3.44 23.64
N GLN B 164 44.17 3.58 22.86
CA GLN B 164 42.81 3.51 23.36
C GLN B 164 42.07 2.37 22.66
N GLN B 165 41.25 1.66 23.43
CA GLN B 165 40.48 0.54 22.90
C GLN B 165 39.01 0.70 23.27
N PRO B 166 38.10 0.25 22.41
CA PRO B 166 36.68 0.31 22.74
C PRO B 166 36.30 -0.77 23.75
N LEU B 167 35.04 -0.70 24.21
CA LEU B 167 34.53 -1.68 25.15
C LEU B 167 34.48 -3.08 24.54
N VAL B 168 34.01 -3.17 23.30
CA VAL B 168 34.02 -4.41 22.54
C VAL B 168 34.71 -4.15 21.21
N LYS B 169 35.29 -5.21 20.64
CA LYS B 169 36.21 -5.06 19.51
C LYS B 169 35.53 -4.72 18.20
N TYR B 170 34.20 -4.77 18.11
CA TYR B 170 33.51 -4.58 16.84
C TYR B 170 32.81 -3.25 16.70
N ILE B 171 32.64 -2.48 17.79
CA ILE B 171 32.02 -1.16 17.66
C ILE B 171 33.02 -0.09 17.25
N GLY B 172 34.30 -0.42 17.20
CA GLY B 172 35.29 0.55 16.81
C GLY B 172 36.60 -0.12 16.47
N GLN B 173 37.67 0.66 16.55
CA GLN B 173 39.01 0.17 16.27
C GLN B 173 39.96 0.59 17.40
N PRO B 174 40.97 -0.22 17.69
CA PRO B 174 42.02 0.23 18.61
C PRO B 174 42.83 1.35 17.98
N VAL B 175 42.96 2.46 18.69
CA VAL B 175 43.60 3.66 18.16
C VAL B 175 44.60 4.20 19.16
N VAL B 176 45.50 5.06 18.67
CA VAL B 176 46.50 5.73 19.46
C VAL B 176 46.39 7.23 19.24
N ASN B 177 46.47 8.01 20.32
CA ASN B 177 46.38 9.46 20.25
C ASN B 177 47.71 10.01 19.76
N ILE B 178 47.72 10.56 18.55
CA ILE B 178 48.98 10.98 17.91
C ILE B 178 49.53 12.22 18.61
N VAL B 179 48.67 13.18 18.94
CA VAL B 179 49.12 14.44 19.54
C VAL B 179 49.75 14.21 20.90
N GLU B 180 49.07 13.43 21.75
CA GLU B 180 49.63 13.10 23.06
C GLU B 180 50.87 12.23 22.94
N LEU B 181 50.94 11.39 21.89
CA LEU B 181 52.14 10.61 21.61
C LEU B 181 53.33 11.52 21.33
N ASN B 182 53.13 12.55 20.52
CA ASN B 182 54.23 13.44 20.16
C ASN B 182 54.62 14.35 21.33
N LEU B 183 53.65 14.79 22.13
CA LEU B 183 53.97 15.53 23.34
C LEU B 183 54.73 14.67 24.34
N ALA B 184 54.37 13.38 24.44
CA ALA B 184 55.12 12.46 25.29
C ALA B 184 56.53 12.25 24.79
N LEU B 185 56.71 12.17 23.45
CA LEU B 185 58.04 12.06 22.88
C LEU B 185 58.89 13.29 23.18
N ASP B 186 58.30 14.48 23.07
CA ASP B 186 59.02 15.71 23.38
C ASP B 186 59.39 15.77 24.86
N LYS B 187 58.46 15.39 25.75
CA LYS B 187 58.75 15.41 27.18
C LYS B 187 59.79 14.36 27.56
N LEU B 188 59.82 13.23 26.86
CA LEU B 188 60.86 12.23 27.08
C LEU B 188 62.21 12.74 26.61
N ASP B 189 62.25 13.45 25.48
CA ASP B 189 63.51 14.02 25.00
C ASP B 189 64.03 15.10 25.94
N GLU B 190 63.16 15.96 26.45
CA GLU B 190 63.58 16.96 27.43
C GLU B 190 62.67 16.95 28.66
N MET C 1 17.06 23.18 -24.28
CA MET C 1 18.34 23.29 -24.97
C MET C 1 18.13 23.52 -26.47
N SER C 2 17.08 22.91 -27.02
CA SER C 2 16.76 23.04 -28.43
C SER C 2 15.25 22.83 -28.61
N ALA C 3 14.81 22.94 -29.87
CA ALA C 3 13.40 22.75 -30.18
C ALA C 3 12.94 21.32 -29.91
N GLY C 4 13.79 20.33 -30.21
CA GLY C 4 13.43 18.95 -29.92
C GLY C 4 13.32 18.66 -28.44
N VAL C 5 14.23 19.23 -27.65
CA VAL C 5 14.18 19.05 -26.19
C VAL C 5 12.96 19.76 -25.62
N ILE C 6 12.63 20.95 -26.15
CA ILE C 6 11.44 21.67 -25.71
C ILE C 6 10.18 20.87 -26.02
N THR C 7 10.11 20.30 -27.23
CA THR C 7 8.96 19.48 -27.61
C THR C 7 8.85 18.23 -26.75
N GLY C 8 9.98 17.58 -26.45
CA GLY C 8 9.94 16.41 -25.61
C GLY C 8 9.51 16.71 -24.18
N VAL C 9 10.03 17.80 -23.61
CA VAL C 9 9.64 18.21 -22.27
C VAL C 9 8.16 18.56 -22.22
N LEU C 10 7.67 19.28 -23.24
CA LEU C 10 6.26 19.64 -23.30
C LEU C 10 5.37 18.40 -23.43
N LEU C 11 5.78 17.42 -24.25
CA LEU C 11 5.00 16.21 -24.42
C LEU C 11 4.97 15.39 -23.13
N VAL C 12 6.11 15.31 -22.44
CA VAL C 12 6.17 14.58 -21.16
C VAL C 12 5.28 15.26 -20.12
N PHE C 13 5.31 16.60 -20.06
CA PHE C 13 4.46 17.31 -19.11
C PHE C 13 2.98 17.16 -19.45
N LEU C 14 2.64 17.13 -20.75
CA LEU C 14 1.25 16.92 -21.14
C LEU C 14 0.78 15.52 -20.78
N LEU C 15 1.63 14.50 -21.00
CA LEU C 15 1.26 13.14 -20.62
C LEU C 15 1.14 13.00 -19.12
N LEU C 16 2.03 13.67 -18.36
CA LEU C 16 1.94 13.64 -16.90
C LEU C 16 0.66 14.31 -16.41
N GLY C 17 0.29 15.44 -17.03
CA GLY C 17 -0.95 16.10 -16.67
C GLY C 17 -2.17 15.24 -16.98
N TYR C 18 -2.16 14.56 -18.12
CA TYR C 18 -3.24 13.65 -18.46
C TYR C 18 -3.34 12.50 -17.48
N LEU C 19 -2.19 11.94 -17.07
CA LEU C 19 -2.20 10.81 -16.15
C LEU C 19 -2.63 11.23 -14.75
N VAL C 20 -2.23 12.42 -14.30
CA VAL C 20 -2.67 12.92 -13.01
C VAL C 20 -4.17 13.24 -13.04
N TYR C 21 -4.64 13.77 -14.17
CA TYR C 21 -6.08 13.98 -14.35
C TYR C 21 -6.85 12.67 -14.29
N ALA C 22 -6.31 11.62 -14.93
CA ALA C 22 -6.97 10.31 -14.90
C ALA C 22 -6.94 9.70 -13.50
N LEU C 23 -5.88 9.97 -12.72
CA LEU C 23 -5.82 9.43 -11.37
C LEU C 23 -6.80 10.16 -10.45
N ILE C 24 -6.87 11.48 -10.55
CA ILE C 24 -7.75 12.26 -9.69
C ILE C 24 -9.21 12.01 -10.04
N ASN C 25 -9.53 11.99 -11.33
CA ASN C 25 -10.90 11.84 -11.81
C ASN C 25 -11.18 10.44 -12.34
N ALA C 26 -10.65 9.41 -11.69
CA ALA C 26 -10.91 8.03 -12.11
C ALA C 26 -12.34 7.65 -11.80
N GLU C 27 -13.23 7.80 -12.79
CA GLU C 27 -14.64 7.49 -12.60
C GLU C 27 -14.86 5.99 -12.58
N ALA D 7 -20.58 -20.75 -24.82
CA ALA D 7 -20.46 -20.09 -26.11
C ALA D 7 -19.05 -20.23 -26.66
N LEU D 8 -18.57 -21.48 -26.68
CA LEU D 8 -17.24 -21.86 -27.18
C LEU D 8 -16.11 -21.12 -26.49
N PHE D 9 -14.94 -21.08 -27.12
CA PHE D 9 -13.79 -20.34 -26.61
C PHE D 9 -13.36 -19.22 -27.54
N GLU D 10 -13.14 -19.51 -28.82
CA GLU D 10 -12.90 -18.49 -29.84
C GLU D 10 -13.55 -18.92 -31.14
N PRO D 11 -14.83 -18.58 -31.34
CA PRO D 11 -15.49 -18.90 -32.61
C PRO D 11 -14.93 -18.07 -33.75
N THR D 12 -14.97 -18.66 -34.95
CA THR D 12 -14.37 -18.04 -36.13
C THR D 12 -15.06 -16.74 -36.50
N LEU D 13 -16.39 -16.75 -36.54
CA LEU D 13 -17.13 -15.55 -36.93
C LEU D 13 -17.00 -14.46 -35.89
N VAL D 14 -16.98 -14.83 -34.60
CA VAL D 14 -16.79 -13.85 -33.53
C VAL D 14 -15.41 -13.21 -33.63
N VAL D 15 -14.38 -14.02 -33.86
CA VAL D 15 -13.01 -13.50 -33.96
C VAL D 15 -12.89 -12.58 -35.18
N GLN D 16 -13.43 -12.99 -36.33
CA GLN D 16 -13.25 -12.20 -37.54
C GLN D 16 -14.07 -10.91 -37.50
N ALA D 17 -15.24 -10.91 -36.85
CA ALA D 17 -15.99 -9.67 -36.72
C ALA D 17 -15.37 -8.73 -35.70
N LEU D 18 -14.93 -9.28 -34.56
CA LEU D 18 -14.40 -8.39 -33.54
C LEU D 18 -12.99 -7.92 -33.84
N LYS D 19 -12.28 -8.58 -34.76
CA LYS D 19 -11.03 -7.99 -35.26
C LYS D 19 -11.29 -6.71 -36.04
N GLU D 20 -12.34 -6.70 -36.88
CA GLU D 20 -12.76 -5.47 -37.54
C GLU D 20 -13.20 -4.43 -36.53
N ALA D 21 -13.84 -4.88 -35.43
CA ALA D 21 -14.15 -3.97 -34.34
C ALA D 21 -12.88 -3.36 -33.74
N VAL D 22 -11.84 -4.17 -33.57
CA VAL D 22 -10.55 -3.66 -33.06
C VAL D 22 -9.97 -2.61 -33.99
N LYS D 23 -10.01 -2.86 -35.30
CA LYS D 23 -9.65 -1.80 -36.24
C LYS D 23 -10.58 -0.59 -36.19
N LYS D 24 -11.79 -0.75 -35.65
CA LYS D 24 -12.69 0.39 -35.52
C LYS D 24 -12.60 1.12 -34.18
N LEU D 25 -12.07 0.50 -33.13
CA LEU D 25 -11.92 1.15 -31.83
C LEU D 25 -10.52 1.76 -31.62
N ASN D 26 -9.88 2.22 -32.67
CA ASN D 26 -8.62 2.96 -32.55
C ASN D 26 -8.76 4.41 -32.09
N PRO D 27 -9.57 5.31 -32.76
CA PRO D 27 -9.39 6.75 -32.52
C PRO D 27 -9.72 7.27 -31.13
N GLN D 28 -10.94 7.04 -30.62
CA GLN D 28 -11.40 7.67 -29.40
C GLN D 28 -11.78 6.68 -28.31
N ALA D 29 -11.66 5.37 -28.56
CA ALA D 29 -11.86 4.39 -27.52
C ALA D 29 -10.60 4.15 -26.69
N GLN D 30 -9.50 4.83 -27.01
CA GLN D 30 -8.23 4.60 -26.36
C GLN D 30 -7.98 5.50 -25.16
N TRP D 31 -8.49 6.73 -25.17
CA TRP D 31 -8.15 7.68 -24.12
C TRP D 31 -8.95 7.48 -22.84
N ARG D 32 -9.97 6.62 -22.87
CA ARG D 32 -10.62 6.21 -21.63
C ARG D 32 -9.73 5.31 -20.78
N ASN D 33 -8.81 4.58 -21.42
CA ASN D 33 -7.85 3.75 -20.71
C ASN D 33 -6.52 4.48 -20.70
N PRO D 34 -5.99 4.87 -19.53
CA PRO D 34 -4.78 5.70 -19.52
C PRO D 34 -3.53 4.95 -19.97
N VAL D 35 -3.38 3.70 -19.55
CA VAL D 35 -2.20 2.91 -19.93
C VAL D 35 -2.17 2.68 -21.44
N MET D 36 -3.31 2.27 -21.99
CA MET D 36 -3.37 2.05 -23.44
C MET D 36 -3.35 3.33 -24.23
N PHE D 37 -3.80 4.46 -23.67
CA PHE D 37 -3.62 5.72 -24.35
C PHE D 37 -2.15 6.14 -24.36
N ILE D 38 -1.42 5.81 -23.30
CA ILE D 38 0.03 6.05 -23.30
C ILE D 38 0.70 5.20 -24.38
N VAL D 39 0.29 3.94 -24.50
CA VAL D 39 0.85 3.07 -25.55
C VAL D 39 0.48 3.60 -26.94
N TRP D 40 -0.75 4.09 -27.10
CA TRP D 40 -1.19 4.65 -28.37
C TRP D 40 -0.40 5.91 -28.75
N ILE D 41 -0.17 6.79 -27.77
CA ILE D 41 0.61 8.00 -28.01
C ILE D 41 2.05 7.64 -28.36
N GLY D 42 2.61 6.66 -27.66
CA GLY D 42 3.95 6.21 -27.99
C GLY D 42 4.05 5.58 -29.37
N SER D 43 3.01 4.84 -29.76
CA SER D 43 2.97 4.25 -31.10
C SER D 43 2.92 5.32 -32.18
N LEU D 44 2.08 6.34 -31.98
CA LEU D 44 1.99 7.44 -32.94
C LEU D 44 3.30 8.22 -33.01
N LEU D 45 3.92 8.48 -31.86
CA LEU D 45 5.19 9.21 -31.82
C LEU D 45 6.30 8.43 -32.51
N THR D 46 6.35 7.11 -32.28
CA THR D 46 7.36 6.28 -32.93
C THR D 46 7.09 6.16 -34.43
N THR D 47 5.82 6.18 -34.84
CA THR D 47 5.50 6.18 -36.27
C THR D 47 5.99 7.48 -36.94
N CYS D 48 5.75 8.62 -36.30
CA CYS D 48 6.25 9.88 -36.85
C CYS D 48 7.78 9.93 -36.84
N ILE D 49 8.40 9.37 -35.81
CA ILE D 49 9.86 9.31 -35.74
C ILE D 49 10.42 8.43 -36.86
N SER D 50 9.74 7.32 -37.15
CA SER D 50 10.17 6.44 -38.23
C SER D 50 9.98 7.09 -39.60
N ILE D 51 8.91 7.86 -39.78
CA ILE D 51 8.72 8.61 -41.02
C ILE D 51 9.82 9.66 -41.19
N ALA D 52 10.17 10.34 -40.09
CA ALA D 52 11.26 11.31 -40.15
C ALA D 52 12.59 10.64 -40.43
N MET D 53 12.83 9.46 -39.86
CA MET D 53 14.06 8.72 -40.12
C MET D 53 14.11 8.25 -41.57
N ALA D 54 12.96 7.90 -42.15
CA ALA D 54 12.92 7.52 -43.55
C ALA D 54 13.23 8.70 -44.46
N SER D 55 12.60 9.85 -44.19
CA SER D 55 12.86 11.04 -45.01
C SER D 55 12.68 12.30 -44.16
N GLY D 56 13.78 12.74 -43.54
CA GLY D 56 13.82 14.07 -42.96
C GLY D 56 14.51 14.20 -41.62
N ALA D 57 15.09 13.11 -41.10
CA ALA D 57 15.84 13.14 -39.86
C ALA D 57 17.17 12.43 -40.04
N MET D 58 18.18 12.92 -39.32
CA MET D 58 19.54 12.41 -39.44
C MET D 58 19.80 10.97 -38.99
N PRO D 59 19.04 10.37 -38.06
CA PRO D 59 19.13 8.90 -37.92
C PRO D 59 18.67 8.20 -39.19
N GLY D 60 19.33 7.09 -39.51
CA GLY D 60 19.04 6.36 -40.73
C GLY D 60 18.41 5.01 -40.51
N ASN D 61 18.26 4.61 -39.24
CA ASN D 61 17.69 3.30 -38.91
C ASN D 61 16.17 3.40 -38.86
N ALA D 62 15.59 3.63 -40.05
CA ALA D 62 14.14 3.76 -40.15
C ALA D 62 13.45 2.40 -40.03
N LEU D 63 14.15 1.33 -40.41
CA LEU D 63 13.54 -0.01 -40.35
C LEU D 63 13.34 -0.45 -38.90
N PHE D 64 14.30 -0.15 -38.02
CA PHE D 64 14.17 -0.51 -36.61
C PHE D 64 13.04 0.26 -35.94
N SER D 65 12.97 1.57 -36.19
CA SER D 65 11.89 2.38 -35.63
C SER D 65 10.54 1.97 -36.21
N ALA D 66 10.50 1.58 -37.49
CA ALA D 66 9.26 1.09 -38.09
C ALA D 66 8.82 -0.21 -37.45
N ALA D 67 9.75 -1.12 -37.18
CA ALA D 67 9.42 -2.38 -36.52
C ALA D 67 8.91 -2.13 -35.10
N ILE D 68 9.56 -1.20 -34.37
CA ILE D 68 9.11 -0.87 -33.02
C ILE D 68 7.71 -0.27 -33.05
N SER D 69 7.45 0.65 -33.98
CA SER D 69 6.13 1.26 -34.10
C SER D 69 5.07 0.24 -34.49
N GLY D 70 5.40 -0.65 -35.41
CA GLY D 70 4.46 -1.69 -35.81
C GLY D 70 4.13 -2.63 -34.67
N TRP D 71 5.12 -2.98 -33.86
CA TRP D 71 4.84 -3.88 -32.74
C TRP D 71 4.11 -3.16 -31.61
N LEU D 72 4.30 -1.85 -31.44
CA LEU D 72 3.49 -1.10 -30.49
C LEU D 72 2.03 -1.02 -30.95
N TRP D 73 1.81 -0.80 -32.25
CA TRP D 73 0.46 -0.83 -32.79
C TRP D 73 -0.16 -2.22 -32.64
N ILE D 74 0.65 -3.27 -32.80
CA ILE D 74 0.18 -4.63 -32.58
C ILE D 74 -0.18 -4.85 -31.11
N THR D 75 0.57 -4.23 -30.19
CA THR D 75 0.24 -4.33 -28.77
C THR D 75 -1.12 -3.69 -28.47
N VAL D 76 -1.35 -2.50 -29.03
CA VAL D 76 -2.66 -1.85 -28.91
C VAL D 76 -3.75 -2.72 -29.52
N LEU D 77 -3.47 -3.32 -30.67
CA LEU D 77 -4.44 -4.15 -31.37
C LEU D 77 -4.79 -5.40 -30.56
N PHE D 78 -3.80 -6.00 -29.90
CA PHE D 78 -4.09 -7.20 -29.12
C PHE D 78 -4.82 -6.88 -27.82
N ALA D 79 -4.51 -5.74 -27.19
CA ALA D 79 -5.29 -5.34 -26.02
C ALA D 79 -6.74 -5.05 -26.39
N ASN D 80 -6.95 -4.32 -27.49
CA ASN D 80 -8.31 -4.11 -27.96
C ASN D 80 -8.94 -5.41 -28.45
N PHE D 81 -8.13 -6.38 -28.88
CA PHE D 81 -8.65 -7.69 -29.25
C PHE D 81 -9.19 -8.43 -28.04
N ALA D 82 -8.47 -8.35 -26.91
CA ALA D 82 -8.98 -8.93 -25.67
C ALA D 82 -10.28 -8.29 -25.25
N GLU D 83 -10.31 -6.96 -25.23
CA GLU D 83 -11.53 -6.25 -24.81
C GLU D 83 -12.70 -6.52 -25.76
N ALA D 84 -12.44 -6.49 -27.07
CA ALA D 84 -13.49 -6.73 -28.06
C ALA D 84 -13.94 -8.19 -28.06
N LEU D 85 -13.03 -9.13 -27.82
CA LEU D 85 -13.44 -10.53 -27.76
C LEU D 85 -14.34 -10.80 -26.57
N ALA D 86 -14.02 -10.21 -25.41
CA ALA D 86 -14.90 -10.34 -24.25
C ALA D 86 -16.26 -9.69 -24.52
N GLU D 87 -16.26 -8.50 -25.10
CA GLU D 87 -17.52 -7.81 -25.38
C GLU D 87 -18.33 -8.55 -26.44
N GLY D 88 -17.66 -9.13 -27.43
CA GLY D 88 -18.37 -9.90 -28.46
C GLY D 88 -18.96 -11.18 -27.93
N ARG D 89 -18.25 -11.86 -27.01
CA ARG D 89 -18.81 -13.05 -26.38
C ARG D 89 -20.03 -12.69 -25.53
N SER D 90 -19.95 -11.59 -24.78
CA SER D 90 -21.09 -11.16 -23.98
C SER D 90 -22.27 -10.75 -24.88
N LYS D 91 -22.00 -10.06 -25.98
CA LYS D 91 -23.04 -9.67 -26.91
C LYS D 91 -23.66 -10.88 -27.60
N ALA D 92 -22.85 -11.90 -27.91
CA ALA D 92 -23.38 -13.11 -28.51
C ALA D 92 -24.29 -13.86 -27.55
N GLN D 93 -23.89 -13.95 -26.27
CA GLN D 93 -24.75 -14.58 -25.27
C GLN D 93 -26.06 -13.80 -25.10
N ALA D 94 -25.97 -12.47 -25.04
CA ALA D 94 -27.17 -11.66 -24.88
C ALA D 94 -28.07 -11.73 -26.11
N ASN D 95 -27.50 -11.84 -27.31
CA ASN D 95 -28.31 -11.91 -28.52
C ASN D 95 -28.93 -13.30 -28.67
N SER D 96 -28.22 -14.34 -28.23
CA SER D 96 -28.81 -15.68 -28.20
C SER D 96 -29.96 -15.75 -27.21
N LEU D 97 -29.82 -15.10 -26.06
CA LEU D 97 -30.92 -15.02 -25.10
C LEU D 97 -32.03 -14.10 -25.60
N LYS D 98 -31.72 -13.16 -26.50
CA LYS D 98 -32.73 -12.25 -27.02
C LYS D 98 -33.66 -12.94 -28.01
N GLY D 99 -33.19 -13.99 -28.67
CA GLY D 99 -33.95 -14.63 -29.73
C GLY D 99 -35.09 -15.52 -29.26
N VAL D 100 -35.95 -14.98 -28.40
CA VAL D 100 -37.16 -15.67 -27.95
C VAL D 100 -38.26 -15.45 -28.98
N LYS D 101 -39.35 -16.21 -28.86
CA LYS D 101 -40.49 -16.08 -29.76
C LYS D 101 -41.55 -15.11 -29.22
N LYS D 102 -41.13 -14.13 -28.41
CA LYS D 102 -42.06 -13.14 -27.86
C LYS D 102 -42.47 -12.20 -28.97
N THR D 103 -43.70 -12.35 -29.46
CA THR D 103 -44.19 -11.58 -30.61
C THR D 103 -45.48 -10.87 -30.27
N ALA D 104 -46.15 -10.33 -31.29
CA ALA D 104 -47.37 -9.55 -31.13
C ALA D 104 -48.62 -10.40 -31.00
N PHE D 105 -48.49 -11.68 -30.65
CA PHE D 105 -49.64 -12.56 -30.44
C PHE D 105 -50.03 -12.50 -28.97
N ALA D 106 -51.26 -12.05 -28.70
CA ALA D 106 -51.74 -11.93 -27.34
C ALA D 106 -53.26 -12.03 -27.34
N ARG D 107 -53.81 -12.33 -26.16
CA ARG D 107 -55.25 -12.43 -25.96
C ARG D 107 -55.64 -11.47 -24.83
N LYS D 108 -55.87 -10.21 -25.19
CA LYS D 108 -56.26 -9.22 -24.21
C LYS D 108 -57.68 -9.48 -23.71
N LEU D 109 -57.90 -9.26 -22.41
CA LEU D 109 -59.21 -9.45 -21.79
C LEU D 109 -59.62 -8.16 -21.11
N ARG D 110 -60.78 -7.63 -21.51
CA ARG D 110 -61.33 -6.46 -20.83
C ARG D 110 -61.81 -6.81 -19.43
N GLU D 111 -62.32 -8.03 -19.25
CA GLU D 111 -62.73 -8.57 -17.97
C GLU D 111 -61.85 -9.76 -17.62
N PRO D 112 -61.38 -9.88 -16.36
CA PRO D 112 -60.40 -10.93 -16.04
C PRO D 112 -60.96 -12.34 -15.96
N LYS D 113 -62.21 -12.54 -16.38
CA LYS D 113 -62.76 -13.89 -16.44
C LYS D 113 -62.17 -14.66 -17.61
N TYR D 114 -62.33 -15.98 -17.57
CA TYR D 114 -61.86 -16.84 -18.65
C TYR D 114 -62.71 -16.66 -19.90
N GLY D 115 -62.05 -16.60 -21.05
CA GLY D 115 -62.73 -16.49 -22.33
C GLY D 115 -63.40 -15.16 -22.55
N ALA D 116 -62.61 -14.10 -22.68
CA ALA D 116 -63.12 -12.74 -22.83
C ALA D 116 -62.75 -12.20 -24.21
N ALA D 117 -63.69 -12.31 -25.15
CA ALA D 117 -63.73 -11.59 -26.42
C ALA D 117 -62.69 -12.01 -27.45
N ALA D 118 -61.73 -12.87 -27.06
CA ALA D 118 -60.69 -13.42 -27.94
C ALA D 118 -59.94 -12.32 -28.69
N ASP D 119 -59.57 -11.28 -27.97
CA ASP D 119 -58.96 -10.11 -28.58
C ASP D 119 -57.53 -10.42 -29.04
N LYS D 120 -57.05 -9.60 -29.98
CA LYS D 120 -55.68 -9.67 -30.48
C LYS D 120 -55.07 -8.28 -30.39
N VAL D 121 -54.00 -8.15 -29.60
CA VAL D 121 -53.33 -6.87 -29.41
C VAL D 121 -51.83 -7.03 -29.70
N PRO D 122 -51.16 -6.01 -30.20
CA PRO D 122 -49.71 -6.12 -30.47
C PRO D 122 -48.90 -5.91 -29.19
N ALA D 123 -47.58 -6.08 -29.36
CA ALA D 123 -46.67 -6.00 -28.21
C ALA D 123 -46.49 -4.58 -27.70
N ASP D 124 -46.50 -3.58 -28.61
CA ASP D 124 -46.32 -2.20 -28.17
C ASP D 124 -47.56 -1.66 -27.47
N GLN D 125 -48.73 -2.23 -27.76
CA GLN D 125 -49.97 -1.80 -27.11
C GLN D 125 -50.17 -2.61 -25.83
N LEU D 126 -49.22 -2.44 -24.92
CA LEU D 126 -49.24 -3.05 -23.60
C LEU D 126 -48.61 -2.08 -22.61
N ARG D 127 -49.18 -2.03 -21.40
CA ARG D 127 -48.74 -1.07 -20.39
C ARG D 127 -48.67 -1.78 -19.05
N LYS D 128 -48.56 -0.99 -17.97
CA LYS D 128 -48.43 -1.53 -16.63
C LYS D 128 -49.67 -2.32 -16.22
N GLY D 129 -50.86 -1.80 -16.53
CA GLY D 129 -52.08 -2.49 -16.18
C GLY D 129 -52.77 -3.12 -17.37
N ASP D 130 -52.69 -4.45 -17.46
CA ASP D 130 -53.33 -5.18 -18.55
C ASP D 130 -53.57 -6.61 -18.11
N ILE D 131 -54.53 -7.26 -18.76
CA ILE D 131 -54.89 -8.65 -18.49
C ILE D 131 -54.81 -9.41 -19.81
N VAL D 132 -54.03 -10.49 -19.82
CA VAL D 132 -53.78 -11.26 -21.02
C VAL D 132 -54.08 -12.73 -20.73
N LEU D 133 -54.42 -13.48 -21.78
CA LEU D 133 -54.72 -14.90 -21.67
C LEU D 133 -53.78 -15.68 -22.58
N VAL D 134 -53.35 -16.85 -22.11
CA VAL D 134 -52.51 -17.75 -22.89
C VAL D 134 -53.16 -19.14 -22.90
N GLU D 135 -52.82 -19.92 -23.92
CA GLU D 135 -53.32 -21.27 -24.05
C GLU D 135 -52.16 -22.24 -24.21
N ALA D 136 -52.44 -23.49 -24.57
CA ALA D 136 -51.39 -24.49 -24.74
C ALA D 136 -50.50 -24.12 -25.94
N GLY D 137 -49.19 -24.19 -25.73
CA GLY D 137 -48.23 -23.83 -26.76
C GLY D 137 -48.24 -22.36 -27.12
N ASP D 138 -48.37 -21.48 -26.13
CA ASP D 138 -48.40 -20.05 -26.35
C ASP D 138 -47.20 -19.38 -25.70
N ILE D 139 -46.61 -18.41 -26.38
CA ILE D 139 -45.50 -17.65 -25.85
C ILE D 139 -46.03 -16.57 -24.91
N ILE D 140 -45.37 -16.40 -23.77
CA ILE D 140 -45.79 -15.42 -22.77
C ILE D 140 -45.45 -14.02 -23.28
N PRO D 141 -46.44 -13.13 -23.43
CA PRO D 141 -46.15 -11.77 -23.90
C PRO D 141 -45.39 -10.94 -22.89
N CYS D 142 -45.87 -10.90 -21.65
CA CYS D 142 -45.31 -10.03 -20.62
C CYS D 142 -45.32 -10.75 -19.28
N ASP D 143 -44.38 -10.37 -18.43
CA ASP D 143 -44.30 -10.96 -17.10
C ASP D 143 -45.43 -10.45 -16.21
N GLY D 144 -45.88 -11.29 -15.29
CA GLY D 144 -46.91 -10.92 -14.35
C GLY D 144 -47.43 -12.09 -13.55
N GLU D 145 -48.11 -11.80 -12.44
CA GLU D 145 -48.68 -12.85 -11.62
C GLU D 145 -49.90 -13.46 -12.31
N VAL D 146 -50.16 -14.72 -12.00
CA VAL D 146 -51.29 -15.46 -12.55
C VAL D 146 -52.46 -15.32 -11.60
N ILE D 147 -53.60 -14.84 -12.12
CA ILE D 147 -54.78 -14.61 -11.30
C ILE D 147 -55.82 -15.72 -11.43
N GLU D 148 -55.74 -16.57 -12.46
CA GLU D 148 -56.69 -17.65 -12.63
C GLU D 148 -56.03 -18.76 -13.43
N GLY D 149 -56.25 -20.00 -12.98
CA GLY D 149 -55.72 -21.17 -13.65
C GLY D 149 -54.29 -21.49 -13.22
N GLY D 150 -53.86 -22.69 -13.61
CA GLY D 150 -52.53 -23.15 -13.26
C GLY D 150 -52.14 -24.42 -13.99
N ALA D 151 -50.95 -24.44 -14.57
CA ALA D 151 -50.48 -25.59 -15.34
C ALA D 151 -48.96 -25.57 -15.34
N SER D 152 -48.36 -26.32 -16.26
CA SER D 152 -46.91 -26.43 -16.38
C SER D 152 -46.41 -25.45 -17.43
N VAL D 153 -45.41 -24.66 -17.07
CA VAL D 153 -44.84 -23.64 -17.95
C VAL D 153 -43.41 -24.04 -18.28
N ASP D 154 -43.12 -24.23 -19.57
CA ASP D 154 -41.79 -24.64 -20.02
C ASP D 154 -40.91 -23.42 -20.21
N GLU D 155 -39.94 -23.24 -19.31
CA GLU D 155 -39.03 -22.09 -19.34
C GLU D 155 -37.68 -22.44 -19.93
N SER D 156 -37.65 -23.31 -20.94
CA SER D 156 -36.38 -23.75 -21.52
C SER D 156 -35.69 -22.60 -22.25
N ALA D 157 -36.44 -21.80 -23.00
CA ALA D 157 -35.86 -20.74 -23.83
C ALA D 157 -35.21 -19.64 -23.02
N ILE D 158 -35.57 -19.49 -21.74
CA ILE D 158 -34.96 -18.50 -20.86
C ILE D 158 -33.92 -19.13 -19.95
N THR D 159 -34.28 -20.23 -19.28
CA THR D 159 -33.38 -20.82 -18.29
C THR D 159 -32.22 -21.55 -18.93
N GLY D 160 -32.46 -22.27 -20.02
CA GLY D 160 -31.46 -23.14 -20.60
C GLY D 160 -31.61 -24.59 -20.22
N GLU D 161 -32.67 -24.96 -19.51
CA GLU D 161 -32.92 -26.33 -19.10
C GLU D 161 -34.42 -26.60 -19.12
N ALA D 163 -37.82 -29.40 -18.22
CA ALA D 163 -38.70 -29.68 -17.08
C ALA D 163 -39.60 -28.50 -16.70
N PRO D 164 -40.80 -28.45 -17.29
CA PRO D 164 -41.72 -27.34 -17.01
C PRO D 164 -42.07 -27.20 -15.53
N VAL D 165 -42.15 -25.95 -15.07
CA VAL D 165 -42.42 -25.64 -13.68
C VAL D 165 -43.92 -25.50 -13.48
N ILE D 166 -44.38 -25.83 -12.28
CA ILE D 166 -45.80 -25.79 -11.95
C ILE D 166 -46.11 -24.43 -11.34
N ARG D 167 -47.01 -23.69 -11.98
CA ARG D 167 -47.42 -22.36 -11.53
C ARG D 167 -48.85 -22.42 -11.00
N GLU D 168 -49.10 -21.72 -9.90
CA GLU D 168 -50.40 -21.71 -9.26
C GLU D 168 -50.86 -20.27 -9.12
N SER D 169 -52.18 -20.08 -9.15
CA SER D 169 -52.78 -18.74 -9.21
C SER D 169 -52.61 -18.05 -7.86
N GLY D 170 -51.68 -17.10 -7.80
CA GLY D 170 -51.50 -16.31 -6.59
C GLY D 170 -50.85 -17.03 -5.43
N GLY D 171 -50.13 -18.12 -5.69
CA GLY D 171 -49.44 -18.87 -4.67
C GLY D 171 -47.97 -18.55 -4.59
N ASP D 172 -47.18 -19.54 -4.16
CA ASP D 172 -45.74 -19.37 -4.12
C ASP D 172 -45.15 -19.27 -5.53
N PHE D 173 -45.68 -20.06 -6.47
CA PHE D 173 -45.26 -20.00 -7.87
C PHE D 173 -46.34 -19.23 -8.64
N ALA D 174 -46.26 -17.91 -8.56
CA ALA D 174 -47.26 -17.04 -9.16
C ALA D 174 -46.78 -16.36 -10.44
N SER D 175 -45.60 -15.75 -10.41
CA SER D 175 -45.11 -15.02 -11.57
C SER D 175 -44.62 -15.98 -12.65
N VAL D 176 -44.68 -15.51 -13.89
CA VAL D 176 -44.31 -16.29 -15.07
C VAL D 176 -43.27 -15.51 -15.87
N THR D 177 -42.25 -16.22 -16.35
CA THR D 177 -41.20 -15.60 -17.15
C THR D 177 -41.68 -15.47 -18.60
N GLY D 178 -41.44 -14.31 -19.20
CA GLY D 178 -41.81 -14.10 -20.58
C GLY D 178 -40.97 -14.89 -21.55
N GLY D 179 -41.51 -15.10 -22.74
CA GLY D 179 -40.82 -15.89 -23.75
C GLY D 179 -40.79 -17.37 -23.47
N THR D 180 -41.70 -17.87 -22.64
CA THR D 180 -41.72 -19.27 -22.23
C THR D 180 -43.03 -19.90 -22.67
N ARG D 181 -42.94 -21.14 -23.15
CA ARG D 181 -44.13 -21.82 -23.66
C ARG D 181 -45.03 -22.28 -22.52
N ILE D 182 -46.31 -22.46 -22.84
CA ILE D 182 -47.32 -22.91 -21.90
C ILE D 182 -47.79 -24.29 -22.32
N LEU D 183 -47.77 -25.23 -21.38
CA LEU D 183 -48.21 -26.60 -21.65
C LEU D 183 -49.46 -26.91 -20.85
N SER D 184 -50.26 -27.85 -21.38
CA SER D 184 -51.47 -28.39 -20.76
C SER D 184 -52.48 -27.27 -20.57
N ASP D 185 -52.88 -26.92 -19.36
CA ASP D 185 -53.99 -26.02 -19.13
C ASP D 185 -53.58 -24.56 -19.33
N TRP D 186 -54.54 -23.66 -19.12
CA TRP D 186 -54.39 -22.23 -19.35
C TRP D 186 -54.03 -21.49 -18.07
N LEU D 187 -53.43 -20.32 -18.25
CA LEU D 187 -53.05 -19.44 -17.14
C LEU D 187 -53.51 -18.02 -17.49
N VAL D 188 -54.52 -17.53 -16.79
CA VAL D 188 -54.96 -16.14 -16.95
C VAL D 188 -53.98 -15.25 -16.22
N ILE D 189 -53.31 -14.36 -16.96
CA ILE D 189 -52.15 -13.63 -16.46
C ILE D 189 -52.44 -12.14 -16.51
N GLU D 190 -52.32 -11.48 -15.36
CA GLU D 190 -52.40 -10.02 -15.29
C GLU D 190 -51.00 -9.44 -15.42
N CYS D 191 -50.88 -8.43 -16.29
CA CYS D 191 -49.58 -7.83 -16.55
C CYS D 191 -49.09 -7.04 -15.33
N SER D 192 -47.79 -7.21 -15.02
CA SER D 192 -47.17 -6.51 -13.89
C SER D 192 -46.42 -5.26 -14.35
N VAL D 193 -45.45 -5.44 -15.23
CA VAL D 193 -44.63 -4.34 -15.76
C VAL D 193 -44.73 -4.37 -17.27
N ASN D 194 -44.77 -3.18 -17.89
CA ASN D 194 -44.92 -3.06 -19.33
C ASN D 194 -43.71 -3.67 -20.05
N PRO D 195 -43.92 -4.22 -21.25
CA PRO D 195 -42.79 -4.81 -21.99
C PRO D 195 -41.76 -3.77 -22.41
N GLY D 196 -40.52 -4.24 -22.53
CA GLY D 196 -39.38 -3.37 -22.73
C GLY D 196 -38.69 -2.99 -21.45
N GLU D 197 -39.44 -2.90 -20.34
CA GLU D 197 -38.88 -2.66 -19.01
C GLU D 197 -38.96 -3.97 -18.25
N THR D 198 -37.96 -4.82 -18.46
CA THR D 198 -37.82 -6.10 -17.78
C THR D 198 -36.38 -6.21 -17.34
N PHE D 199 -36.13 -7.02 -16.31
CA PHE D 199 -34.75 -7.22 -15.85
C PHE D 199 -33.88 -7.83 -16.95
N LEU D 200 -34.45 -8.76 -17.72
CA LEU D 200 -33.75 -9.32 -18.87
C LEU D 200 -33.49 -8.25 -19.92
N ASP D 201 -34.45 -7.36 -20.15
CA ASP D 201 -34.28 -6.28 -21.12
C ASP D 201 -33.21 -5.28 -20.67
N ARG D 202 -33.17 -4.96 -19.37
CA ARG D 202 -32.14 -4.08 -18.86
C ARG D 202 -30.76 -4.71 -18.97
N MET D 203 -30.65 -6.00 -18.68
CA MET D 203 -29.37 -6.68 -18.84
C MET D 203 -28.93 -6.73 -20.30
N ILE D 204 -29.88 -6.97 -21.21
CA ILE D 204 -29.58 -6.99 -22.64
C ILE D 204 -29.13 -5.61 -23.12
N ALA D 205 -29.80 -4.55 -22.66
CA ALA D 205 -29.41 -3.20 -23.03
C ALA D 205 -28.08 -2.80 -22.41
N MET D 206 -27.77 -3.31 -21.21
CA MET D 206 -26.47 -3.04 -20.61
C MET D 206 -25.34 -3.75 -21.37
N VAL D 207 -25.61 -4.96 -21.87
CA VAL D 207 -24.58 -5.69 -22.60
C VAL D 207 -24.39 -5.10 -23.99
N GLU D 208 -25.46 -4.99 -24.76
CA GLU D 208 -25.37 -4.47 -26.12
C GLU D 208 -25.17 -2.96 -26.07
N GLY D 209 -24.07 -2.49 -26.68
CA GLY D 209 -23.69 -1.10 -26.51
C GLY D 209 -23.04 -0.91 -25.16
N ALA D 210 -21.87 -1.53 -24.98
CA ALA D 210 -21.27 -1.70 -23.66
C ALA D 210 -20.76 -0.39 -23.07
N GLN D 211 -21.60 0.26 -22.28
CA GLN D 211 -21.23 1.42 -21.48
C GLN D 211 -21.08 1.05 -20.01
N ARG D 212 -20.48 -0.12 -19.76
CA ARG D 212 -20.41 -0.71 -18.43
C ARG D 212 -19.65 0.19 -17.46
N ARG D 213 -20.24 0.40 -16.28
CA ARG D 213 -19.62 1.20 -15.24
C ARG D 213 -18.57 0.38 -14.50
N LYS D 214 -17.43 1.01 -14.24
CA LYS D 214 -16.37 0.34 -13.50
C LYS D 214 -16.76 0.15 -12.04
N THR D 215 -16.42 -1.01 -11.49
CA THR D 215 -16.60 -1.27 -10.07
C THR D 215 -15.56 -0.47 -9.27
N PRO D 216 -15.82 -0.23 -7.98
CA PRO D 216 -14.81 0.45 -7.15
C PRO D 216 -13.47 -0.27 -7.07
N ASN D 217 -13.48 -1.60 -7.06
CA ASN D 217 -12.23 -2.36 -7.08
C ASN D 217 -11.46 -2.12 -8.38
N GLU D 218 -12.17 -2.11 -9.51
CA GLU D 218 -11.54 -1.82 -10.79
C GLU D 218 -11.04 -0.39 -10.85
N ILE D 219 -11.76 0.54 -10.23
CA ILE D 219 -11.32 1.94 -10.20
C ILE D 219 -10.04 2.09 -9.39
N ALA D 220 -9.98 1.43 -8.22
CA ALA D 220 -8.77 1.49 -7.40
C ALA D 220 -7.58 0.82 -8.09
N LEU D 221 -7.82 -0.30 -8.78
CA LEU D 221 -6.76 -0.93 -9.54
C LEU D 221 -6.29 -0.05 -10.69
N THR D 222 -7.23 0.65 -11.34
CA THR D 222 -6.87 1.59 -12.40
C THR D 222 -6.03 2.74 -11.86
N ILE D 223 -6.35 3.22 -10.65
CA ILE D 223 -5.54 4.26 -10.01
C ILE D 223 -4.13 3.76 -9.75
N LEU D 224 -4.01 2.52 -9.26
CA LEU D 224 -2.69 1.93 -9.03
C LEU D 224 -1.89 1.77 -10.32
N LEU D 225 -2.56 1.33 -11.40
CA LEU D 225 -1.88 1.20 -12.69
C LEU D 225 -1.49 2.57 -13.25
N ILE D 226 -2.29 3.60 -13.01
CA ILE D 226 -1.95 4.95 -13.43
C ILE D 226 -0.71 5.43 -12.69
N ALA D 227 -0.63 5.17 -11.38
CA ALA D 227 0.55 5.58 -10.61
C ALA D 227 1.81 4.87 -11.10
N LEU D 228 1.70 3.57 -11.42
CA LEU D 228 2.84 2.86 -11.99
C LEU D 228 3.22 3.42 -13.36
N THR D 229 2.22 3.77 -14.17
CA THR D 229 2.49 4.41 -15.45
C THR D 229 3.22 5.74 -15.26
N ILE D 230 2.86 6.49 -14.21
CA ILE D 230 3.49 7.78 -13.97
C ILE D 230 4.95 7.61 -13.57
N VAL D 231 5.24 6.67 -12.67
CA VAL D 231 6.65 6.49 -12.27
C VAL D 231 7.47 5.93 -13.43
N PHE D 232 6.91 5.04 -14.25
CA PHE D 232 7.67 4.52 -15.37
C PHE D 232 7.89 5.58 -16.44
N LEU D 233 6.89 6.44 -16.68
CA LEU D 233 7.04 7.55 -17.60
C LEU D 233 8.09 8.54 -17.11
N LEU D 234 8.12 8.80 -15.80
CA LEU D 234 9.11 9.70 -15.24
C LEU D 234 10.52 9.13 -15.41
N ALA D 235 10.71 7.84 -15.11
CA ALA D 235 12.02 7.22 -15.29
C ALA D 235 12.46 7.24 -16.75
N THR D 236 11.54 6.89 -17.66
CA THR D 236 11.86 6.87 -19.08
C THR D 236 12.19 8.27 -19.61
N ALA D 237 11.40 9.27 -19.23
CA ALA D 237 11.64 10.64 -19.69
C ALA D 237 12.95 11.19 -19.14
N THR D 238 13.26 10.89 -17.87
CA THR D 238 14.50 11.38 -17.30
C THR D 238 15.73 10.60 -17.75
N LEU D 239 15.55 9.43 -18.38
CA LEU D 239 16.69 8.71 -18.92
C LEU D 239 17.39 9.46 -20.06
N TRP D 240 16.68 10.35 -20.76
CA TRP D 240 17.31 11.04 -21.89
C TRP D 240 18.43 11.99 -21.46
N PRO D 241 18.24 12.91 -20.48
CA PRO D 241 19.39 13.74 -20.09
C PRO D 241 20.46 12.96 -19.33
N PHE D 242 20.09 11.93 -18.59
CA PHE D 242 21.03 11.18 -17.77
C PHE D 242 22.09 10.50 -18.64
N SER D 243 21.66 9.92 -19.76
CA SER D 243 22.59 9.34 -20.72
C SER D 243 23.13 10.38 -21.70
N ALA D 244 22.39 11.46 -21.93
CA ALA D 244 22.85 12.51 -22.84
C ALA D 244 24.10 13.20 -22.31
N TRP D 245 24.17 13.41 -21.00
CA TRP D 245 25.38 13.99 -20.43
C TRP D 245 26.53 12.97 -20.42
N GLY D 246 26.22 11.71 -20.13
CA GLY D 246 27.27 10.70 -20.03
C GLY D 246 27.93 10.41 -21.36
N GLY D 247 27.15 10.28 -22.42
CA GLY D 247 27.70 10.04 -23.74
C GLY D 247 26.77 10.49 -24.84
N ASN D 248 26.64 9.68 -25.88
CA ASN D 248 25.62 9.93 -26.89
C ASN D 248 24.25 9.64 -26.28
N ALA D 249 23.30 10.55 -26.54
CA ALA D 249 21.96 10.41 -25.96
C ALA D 249 21.24 9.19 -26.52
N VAL D 250 20.48 8.52 -25.66
CA VAL D 250 19.71 7.36 -26.09
C VAL D 250 18.58 7.82 -27.02
N SER D 251 18.33 7.03 -28.06
CA SER D 251 17.34 7.40 -29.06
C SER D 251 15.94 7.38 -28.46
N VAL D 252 15.06 8.20 -29.04
CA VAL D 252 13.71 8.37 -28.51
C VAL D 252 12.89 7.11 -28.70
N THR D 253 13.09 6.40 -29.83
CA THR D 253 12.32 5.19 -30.09
C THR D 253 12.64 4.08 -29.09
N VAL D 254 13.90 3.97 -28.66
CA VAL D 254 14.26 2.98 -27.64
C VAL D 254 13.63 3.35 -26.30
N LEU D 255 13.58 4.65 -25.99
CA LEU D 255 12.92 5.11 -24.77
C LEU D 255 11.42 4.79 -24.80
N VAL D 256 10.77 5.03 -25.93
CA VAL D 256 9.33 4.73 -26.04
C VAL D 256 9.09 3.23 -25.94
N ALA D 257 9.95 2.42 -26.56
CA ALA D 257 9.83 0.97 -26.46
C ALA D 257 9.99 0.49 -25.02
N LEU D 258 10.97 1.04 -24.30
CA LEU D 258 11.16 0.69 -22.90
C LEU D 258 9.99 1.13 -22.04
N LEU D 259 9.43 2.32 -22.32
CA LEU D 259 8.28 2.81 -21.58
C LEU D 259 7.07 1.92 -21.77
N VAL D 260 6.81 1.48 -23.01
CA VAL D 260 5.69 0.59 -23.26
C VAL D 260 5.93 -0.77 -22.62
N CYS D 261 7.17 -1.26 -22.66
CA CYS D 261 7.50 -2.53 -22.03
C CYS D 261 7.45 -2.45 -20.50
N LEU D 262 7.53 -1.26 -19.94
CA LEU D 262 7.59 -1.08 -18.48
C LEU D 262 6.22 -0.97 -17.83
N ILE D 263 5.33 -0.18 -18.42
CA ILE D 263 4.03 0.14 -17.84
C ILE D 263 3.18 -1.12 -17.80
N PRO D 264 2.18 -1.23 -16.90
CA PRO D 264 1.39 -2.46 -16.82
C PRO D 264 0.51 -2.67 -18.06
N THR D 265 1.16 -3.11 -19.13
CA THR D 265 0.49 -3.29 -20.42
C THR D 265 -0.49 -4.44 -20.38
N THR D 266 -0.12 -5.54 -19.71
CA THR D 266 -0.93 -6.75 -19.69
C THR D 266 -2.25 -6.52 -18.97
N ILE D 267 -2.20 -6.17 -17.69
CA ILE D 267 -3.43 -5.92 -16.93
C ILE D 267 -4.14 -4.67 -17.43
N GLY D 268 -3.37 -3.67 -17.87
CA GLY D 268 -3.97 -2.46 -18.41
C GLY D 268 -4.74 -2.67 -19.71
N GLY D 269 -4.40 -3.72 -20.46
CA GLY D 269 -5.16 -4.05 -21.64
C GLY D 269 -6.20 -5.14 -21.41
N LEU D 270 -6.06 -5.88 -20.32
CA LEU D 270 -6.96 -6.99 -20.02
C LEU D 270 -7.98 -6.69 -18.93
N LEU D 271 -7.99 -5.46 -18.38
CA LEU D 271 -8.93 -5.14 -17.30
C LEU D 271 -10.39 -5.20 -17.76
N SER D 272 -10.69 -4.56 -18.89
CA SER D 272 -12.06 -4.59 -19.42
C SER D 272 -12.43 -5.99 -19.87
N ALA D 273 -11.47 -6.74 -20.40
CA ALA D 273 -11.72 -8.13 -20.76
C ALA D 273 -12.07 -8.96 -19.54
N ILE D 274 -11.37 -8.75 -18.42
CA ILE D 274 -11.66 -9.47 -17.18
C ILE D 274 -13.06 -9.14 -16.70
N GLY D 275 -13.42 -7.85 -16.70
CA GLY D 275 -14.74 -7.47 -16.22
C GLY D 275 -15.88 -8.02 -17.07
N VAL D 276 -15.75 -7.88 -18.39
CA VAL D 276 -16.82 -8.34 -19.28
C VAL D 276 -16.89 -9.86 -19.29
N ALA D 277 -15.74 -10.55 -19.20
CA ALA D 277 -15.76 -12.01 -19.12
C ALA D 277 -16.36 -12.49 -17.80
N GLY D 278 -16.13 -11.77 -16.70
CA GLY D 278 -16.80 -12.13 -15.46
C GLY D 278 -18.30 -11.96 -15.54
N MET D 279 -18.76 -10.88 -16.18
CA MET D 279 -20.20 -10.70 -16.37
C MET D 279 -20.77 -11.79 -17.29
N SER D 280 -20.01 -12.18 -18.31
CA SER D 280 -20.47 -13.23 -19.22
C SER D 280 -20.53 -14.59 -18.52
N ARG D 281 -19.57 -14.87 -17.63
CA ARG D 281 -19.62 -16.11 -16.86
C ARG D 281 -20.75 -16.08 -15.83
N MET D 282 -21.09 -14.89 -15.32
CA MET D 282 -22.28 -14.77 -14.49
C MET D 282 -23.54 -15.08 -15.30
N LEU D 283 -23.60 -14.59 -16.54
CA LEU D 283 -24.73 -14.90 -17.42
C LEU D 283 -24.78 -16.37 -17.77
N GLY D 284 -23.62 -17.02 -17.91
CA GLY D 284 -23.56 -18.43 -18.23
C GLY D 284 -23.91 -19.35 -17.09
N ALA D 285 -23.98 -18.83 -15.86
CA ALA D 285 -24.45 -19.58 -14.71
C ALA D 285 -25.95 -19.39 -14.47
N ASN D 286 -26.67 -18.88 -15.48
CA ASN D 286 -28.10 -18.58 -15.40
C ASN D 286 -28.41 -17.60 -14.29
N VAL D 287 -27.55 -16.61 -14.11
CA VAL D 287 -27.75 -15.55 -13.13
C VAL D 287 -27.71 -14.21 -13.84
N ILE D 288 -28.73 -13.40 -13.62
CA ILE D 288 -28.79 -12.04 -14.15
C ILE D 288 -28.34 -11.09 -13.05
N ALA D 289 -27.37 -10.23 -13.38
CA ALA D 289 -26.85 -9.26 -12.43
C ALA D 289 -27.08 -7.85 -12.97
N THR D 290 -27.52 -6.94 -12.09
CA THR D 290 -27.71 -5.56 -12.49
C THR D 290 -26.38 -4.88 -12.81
N SER D 291 -25.36 -5.12 -11.98
CA SER D 291 -24.06 -4.51 -12.16
C SER D 291 -23.00 -5.40 -11.51
N GLY D 292 -21.75 -5.12 -11.85
CA GLY D 292 -20.64 -5.88 -11.29
C GLY D 292 -20.30 -5.57 -9.85
N ARG D 293 -20.85 -4.48 -9.30
CA ARG D 293 -20.58 -4.12 -7.91
C ARG D 293 -21.11 -5.18 -6.96
N ALA D 294 -22.32 -5.66 -7.20
CA ALA D 294 -22.90 -6.71 -6.35
C ALA D 294 -22.15 -8.02 -6.49
N VAL D 295 -21.71 -8.35 -7.72
CA VAL D 295 -20.98 -9.60 -7.95
C VAL D 295 -19.64 -9.56 -7.25
N GLU D 296 -18.95 -8.42 -7.29
CA GLU D 296 -17.67 -8.31 -6.60
C GLU D 296 -17.85 -8.24 -5.09
N ALA D 297 -18.95 -7.66 -4.62
CA ALA D 297 -19.23 -7.64 -3.20
C ALA D 297 -19.58 -9.03 -2.68
N ALA D 298 -20.12 -9.89 -3.55
CA ALA D 298 -20.46 -11.26 -3.15
C ALA D 298 -19.24 -12.08 -2.75
N GLY D 299 -18.05 -11.72 -3.21
CA GLY D 299 -16.85 -12.39 -2.78
C GLY D 299 -16.36 -12.02 -1.40
N ASP D 300 -17.03 -11.07 -0.75
CA ASP D 300 -16.67 -10.63 0.59
C ASP D 300 -17.72 -10.99 1.64
N VAL D 301 -18.85 -11.57 1.24
CA VAL D 301 -19.91 -11.86 2.20
C VAL D 301 -19.52 -13.03 3.09
N ASP D 302 -20.06 -13.04 4.31
CA ASP D 302 -19.76 -14.08 5.28
C ASP D 302 -20.99 -14.76 5.86
N VAL D 303 -22.20 -14.27 5.55
CA VAL D 303 -23.43 -14.87 6.04
C VAL D 303 -24.46 -14.87 4.91
N LEU D 304 -25.18 -15.98 4.78
CA LEU D 304 -26.25 -16.12 3.79
C LEU D 304 -27.55 -16.41 4.50
N LEU D 305 -28.59 -15.64 4.18
CA LEU D 305 -29.90 -15.79 4.81
C LEU D 305 -30.81 -16.55 3.86
N LEU D 306 -31.67 -17.39 4.43
CA LEU D 306 -32.50 -18.30 3.64
C LEU D 306 -33.93 -18.37 4.16
N LYS D 308 -37.41 -20.58 4.22
CA LYS D 308 -37.58 -22.03 4.15
C LYS D 308 -38.34 -22.41 2.89
N THR D 309 -39.67 -22.27 2.94
CA THR D 309 -40.51 -22.67 1.82
C THR D 309 -40.25 -21.76 0.61
N GLY D 310 -40.25 -22.36 -0.58
CA GLY D 310 -39.94 -21.62 -1.79
C GLY D 310 -38.47 -21.63 -2.13
N THR D 311 -37.61 -21.32 -1.14
CA THR D 311 -36.18 -21.18 -1.41
C THR D 311 -35.42 -22.47 -1.14
N ILE D 312 -35.44 -22.96 0.10
CA ILE D 312 -34.70 -24.18 0.42
C ILE D 312 -35.53 -25.43 0.17
N THR D 313 -36.85 -25.29 0.01
CA THR D 313 -37.74 -26.39 -0.29
C THR D 313 -38.64 -25.99 -1.44
N LEU D 314 -39.22 -27.00 -2.11
CA LEU D 314 -40.09 -26.74 -3.24
C LEU D 314 -41.41 -26.09 -2.83
N GLY D 315 -41.79 -26.19 -1.56
CA GLY D 315 -43.11 -25.74 -1.15
C GLY D 315 -44.16 -26.76 -1.50
N ASN D 316 -45.39 -26.29 -1.74
CA ASN D 316 -46.55 -27.10 -2.08
C ASN D 316 -46.81 -28.16 -1.00
N ARG D 317 -47.06 -27.68 0.22
CA ARG D 317 -47.29 -28.57 1.34
C ARG D 317 -48.62 -29.31 1.19
N GLN D 318 -48.61 -30.60 1.55
CA GLN D 318 -49.77 -31.45 1.42
C GLN D 318 -50.06 -32.13 2.76
N ALA D 319 -51.34 -32.44 2.98
CA ALA D 319 -51.74 -33.14 4.20
C ALA D 319 -51.41 -34.62 4.07
N SER D 320 -50.66 -35.14 5.04
CA SER D 320 -50.20 -36.52 5.00
C SER D 320 -50.74 -37.37 6.14
N GLU D 321 -50.56 -36.92 7.38
CA GLU D 321 -50.91 -37.75 8.54
C GLU D 321 -52.34 -37.50 9.02
N PHE D 322 -52.70 -36.24 9.23
CA PHE D 322 -54.07 -35.81 9.58
C PHE D 322 -54.55 -36.46 10.88
N ILE D 323 -53.86 -36.13 11.97
CA ILE D 323 -54.22 -36.65 13.29
C ILE D 323 -55.45 -35.93 13.81
N PRO D 324 -56.54 -36.64 14.14
CA PRO D 324 -57.70 -35.96 14.73
C PRO D 324 -57.62 -35.87 16.24
N ALA D 325 -58.64 -35.30 16.87
CA ALA D 325 -58.73 -35.17 18.31
C ALA D 325 -59.77 -36.15 18.85
N GLN D 326 -60.00 -36.09 20.16
CA GLN D 326 -60.93 -37.01 20.80
C GLN D 326 -62.37 -36.71 20.42
N GLY D 327 -62.74 -35.44 20.34
CA GLY D 327 -64.11 -35.06 20.04
C GLY D 327 -64.36 -34.76 18.58
N VAL D 328 -63.46 -35.21 17.70
CA VAL D 328 -63.56 -34.99 16.27
C VAL D 328 -63.86 -36.28 15.52
N ASP D 329 -63.16 -37.37 15.88
CA ASP D 329 -63.26 -38.69 15.25
C ASP D 329 -63.01 -38.61 13.75
N GLU D 330 -64.05 -38.81 12.95
CA GLU D 330 -63.95 -38.77 11.50
C GLU D 330 -65.07 -37.92 10.93
N LYS D 331 -64.86 -37.48 9.68
CA LYS D 331 -65.80 -36.68 8.89
C LYS D 331 -66.12 -35.34 9.54
N THR D 332 -65.25 -34.84 10.41
CA THR D 332 -65.39 -33.51 10.99
C THR D 332 -64.16 -32.64 10.81
N LEU D 333 -62.97 -33.23 10.96
CA LEU D 333 -61.73 -32.46 10.78
C LEU D 333 -61.57 -32.01 9.32
N ALA D 334 -61.90 -32.90 8.37
CA ALA D 334 -61.83 -32.53 6.97
C ALA D 334 -62.83 -31.43 6.62
N ASP D 335 -64.03 -31.51 7.18
CA ASP D 335 -65.02 -30.46 6.95
C ASP D 335 -64.58 -29.13 7.53
N ALA D 336 -63.99 -29.15 8.73
CA ALA D 336 -63.47 -27.92 9.33
C ALA D 336 -62.32 -27.35 8.52
N ALA D 337 -61.43 -28.21 8.04
CA ALA D 337 -60.30 -27.77 7.22
C ALA D 337 -60.78 -27.17 5.90
N GLN D 338 -61.79 -27.79 5.27
CA GLN D 338 -62.32 -27.26 4.03
C GLN D 338 -63.03 -25.93 4.25
N LEU D 339 -63.77 -25.81 5.36
CA LEU D 339 -64.46 -24.55 5.66
C LEU D 339 -63.48 -23.44 6.01
N ALA D 340 -62.32 -23.79 6.58
CA ALA D 340 -61.31 -22.79 6.88
C ALA D 340 -60.40 -22.47 5.70
N SER D 341 -60.30 -23.37 4.72
CA SER D 341 -59.32 -23.23 3.64
C SER D 341 -59.96 -23.12 2.25
N LEU D 342 -61.28 -22.95 2.16
CA LEU D 342 -61.91 -22.85 0.85
C LEU D 342 -61.63 -21.52 0.16
N ALA D 343 -61.23 -20.49 0.91
CA ALA D 343 -61.12 -19.14 0.37
C ALA D 343 -59.71 -18.60 0.29
N ASP D 344 -58.80 -19.04 1.15
CA ASP D 344 -57.44 -18.51 1.13
C ASP D 344 -56.70 -19.02 -0.10
N GLU D 345 -55.92 -18.13 -0.72
CA GLU D 345 -55.29 -18.42 -2.01
C GLU D 345 -53.83 -18.79 -1.80
N THR D 346 -53.63 -19.96 -1.18
CA THR D 346 -52.31 -20.50 -0.92
C THR D 346 -52.22 -21.93 -1.42
N PRO D 347 -51.07 -22.34 -2.00
CA PRO D 347 -50.99 -23.67 -2.61
C PRO D 347 -51.19 -24.82 -1.63
N GLU D 348 -50.73 -24.67 -0.39
CA GLU D 348 -50.99 -25.68 0.62
C GLU D 348 -52.49 -25.77 0.94
N GLY D 349 -53.17 -24.62 0.97
CA GLY D 349 -54.61 -24.63 1.19
C GLY D 349 -55.38 -25.28 0.05
N ARG D 350 -54.96 -25.01 -1.20
CA ARG D 350 -55.60 -25.68 -2.34
C ARG D 350 -55.33 -27.18 -2.34
N SER D 351 -54.12 -27.59 -1.96
CA SER D 351 -53.83 -29.02 -1.86
C SER D 351 -54.67 -29.69 -0.78
N ILE D 352 -54.83 -29.01 0.36
CA ILE D 352 -55.69 -29.51 1.43
C ILE D 352 -57.13 -29.64 0.95
N VAL D 353 -57.60 -28.63 0.20
CA VAL D 353 -58.98 -28.65 -0.31
C VAL D 353 -59.18 -29.82 -1.28
N ILE D 354 -58.22 -30.01 -2.20
CA ILE D 354 -58.41 -31.02 -3.24
C ILE D 354 -58.05 -32.43 -2.79
N LEU D 355 -57.44 -32.60 -1.61
CA LEU D 355 -57.23 -33.95 -1.10
C LEU D 355 -58.11 -34.33 0.09
N ALA D 356 -58.66 -33.36 0.83
CA ALA D 356 -59.50 -33.70 1.98
C ALA D 356 -60.81 -34.33 1.53
N LYS D 357 -61.50 -33.69 0.58
CA LYS D 357 -62.70 -34.29 0.00
C LYS D 357 -62.37 -35.56 -0.76
N GLN D 358 -61.16 -35.66 -1.31
CA GLN D 358 -60.75 -36.87 -2.01
C GLN D 358 -60.64 -38.06 -1.06
N ARG D 359 -60.04 -37.87 0.12
CA ARG D 359 -59.84 -39.03 0.98
C ARG D 359 -60.98 -39.23 1.98
N PHE D 360 -61.88 -38.25 2.14
CA PHE D 360 -63.01 -38.42 3.05
C PHE D 360 -64.37 -38.42 2.37
N ASN D 361 -64.43 -38.31 1.04
CA ASN D 361 -65.68 -38.33 0.26
C ASN D 361 -66.64 -37.24 0.72
N LEU D 362 -66.09 -36.08 1.08
CA LEU D 362 -66.89 -34.94 1.54
C LEU D 362 -67.05 -33.87 0.47
N ARG D 363 -67.13 -34.28 -0.80
CA ARG D 363 -67.27 -33.34 -1.90
C ARG D 363 -68.67 -32.75 -2.01
N GLU D 364 -69.65 -33.26 -1.27
CA GLU D 364 -71.02 -32.77 -1.34
C GLU D 364 -71.19 -31.41 -0.69
N ARG D 365 -70.20 -30.93 0.06
CA ARG D 365 -70.28 -29.61 0.67
C ARG D 365 -70.14 -28.53 -0.40
N ASP D 366 -71.05 -27.55 -0.36
CA ASP D 366 -71.03 -26.47 -1.34
C ASP D 366 -69.84 -25.55 -1.08
N VAL D 367 -69.29 -25.00 -2.17
CA VAL D 367 -68.16 -24.10 -2.06
C VAL D 367 -68.60 -22.64 -1.98
N GLN D 368 -69.78 -22.30 -2.49
CA GLN D 368 -70.31 -20.95 -2.44
C GLN D 368 -71.65 -20.96 -1.72
N SER D 369 -71.81 -20.05 -0.75
CA SER D 369 -73.06 -19.98 0.00
C SER D 369 -73.53 -18.54 0.18
N LEU D 370 -73.01 -17.60 -0.61
CA LEU D 370 -73.50 -16.23 -0.80
C LEU D 370 -73.23 -15.33 0.41
N HIS D 371 -72.75 -15.89 1.51
CA HIS D 371 -72.43 -15.11 2.71
C HIS D 371 -71.05 -15.49 3.25
N ALA D 372 -70.06 -15.57 2.36
CA ALA D 372 -68.70 -15.89 2.74
C ALA D 372 -67.94 -14.63 3.11
N THR D 373 -67.17 -14.69 4.20
CA THR D 373 -66.44 -13.53 4.67
C THR D 373 -65.24 -13.20 3.80
N PHE D 374 -64.68 -14.22 3.11
CA PHE D 374 -63.53 -14.07 2.21
C PHE D 374 -62.32 -13.48 2.94
N VAL D 375 -61.98 -14.08 4.08
CA VAL D 375 -60.84 -13.62 4.88
C VAL D 375 -59.55 -14.03 4.19
N PRO D 376 -58.67 -13.09 3.89
CA PRO D 376 -57.39 -13.42 3.23
C PRO D 376 -56.39 -13.97 4.24
N PHE D 377 -55.17 -14.21 3.76
CA PHE D 377 -54.08 -14.69 4.58
C PHE D 377 -53.01 -13.60 4.69
N THR D 378 -52.63 -13.28 5.92
CA THR D 378 -51.58 -12.32 6.20
C THR D 378 -50.41 -13.05 6.86
N ALA D 379 -49.20 -12.71 6.45
CA ALA D 379 -48.00 -13.42 6.91
C ALA D 379 -47.80 -13.29 8.41
N GLN D 380 -48.00 -12.09 8.96
CA GLN D 380 -47.75 -11.90 10.38
C GLN D 380 -48.87 -12.48 11.26
N SER D 381 -50.13 -12.43 10.80
CA SER D 381 -51.23 -12.92 11.61
C SER D 381 -51.30 -14.44 11.60
N ARG D 382 -50.99 -15.05 10.45
CA ARG D 382 -51.08 -16.50 10.24
C ARG D 382 -52.49 -17.02 10.55
N MET D 383 -53.48 -16.41 9.91
CA MET D 383 -54.88 -16.74 10.13
C MET D 383 -55.56 -17.01 8.78
N SER D 384 -56.48 -17.96 8.78
CA SER D 384 -57.29 -18.27 7.60
C SER D 384 -58.56 -18.98 8.06
N GLY D 385 -59.69 -18.56 7.50
CA GLY D 385 -60.96 -19.17 7.85
C GLY D 385 -62.16 -18.30 7.55
N ILE D 386 -63.33 -18.92 7.38
CA ILE D 386 -64.55 -18.23 7.00
C ILE D 386 -65.58 -18.42 8.09
N ASN D 387 -66.15 -17.32 8.59
CA ASN D 387 -67.25 -17.36 9.56
C ASN D 387 -68.53 -17.55 8.76
N ILE D 388 -68.94 -18.81 8.62
CA ILE D 388 -70.05 -19.15 7.74
C ILE D 388 -71.31 -19.61 8.48
N ASP D 389 -71.18 -20.08 9.73
CA ASP D 389 -72.35 -20.55 10.46
C ASP D 389 -72.29 -20.16 11.95
N ASN D 390 -71.67 -19.02 12.27
CA ASN D 390 -71.37 -18.54 13.62
C ASN D 390 -70.38 -19.48 14.34
N ARG D 391 -69.78 -20.42 13.62
CA ARG D 391 -68.72 -21.23 14.20
C ARG D 391 -67.37 -20.55 14.07
N MET D 392 -67.27 -19.51 13.24
CA MET D 392 -66.12 -18.63 13.01
C MET D 392 -64.79 -19.36 12.84
N ILE D 393 -64.79 -20.54 12.20
CA ILE D 393 -63.65 -21.46 12.09
C ILE D 393 -62.39 -20.78 11.55
N ARG D 394 -61.25 -21.04 12.22
CA ARG D 394 -59.95 -20.48 11.83
C ARG D 394 -58.88 -21.56 11.96
N LYS D 395 -57.73 -21.31 11.33
CA LYS D 395 -56.56 -22.16 11.45
C LYS D 395 -55.29 -21.34 11.24
N GLY D 396 -54.18 -21.88 11.68
CA GLY D 396 -52.92 -21.20 11.53
C GLY D 396 -51.79 -21.92 12.23
N SER D 397 -50.72 -21.18 12.47
CA SER D 397 -49.56 -21.72 13.17
C SER D 397 -49.88 -21.94 14.65
N VAL D 398 -48.96 -22.63 15.33
CA VAL D 398 -49.19 -23.03 16.72
C VAL D 398 -49.31 -21.80 17.62
N ASP D 399 -48.42 -20.83 17.44
CA ASP D 399 -48.46 -19.61 18.25
C ASP D 399 -49.73 -18.79 17.98
N ALA D 400 -50.16 -18.72 16.72
CA ALA D 400 -51.39 -17.99 16.39
C ALA D 400 -52.61 -18.68 16.98
N ILE D 401 -52.64 -20.02 16.94
CA ILE D 401 -53.74 -20.77 17.56
C ILE D 401 -53.76 -20.56 19.07
N ARG D 402 -52.59 -20.57 19.72
CA ARG D 402 -52.54 -20.32 21.15
C ARG D 402 -53.00 -18.91 21.48
N ARG D 403 -52.63 -17.93 20.66
CA ARG D 403 -53.06 -16.56 20.87
C ARG D 403 -54.57 -16.40 20.71
N HIS D 404 -55.14 -17.08 19.71
CA HIS D 404 -56.59 -16.97 19.48
C HIS D 404 -57.39 -17.74 20.53
N VAL D 405 -56.87 -18.87 21.01
CA VAL D 405 -57.53 -19.61 22.09
C VAL D 405 -57.48 -18.81 23.38
N GLU D 406 -56.32 -18.22 23.69
CA GLU D 406 -56.19 -17.41 24.90
C GLU D 406 -56.95 -16.09 24.83
N ALA D 407 -57.44 -15.70 23.65
CA ALA D 407 -58.22 -14.48 23.50
C ALA D 407 -59.71 -14.69 23.77
N ASN D 408 -60.28 -15.77 23.24
CA ASN D 408 -61.70 -16.04 23.40
C ASN D 408 -61.98 -17.35 24.12
N GLY D 409 -61.31 -18.44 23.73
CA GLY D 409 -61.58 -19.75 24.29
C GLY D 409 -61.01 -19.92 25.68
N GLY D 410 -61.29 -21.08 26.26
CA GLY D 410 -60.86 -21.37 27.61
C GLY D 410 -59.38 -21.69 27.74
N HIS D 411 -58.96 -22.83 27.19
CA HIS D 411 -57.59 -23.31 27.34
C HIS D 411 -57.35 -24.40 26.30
N PHE D 412 -56.20 -25.08 26.41
CA PHE D 412 -55.86 -26.22 25.58
C PHE D 412 -55.24 -27.29 26.48
N PRO D 413 -55.49 -28.56 26.18
CA PRO D 413 -54.85 -29.64 26.96
C PRO D 413 -53.49 -30.00 26.39
N THR D 414 -52.79 -30.93 27.05
CA THR D 414 -51.46 -31.33 26.61
C THR D 414 -51.46 -32.22 25.37
N ASP D 415 -52.63 -32.75 24.98
CA ASP D 415 -52.69 -33.61 23.80
C ASP D 415 -52.43 -32.82 22.52
N VAL D 416 -52.81 -31.54 22.50
CA VAL D 416 -52.52 -30.71 21.33
C VAL D 416 -51.02 -30.48 21.19
N ASP D 417 -50.34 -30.20 22.30
CA ASP D 417 -48.88 -30.05 22.27
C ASP D 417 -48.20 -31.36 21.86
N GLN D 418 -48.69 -32.49 22.38
CA GLN D 418 -48.13 -33.78 22.01
C GLN D 418 -48.34 -34.08 20.52
N LYS D 419 -49.51 -33.70 19.99
CA LYS D 419 -49.81 -33.96 18.59
C LYS D 419 -48.99 -33.07 17.66
N VAL D 420 -48.80 -31.79 18.02
CA VAL D 420 -47.99 -30.93 17.16
C VAL D 420 -46.52 -31.32 17.25
N ASP D 421 -46.07 -31.81 18.42
CA ASP D 421 -44.71 -32.34 18.52
C ASP D 421 -44.54 -33.58 17.67
N GLN D 422 -45.54 -34.47 17.67
CA GLN D 422 -45.48 -35.68 16.85
C GLN D 422 -45.50 -35.35 15.36
N VAL D 423 -46.24 -34.31 14.98
CA VAL D 423 -46.24 -33.85 13.60
C VAL D 423 -44.87 -33.29 13.22
N ALA D 424 -44.26 -32.50 14.12
CA ALA D 424 -42.96 -31.91 13.83
C ALA D 424 -41.82 -32.90 13.96
N ARG D 425 -42.07 -34.11 14.48
CA ARG D 425 -41.02 -35.13 14.58
C ARG D 425 -40.42 -35.47 13.21
N GLN D 426 -41.25 -35.66 12.19
CA GLN D 426 -40.75 -36.04 10.87
C GLN D 426 -40.45 -34.85 9.97
N GLY D 427 -40.58 -33.62 10.47
CA GLY D 427 -40.22 -32.43 9.73
C GLY D 427 -41.40 -31.66 9.16
N ALA D 428 -42.58 -32.25 9.11
CA ALA D 428 -43.76 -31.53 8.63
C ALA D 428 -44.16 -30.45 9.63
N THR D 429 -44.53 -29.28 9.12
CA THR D 429 -44.88 -28.17 9.99
C THR D 429 -46.23 -28.39 10.63
N PRO D 430 -46.38 -28.15 11.93
CA PRO D 430 -47.68 -28.32 12.58
C PRO D 430 -48.69 -27.27 12.13
N LEU D 431 -49.96 -27.66 12.16
CA LEU D 431 -51.07 -26.74 11.90
C LEU D 431 -52.31 -27.37 12.50
N VAL D 432 -53.00 -26.61 13.35
CA VAL D 432 -54.14 -27.14 14.10
C VAL D 432 -55.32 -26.19 13.94
N VAL D 433 -56.52 -26.76 13.80
CA VAL D 433 -57.75 -25.98 13.68
C VAL D 433 -58.43 -25.93 15.04
N VAL D 434 -59.13 -24.82 15.30
CA VAL D 434 -59.92 -24.66 16.51
C VAL D 434 -61.29 -24.10 16.14
N GLU D 435 -62.31 -24.59 16.84
CA GLU D 435 -63.67 -24.08 16.63
C GLU D 435 -63.83 -22.68 17.19
N GLY D 436 -63.02 -22.31 18.17
CA GLY D 436 -63.11 -20.99 18.77
C GLY D 436 -63.19 -21.05 20.27
N SER D 437 -63.90 -22.06 20.78
CA SER D 437 -63.96 -22.34 22.20
C SER D 437 -63.35 -23.69 22.57
N ARG D 438 -63.09 -24.55 21.59
CA ARG D 438 -62.50 -25.86 21.84
C ARG D 438 -61.48 -26.13 20.74
N VAL D 439 -60.43 -26.89 21.09
CA VAL D 439 -59.36 -27.24 20.17
C VAL D 439 -59.73 -28.52 19.43
N LEU D 440 -59.16 -28.69 18.23
CA LEU D 440 -59.44 -29.86 17.41
C LEU D 440 -58.15 -30.56 17.01
N GLY D 441 -58.25 -31.49 16.06
CA GLY D 441 -57.09 -32.25 15.63
C GLY D 441 -56.10 -31.41 14.84
N VAL D 442 -54.92 -32.01 14.62
CA VAL D 442 -53.79 -31.35 13.99
C VAL D 442 -53.61 -31.92 12.59
N ILE D 443 -53.61 -31.04 11.59
CA ILE D 443 -53.37 -31.43 10.20
C ILE D 443 -51.89 -31.16 9.87
N ALA D 444 -51.22 -32.18 9.37
CA ALA D 444 -49.81 -32.05 9.00
C ALA D 444 -49.68 -31.42 7.62
N LEU D 445 -48.48 -30.93 7.33
CA LEU D 445 -48.15 -30.32 6.04
C LEU D 445 -46.75 -30.75 5.66
N LYS D 446 -46.65 -31.80 4.85
CA LYS D 446 -45.34 -32.35 4.47
C LYS D 446 -44.63 -31.42 3.50
N ASP D 447 -43.35 -31.19 3.74
CA ASP D 447 -42.51 -30.39 2.85
C ASP D 447 -41.33 -31.22 2.37
N ILE D 448 -40.99 -31.06 1.10
CA ILE D 448 -39.95 -31.86 0.46
C ILE D 448 -38.70 -31.01 0.30
N VAL D 449 -37.57 -31.53 0.78
CA VAL D 449 -36.29 -30.86 0.62
C VAL D 449 -35.90 -30.87 -0.86
N LYS D 450 -35.17 -29.84 -1.29
CA LYS D 450 -34.88 -29.64 -2.70
C LYS D 450 -33.97 -30.70 -3.29
N GLY D 451 -33.30 -31.50 -2.46
CA GLY D 451 -32.53 -32.62 -2.97
C GLY D 451 -31.08 -32.63 -2.54
N GLY D 452 -30.18 -32.62 -3.53
CA GLY D 452 -28.76 -32.64 -3.24
C GLY D 452 -28.23 -31.28 -2.81
N ILE D 453 -28.60 -30.85 -1.60
CA ILE D 453 -28.18 -29.56 -1.08
C ILE D 453 -27.25 -29.68 0.11
N LYS D 454 -27.14 -30.87 0.72
CA LYS D 454 -26.24 -31.05 1.86
C LYS D 454 -24.79 -30.85 1.45
N GLU D 455 -24.41 -31.36 0.26
CA GLU D 455 -23.05 -31.17 -0.24
C GLU D 455 -22.76 -29.71 -0.53
N ARG D 456 -23.73 -28.99 -1.10
CA ARG D 456 -23.52 -27.57 -1.39
C ARG D 456 -23.47 -26.74 -0.11
N PHE D 457 -24.22 -27.13 0.92
CA PHE D 457 -24.11 -26.44 2.20
C PHE D 457 -22.78 -26.73 2.88
N ALA D 458 -22.27 -27.96 2.71
CA ALA D 458 -20.93 -28.26 3.18
C ALA D 458 -19.88 -27.43 2.44
N GLN D 459 -20.09 -27.19 1.15
CA GLN D 459 -19.19 -26.33 0.39
C GLN D 459 -19.27 -24.88 0.86
N LEU D 460 -20.47 -24.40 1.18
CA LEU D 460 -20.62 -23.08 1.78
C LEU D 460 -19.92 -22.97 3.12
N ARG D 461 -20.02 -24.02 3.94
CA ARG D 461 -19.31 -24.05 5.22
C ARG D 461 -17.80 -24.06 5.01
N LYS D 462 -17.34 -24.77 3.98
CA LYS D 462 -15.92 -24.78 3.63
C LYS D 462 -15.47 -23.41 3.12
N MET D 463 -16.36 -22.65 2.51
CA MET D 463 -16.05 -21.29 2.08
C MET D 463 -15.94 -20.31 3.23
N GLY D 464 -16.35 -20.69 4.44
CA GLY D 464 -16.36 -19.78 5.56
C GLY D 464 -17.59 -18.92 5.67
N ILE D 465 -18.61 -19.17 4.85
CA ILE D 465 -19.85 -18.41 4.91
C ILE D 465 -20.79 -19.11 5.87
N LYS D 466 -21.16 -18.43 6.96
CA LYS D 466 -22.03 -18.99 7.98
C LYS D 466 -23.46 -18.91 7.46
N THR D 467 -23.90 -19.97 6.80
CA THR D 467 -25.26 -20.02 6.29
C THR D 467 -26.26 -20.20 7.43
N VAL D 468 -27.37 -19.48 7.35
CA VAL D 468 -28.41 -19.52 8.37
C VAL D 468 -29.75 -19.26 7.70
N MET D 469 -30.75 -20.03 8.10
CA MET D 469 -32.06 -20.01 7.45
C MET D 469 -33.10 -19.44 8.41
N ILE D 470 -33.85 -18.45 7.93
CA ILE D 470 -34.93 -17.85 8.70
C ILE D 470 -36.24 -18.50 8.28
N THR D 471 -37.00 -18.96 9.27
CA THR D 471 -38.10 -19.89 9.01
C THR D 471 -39.46 -19.34 9.40
N GLY D 472 -39.63 -18.88 10.64
CA GLY D 472 -40.98 -18.74 11.17
C GLY D 472 -41.46 -20.11 11.59
N ASP D 473 -42.72 -20.43 11.28
CA ASP D 473 -43.29 -21.78 11.37
C ASP D 473 -43.27 -22.24 12.83
N ASN D 474 -42.67 -23.38 13.15
CA ASN D 474 -42.56 -23.89 14.52
C ASN D 474 -41.10 -24.21 14.79
N ARG D 475 -40.70 -24.07 16.06
CA ARG D 475 -39.28 -24.18 16.41
C ARG D 475 -38.72 -25.58 16.17
N LEU D 476 -39.49 -26.61 16.52
CA LEU D 476 -38.94 -27.97 16.44
C LEU D 476 -38.87 -28.46 15.00
N THR D 477 -39.88 -28.14 14.18
CA THR D 477 -39.82 -28.55 12.78
C THR D 477 -38.78 -27.72 12.02
N ALA D 478 -38.52 -26.49 12.45
CA ALA D 478 -37.41 -25.73 11.88
C ALA D 478 -36.08 -26.40 12.21
N ALA D 479 -35.94 -26.92 13.42
CA ALA D 479 -34.74 -27.68 13.79
C ALA D 479 -34.61 -28.94 12.95
N ALA D 480 -35.72 -29.64 12.73
CA ALA D 480 -35.69 -30.87 11.94
C ALA D 480 -35.30 -30.59 10.49
N ILE D 481 -35.89 -29.55 9.89
CA ILE D 481 -35.56 -29.25 8.49
C ILE D 481 -34.16 -28.66 8.38
N ALA D 482 -33.68 -27.98 9.43
CA ALA D 482 -32.30 -27.47 9.42
C ALA D 482 -31.30 -28.61 9.51
N ALA D 483 -31.58 -29.61 10.34
CA ALA D 483 -30.71 -30.77 10.42
C ALA D 483 -30.75 -31.57 9.12
N GLU D 484 -31.91 -31.65 8.48
CA GLU D 484 -32.01 -32.39 7.22
C GLU D 484 -31.29 -31.66 6.10
N ALA D 485 -31.38 -30.33 6.07
CA ALA D 485 -30.73 -29.56 5.00
C ALA D 485 -29.23 -29.49 5.19
N GLY D 486 -28.78 -29.28 6.43
CA GLY D 486 -27.35 -29.19 6.70
C GLY D 486 -26.86 -27.76 6.81
N VAL D 487 -27.65 -26.90 7.44
CA VAL D 487 -27.28 -25.51 7.62
C VAL D 487 -26.65 -25.33 9.01
N ASP D 488 -25.94 -24.21 9.18
CA ASP D 488 -25.22 -24.00 10.43
C ASP D 488 -26.14 -23.58 11.57
N ASP D 489 -27.17 -22.79 11.27
CA ASP D 489 -28.09 -22.31 12.29
C ASP D 489 -29.44 -22.02 11.65
N PHE D 490 -30.44 -21.78 12.51
CA PHE D 490 -31.79 -21.51 12.06
C PHE D 490 -32.42 -20.48 12.99
N LEU D 491 -33.47 -19.82 12.49
CA LEU D 491 -34.18 -18.80 13.25
C LEU D 491 -35.68 -18.98 13.00
N ALA D 492 -36.37 -19.59 13.95
CA ALA D 492 -37.80 -19.83 13.85
C ALA D 492 -38.59 -18.74 14.56
N GLU D 493 -39.90 -18.76 14.34
CA GLU D 493 -40.86 -17.79 14.89
C GLU D 493 -40.47 -16.36 14.53
N ALA D 494 -40.47 -16.08 13.23
CA ALA D 494 -39.98 -14.82 12.70
C ALA D 494 -41.10 -14.05 12.01
N THR D 495 -41.30 -12.82 12.44
CA THR D 495 -42.14 -11.86 11.73
C THR D 495 -41.38 -11.34 10.51
N PRO D 496 -42.08 -10.78 9.51
CA PRO D 496 -41.37 -10.17 8.37
C PRO D 496 -40.43 -9.03 8.77
N GLU D 497 -40.70 -8.33 9.87
CA GLU D 497 -39.78 -7.29 10.32
C GLU D 497 -38.47 -7.89 10.87
N ALA D 498 -38.53 -9.12 11.38
CA ALA D 498 -37.36 -9.75 11.96
C ALA D 498 -36.28 -10.05 10.92
N LYS D 499 -36.66 -10.23 9.66
CA LYS D 499 -35.67 -10.48 8.62
C LYS D 499 -34.83 -9.23 8.33
N LEU D 500 -35.51 -8.08 8.23
CA LEU D 500 -34.79 -6.81 8.14
C LEU D 500 -34.01 -6.51 9.41
N ALA D 501 -34.53 -6.93 10.56
CA ALA D 501 -33.79 -6.78 11.81
C ALA D 501 -32.51 -7.60 11.78
N LEU D 502 -32.56 -8.80 11.21
CA LEU D 502 -31.36 -9.62 11.08
C LEU D 502 -30.38 -9.02 10.07
N ILE D 503 -30.91 -8.41 9.00
CA ILE D 503 -30.07 -7.66 8.06
C ILE D 503 -29.30 -6.56 8.77
N ARG D 504 -30.02 -5.75 9.56
CA ARG D 504 -29.38 -4.63 10.23
C ARG D 504 -28.47 -5.08 11.38
N GLN D 505 -28.78 -6.22 12.00
CA GLN D 505 -27.92 -6.75 13.05
C GLN D 505 -26.62 -7.29 12.48
N TYR D 506 -26.68 -7.99 11.35
CA TYR D 506 -25.45 -8.47 10.71
C TYR D 506 -24.65 -7.32 10.11
N GLN D 507 -25.31 -6.28 9.61
CA GLN D 507 -24.60 -5.13 9.08
C GLN D 507 -24.06 -4.22 10.17
N ALA D 508 -24.61 -4.31 11.39
CA ALA D 508 -24.08 -3.52 12.49
C ALA D 508 -22.73 -4.04 12.96
N GLU D 509 -22.48 -5.34 12.79
CA GLU D 509 -21.17 -5.91 13.08
C GLU D 509 -20.13 -5.57 12.03
N GLY D 510 -20.54 -4.99 10.90
CA GLY D 510 -19.66 -4.81 9.76
C GLY D 510 -19.59 -6.00 8.84
N ARG D 511 -20.26 -7.10 9.18
CA ARG D 511 -20.24 -8.29 8.35
C ARG D 511 -21.15 -8.10 7.14
N LEU D 512 -20.63 -8.43 5.96
CA LEU D 512 -21.37 -8.22 4.73
C LEU D 512 -22.33 -9.39 4.51
N VAL D 513 -23.61 -9.07 4.31
CA VAL D 513 -24.69 -10.06 4.36
C VAL D 513 -25.22 -10.31 2.95
N ALA D 514 -25.39 -11.60 2.63
CA ALA D 514 -26.04 -12.05 1.42
C ALA D 514 -27.34 -12.77 1.80
N MET D 515 -28.26 -12.86 0.84
CA MET D 515 -29.51 -13.55 1.08
C MET D 515 -30.14 -13.96 -0.24
N THR D 516 -31.10 -14.88 -0.15
CA THR D 516 -31.92 -15.29 -1.28
C THR D 516 -33.38 -15.32 -0.86
N GLY D 517 -34.25 -14.96 -1.80
CA GLY D 517 -35.67 -14.94 -1.50
C GLY D 517 -36.49 -14.89 -2.77
N ASP D 518 -37.77 -15.27 -2.65
CA ASP D 518 -38.67 -15.30 -3.78
C ASP D 518 -40.07 -14.79 -3.44
N GLY D 519 -40.29 -14.26 -2.24
CA GLY D 519 -41.59 -13.78 -1.84
C GLY D 519 -41.77 -12.30 -2.07
N THR D 520 -43.04 -11.89 -2.15
CA THR D 520 -43.37 -10.48 -2.32
C THR D 520 -43.28 -9.69 -1.02
N ASN D 521 -43.15 -10.36 0.12
CA ASN D 521 -42.97 -9.69 1.40
C ASN D 521 -41.50 -9.50 1.75
N ASP D 522 -40.59 -9.89 0.86
CA ASP D 522 -39.16 -9.76 1.08
C ASP D 522 -38.55 -8.55 0.40
N ALA D 523 -39.38 -7.64 -0.13
CA ALA D 523 -38.86 -6.48 -0.86
C ALA D 523 -37.96 -5.57 -0.03
N PRO D 524 -38.29 -5.17 1.22
CA PRO D 524 -37.29 -4.42 2.00
C PRO D 524 -36.04 -5.21 2.32
N ALA D 525 -36.16 -6.54 2.48
CA ALA D 525 -34.99 -7.36 2.75
C ALA D 525 -34.03 -7.37 1.57
N LEU D 526 -34.54 -7.60 0.35
CA LEU D 526 -33.70 -7.54 -0.83
C LEU D 526 -33.25 -6.11 -1.15
N ALA D 527 -33.99 -5.10 -0.71
CA ALA D 527 -33.55 -3.72 -0.92
C ALA D 527 -32.36 -3.38 -0.02
N GLN D 528 -32.43 -3.76 1.26
CA GLN D 528 -31.35 -3.44 2.20
C GLN D 528 -30.17 -4.40 2.09
N ALA D 529 -30.38 -5.58 1.50
CA ALA D 529 -29.31 -6.56 1.42
C ALA D 529 -28.25 -6.14 0.41
N ASP D 530 -27.00 -6.48 0.71
CA ASP D 530 -25.90 -6.20 -0.20
C ASP D 530 -25.92 -7.13 -1.39
N VAL D 531 -26.20 -8.40 -1.16
CA VAL D 531 -26.43 -9.38 -2.22
C VAL D 531 -27.85 -9.89 -2.06
N ALA D 532 -28.64 -9.76 -3.12
CA ALA D 532 -30.09 -9.95 -3.06
C ALA D 532 -30.56 -10.88 -4.18
N VAL D 533 -29.92 -12.05 -4.29
CA VAL D 533 -30.20 -13.01 -5.35
C VAL D 533 -31.64 -13.49 -5.26
N ALA D 534 -32.47 -13.11 -6.24
CA ALA D 534 -33.84 -13.55 -6.29
C ALA D 534 -33.94 -14.87 -7.06
N MET D 535 -35.14 -15.41 -7.15
CA MET D 535 -35.39 -16.65 -7.87
C MET D 535 -36.24 -16.37 -9.09
N ASN D 536 -36.10 -17.24 -10.10
CA ASN D 536 -36.93 -17.14 -11.29
C ASN D 536 -38.39 -17.43 -10.99
N SER D 537 -38.65 -18.27 -9.98
CA SER D 537 -40.00 -18.55 -9.53
C SER D 537 -40.58 -17.43 -8.67
N GLY D 538 -39.77 -16.45 -8.29
CA GLY D 538 -40.24 -15.37 -7.46
C GLY D 538 -41.06 -14.36 -8.24
N THR D 539 -41.62 -13.41 -7.49
CA THR D 539 -42.51 -12.42 -8.08
C THR D 539 -41.72 -11.28 -8.71
N GLN D 540 -42.42 -10.49 -9.52
CA GLN D 540 -41.79 -9.37 -10.22
C GLN D 540 -41.31 -8.29 -9.26
N ALA D 541 -42.05 -8.07 -8.16
CA ALA D 541 -41.62 -7.08 -7.17
C ALA D 541 -40.32 -7.50 -6.50
N ALA D 542 -40.20 -8.78 -6.14
CA ALA D 542 -38.96 -9.28 -5.55
C ALA D 542 -37.81 -9.24 -6.55
N LYS D 543 -38.09 -9.57 -7.82
CA LYS D 543 -37.05 -9.51 -8.84
C LYS D 543 -36.58 -8.08 -9.08
N GLU D 544 -37.49 -7.11 -9.02
CA GLU D 544 -37.11 -5.71 -9.20
C GLU D 544 -36.36 -5.19 -7.98
N ALA D 545 -36.75 -5.61 -6.78
CA ALA D 545 -36.07 -5.16 -5.57
C ALA D 545 -34.69 -5.78 -5.44
N GLY D 546 -34.50 -7.00 -5.95
CA GLY D 546 -33.20 -7.65 -5.85
C GLY D 546 -32.21 -7.13 -6.88
N ASN D 547 -30.95 -7.05 -6.46
CA ASN D 547 -29.89 -6.64 -7.37
C ASN D 547 -29.52 -7.75 -8.35
N MET D 548 -29.76 -9.01 -7.98
CA MET D 548 -29.51 -10.15 -8.86
C MET D 548 -30.71 -11.09 -8.78
N VAL D 549 -30.92 -11.85 -9.85
CA VAL D 549 -31.97 -12.87 -9.89
C VAL D 549 -31.38 -14.14 -10.50
N ASP D 550 -31.72 -15.28 -9.88
CA ASP D 550 -31.27 -16.59 -10.35
C ASP D 550 -32.34 -17.21 -11.24
N LEU D 551 -31.92 -17.71 -12.40
CA LEU D 551 -32.84 -18.35 -13.33
C LEU D 551 -32.94 -19.86 -13.14
N ASP D 552 -32.10 -20.45 -12.29
CA ASP D 552 -32.17 -21.88 -12.02
C ASP D 552 -33.10 -22.22 -10.87
N SER D 553 -33.64 -21.22 -10.17
CA SER D 553 -34.46 -21.39 -8.97
C SER D 553 -33.72 -22.23 -7.92
N ASN D 554 -32.43 -21.95 -7.75
CA ASN D 554 -31.57 -22.70 -6.85
C ASN D 554 -31.18 -21.83 -5.67
N PRO D 555 -31.30 -22.33 -4.44
CA PRO D 555 -30.95 -21.49 -3.28
C PRO D 555 -29.46 -21.28 -3.13
N THR D 556 -28.65 -22.33 -3.33
CA THR D 556 -27.21 -22.24 -3.19
C THR D 556 -26.52 -21.93 -4.52
N LYS D 557 -27.00 -20.90 -5.20
CA LYS D 557 -26.31 -20.33 -6.36
C LYS D 557 -25.25 -19.33 -5.92
N LEU D 558 -25.25 -18.96 -4.64
CA LEU D 558 -24.19 -18.13 -4.07
C LEU D 558 -22.82 -18.78 -4.17
N ILE D 559 -22.77 -20.12 -4.29
CA ILE D 559 -21.49 -20.80 -4.56
C ILE D 559 -20.89 -20.31 -5.87
N GLU D 560 -21.69 -20.33 -6.94
CA GLU D 560 -21.21 -19.89 -8.24
C GLU D 560 -20.98 -18.38 -8.29
N VAL D 561 -21.82 -17.62 -7.58
CA VAL D 561 -21.63 -16.17 -7.55
C VAL D 561 -20.33 -15.79 -6.84
N VAL D 562 -20.04 -16.45 -5.70
CA VAL D 562 -18.79 -16.22 -5.00
C VAL D 562 -17.60 -16.69 -5.85
N HIS D 563 -17.77 -17.82 -6.54
CA HIS D 563 -16.78 -18.30 -7.50
C HIS D 563 -16.41 -17.24 -8.52
N ILE D 564 -17.42 -16.66 -9.17
CA ILE D 564 -17.17 -15.71 -10.26
C ILE D 564 -16.60 -14.40 -9.72
N GLY D 565 -17.13 -13.90 -8.60
CA GLY D 565 -16.60 -12.66 -8.04
C GLY D 565 -15.17 -12.77 -7.57
N LYS D 566 -14.85 -13.84 -6.85
CA LYS D 566 -13.48 -14.08 -6.44
C LYS D 566 -12.57 -14.32 -7.63
N GLN D 567 -13.09 -14.99 -8.68
CA GLN D 567 -12.30 -15.21 -9.89
C GLN D 567 -11.96 -13.89 -10.57
N MET D 568 -12.91 -12.96 -10.64
CA MET D 568 -12.67 -11.65 -11.23
C MET D 568 -11.60 -10.89 -10.45
N LEU D 569 -11.75 -10.84 -9.12
CA LEU D 569 -10.80 -10.09 -8.29
C LEU D 569 -9.41 -10.72 -8.34
N MET D 570 -9.32 -12.05 -8.28
CA MET D 570 -8.01 -12.69 -8.30
C MET D 570 -7.38 -12.65 -9.68
N THR D 571 -8.18 -12.63 -10.75
CA THR D 571 -7.62 -12.45 -12.08
C THR D 571 -7.02 -11.06 -12.21
N ARG D 572 -7.71 -10.04 -11.70
CA ARG D 572 -7.17 -8.69 -11.72
C ARG D 572 -5.87 -8.58 -10.93
N GLY D 573 -5.87 -9.11 -9.70
CA GLY D 573 -4.67 -9.03 -8.87
C GLY D 573 -3.51 -9.84 -9.41
N SER D 574 -3.80 -11.04 -9.93
CA SER D 574 -2.76 -11.90 -10.48
C SER D 574 -2.14 -11.31 -11.73
N LEU D 575 -2.97 -10.73 -12.62
CA LEU D 575 -2.41 -10.11 -13.81
C LEU D 575 -1.64 -8.85 -13.48
N THR D 576 -2.08 -8.10 -12.45
CA THR D 576 -1.30 -6.95 -12.00
C THR D 576 0.07 -7.38 -11.46
N THR D 577 0.09 -8.45 -10.66
CA THR D 577 1.36 -8.96 -10.12
C THR D 577 2.27 -9.47 -11.23
N PHE D 578 1.69 -10.15 -12.22
CA PHE D 578 2.46 -10.63 -13.37
C PHE D 578 3.06 -9.48 -14.16
N SER D 579 2.26 -8.44 -14.41
CA SER D 579 2.72 -7.28 -15.18
C SER D 579 3.82 -6.54 -14.43
N ILE D 580 3.71 -6.43 -13.11
CA ILE D 580 4.75 -5.76 -12.33
C ILE D 580 6.02 -6.60 -12.30
N ALA D 581 5.89 -7.92 -12.14
CA ALA D 581 7.06 -8.77 -12.04
C ALA D 581 7.78 -8.95 -13.37
N ASN D 582 7.10 -8.72 -14.50
CA ASN D 582 7.78 -8.80 -15.81
C ASN D 582 8.84 -7.71 -16.01
N ASP D 583 8.74 -6.61 -15.26
CA ASP D 583 9.56 -5.44 -15.57
C ASP D 583 11.02 -5.61 -15.20
N VAL D 584 11.37 -6.54 -14.29
CA VAL D 584 12.78 -6.79 -14.01
C VAL D 584 13.44 -7.48 -15.20
N ALA D 585 12.73 -8.40 -15.86
CA ALA D 585 13.25 -8.98 -17.10
C ALA D 585 13.23 -7.96 -18.22
N LYS D 586 12.27 -7.04 -18.21
CA LYS D 586 12.29 -5.94 -19.18
C LYS D 586 13.54 -5.07 -19.03
N TYR D 587 13.90 -4.75 -17.77
CA TYR D 587 15.18 -4.09 -17.49
C TYR D 587 16.36 -4.89 -18.00
N PHE D 588 16.42 -6.18 -17.64
CA PHE D 588 17.57 -7.00 -18.04
C PHE D 588 17.66 -7.20 -19.55
N ALA D 589 16.56 -7.02 -20.28
CA ALA D 589 16.59 -7.08 -21.73
C ALA D 589 16.90 -5.74 -22.39
N ILE D 590 16.45 -4.63 -21.81
CA ILE D 590 16.50 -3.34 -22.49
C ILE D 590 17.68 -2.48 -22.04
N ILE D 591 17.94 -2.41 -20.73
CA ILE D 591 18.91 -1.44 -20.21
C ILE D 591 20.34 -1.67 -20.72
N PRO D 592 20.91 -2.89 -20.68
CA PRO D 592 22.19 -3.08 -21.37
C PRO D 592 22.10 -2.90 -22.88
N ALA D 593 20.92 -3.16 -23.46
CA ALA D 593 20.73 -2.92 -24.88
C ALA D 593 20.59 -1.43 -25.19
N ALA D 594 19.85 -0.71 -24.34
CA ALA D 594 19.68 0.72 -24.55
C ALA D 594 20.98 1.48 -24.36
N PHE D 595 21.77 1.10 -23.36
CA PHE D 595 23.06 1.75 -23.10
C PHE D 595 24.16 0.81 -23.59
N ALA D 596 24.47 0.89 -24.88
CA ALA D 596 25.52 0.10 -25.49
C ALA D 596 26.63 0.95 -26.12
N ALA D 597 26.31 2.15 -26.60
CA ALA D 597 27.30 3.07 -27.11
C ALA D 597 27.71 4.13 -26.09
N THR D 598 26.75 4.65 -25.32
CA THR D 598 27.07 5.59 -24.26
C THR D 598 27.71 4.89 -23.07
N TYR D 599 27.43 3.61 -22.87
CA TYR D 599 27.98 2.84 -21.75
C TYR D 599 28.18 1.41 -22.18
N PRO D 600 29.25 1.12 -22.93
CA PRO D 600 29.53 -0.27 -23.31
C PRO D 600 29.89 -1.16 -22.13
N GLN D 601 30.26 -0.57 -21.00
CA GLN D 601 30.56 -1.30 -19.77
C GLN D 601 29.33 -1.92 -19.13
N LEU D 602 28.12 -1.52 -19.55
CA LEU D 602 26.89 -2.07 -19.02
C LEU D 602 26.48 -3.37 -19.71
N ASN D 603 27.26 -3.84 -20.69
CA ASN D 603 26.96 -5.10 -21.37
C ASN D 603 27.10 -6.32 -20.48
N ALA D 604 27.73 -6.18 -19.31
CA ALA D 604 27.79 -7.27 -18.35
C ALA D 604 26.43 -7.59 -17.77
N LEU D 605 25.49 -6.63 -17.77
CA LEU D 605 24.15 -6.85 -17.27
C LEU D 605 23.31 -7.72 -18.19
N ASN D 606 23.77 -8.01 -19.40
CA ASN D 606 23.06 -8.85 -20.35
C ASN D 606 23.19 -10.31 -19.92
N ILE D 607 22.45 -10.67 -18.87
CA ILE D 607 22.51 -12.02 -18.34
C ILE D 607 21.77 -13.01 -19.24
N MET D 608 20.89 -12.52 -20.11
CA MET D 608 20.16 -13.39 -21.02
C MET D 608 20.98 -13.78 -22.25
N CYS D 609 22.16 -13.18 -22.43
CA CYS D 609 23.06 -13.45 -23.55
C CYS D 609 22.37 -13.21 -24.89
N LEU D 610 21.68 -12.08 -24.99
CA LEU D 610 20.97 -11.72 -26.22
C LEU D 610 21.95 -11.26 -27.29
N HIS D 611 21.49 -11.31 -28.53
CA HIS D 611 22.39 -11.21 -29.69
C HIS D 611 22.89 -9.77 -29.87
N SER D 612 21.99 -8.85 -30.15
CA SER D 612 22.31 -7.46 -30.44
C SER D 612 21.43 -6.57 -29.60
N PRO D 613 21.84 -5.30 -29.38
CA PRO D 613 20.93 -4.38 -28.67
C PRO D 613 19.60 -4.16 -29.36
N ASP D 614 19.60 -4.04 -30.69
CA ASP D 614 18.34 -3.90 -31.43
C ASP D 614 17.49 -5.16 -31.30
N SER D 615 18.12 -6.33 -31.37
CA SER D 615 17.40 -7.59 -31.19
C SER D 615 16.83 -7.70 -29.79
N ALA D 616 17.56 -7.23 -28.78
CA ALA D 616 17.07 -7.31 -27.40
C ALA D 616 15.87 -6.40 -27.18
N ILE D 617 15.95 -5.16 -27.67
CA ILE D 617 14.82 -4.24 -27.54
C ILE D 617 13.61 -4.76 -28.32
N LEU D 618 13.85 -5.27 -29.53
CA LEU D 618 12.77 -5.83 -30.34
C LEU D 618 12.14 -7.04 -29.67
N SER D 619 12.96 -7.89 -29.04
CA SER D 619 12.43 -9.06 -28.36
C SER D 619 11.60 -8.68 -27.15
N ALA D 620 12.04 -7.65 -26.41
CA ALA D 620 11.24 -7.16 -25.28
C ALA D 620 9.89 -6.62 -25.75
N VAL D 621 9.89 -5.86 -26.84
CA VAL D 621 8.63 -5.32 -27.36
C VAL D 621 7.73 -6.43 -27.89
N ILE D 622 8.31 -7.44 -28.54
CA ILE D 622 7.54 -8.56 -29.07
C ILE D 622 6.91 -9.35 -27.93
N PHE D 623 7.67 -9.60 -26.85
CA PHE D 623 7.10 -10.30 -25.70
C PHE D 623 5.99 -9.47 -25.04
N ASN D 624 6.19 -8.15 -24.94
CA ASN D 624 5.15 -7.30 -24.37
C ASN D 624 3.88 -7.31 -25.22
N ALA D 625 4.03 -7.41 -26.55
CA ALA D 625 2.86 -7.49 -27.41
C ALA D 625 2.19 -8.86 -27.32
N LEU D 626 2.98 -9.92 -27.20
CA LEU D 626 2.45 -11.28 -27.28
C LEU D 626 1.93 -11.82 -25.95
N ILE D 627 2.33 -11.23 -24.82
CA ILE D 627 1.84 -11.73 -23.54
C ILE D 627 0.34 -11.44 -23.38
N ILE D 628 -0.15 -10.36 -23.99
CA ILE D 628 -1.57 -10.04 -23.91
C ILE D 628 -2.40 -11.09 -24.65
N VAL D 629 -1.99 -11.43 -25.88
CA VAL D 629 -2.74 -12.41 -26.66
C VAL D 629 -2.53 -13.81 -26.10
N PHE D 630 -1.43 -14.05 -25.38
CA PHE D 630 -1.26 -15.34 -24.71
C PHE D 630 -2.11 -15.43 -23.45
N LEU D 631 -2.43 -14.30 -22.82
CA LEU D 631 -3.22 -14.30 -21.60
C LEU D 631 -4.68 -13.91 -21.81
N ILE D 632 -5.13 -13.72 -23.06
CA ILE D 632 -6.57 -13.62 -23.33
C ILE D 632 -7.37 -14.82 -22.81
N PRO D 633 -6.98 -16.08 -23.06
CA PRO D 633 -7.78 -17.18 -22.48
C PRO D 633 -7.82 -17.19 -20.97
N LEU D 634 -6.73 -16.80 -20.30
CA LEU D 634 -6.73 -16.74 -18.84
C LEU D 634 -7.70 -15.68 -18.33
N ALA D 635 -7.74 -14.52 -18.98
CA ALA D 635 -8.67 -13.47 -18.57
C ALA D 635 -10.12 -13.83 -18.91
N LEU D 636 -10.33 -14.57 -20.00
CA LEU D 636 -11.69 -14.94 -20.36
C LEU D 636 -12.24 -16.03 -19.43
N LYS D 637 -11.42 -17.02 -19.09
CA LYS D 637 -11.88 -18.11 -18.22
C LYS D 637 -11.77 -17.78 -16.74
N GLY D 638 -11.00 -16.76 -16.37
CA GLY D 638 -10.71 -16.50 -14.98
C GLY D 638 -9.64 -17.42 -14.43
N VAL D 639 -9.15 -17.08 -13.25
CA VAL D 639 -8.16 -17.93 -12.59
C VAL D 639 -8.85 -19.11 -11.92
N SER D 640 -8.09 -20.17 -11.69
CA SER D 640 -8.61 -21.38 -11.07
C SER D 640 -8.83 -21.11 -9.58
N TYR D 641 -10.10 -20.97 -9.18
CA TYR D 641 -10.45 -20.72 -7.79
C TYR D 641 -10.63 -22.06 -7.07
N LYS D 642 -9.84 -22.25 -6.01
CA LYS D 642 -9.97 -23.39 -5.11
C LYS D 642 -10.22 -22.87 -3.70
N PRO D 643 -11.13 -23.51 -2.95
CA PRO D 643 -11.43 -23.03 -1.59
C PRO D 643 -10.37 -23.44 -0.60
N LEU D 644 -9.54 -22.47 -0.19
CA LEU D 644 -8.59 -22.70 0.89
C LEU D 644 -8.62 -21.53 1.87
N THR D 645 -7.71 -21.52 2.83
CA THR D 645 -7.57 -20.37 3.71
C THR D 645 -6.98 -19.19 2.94
N ALA D 646 -7.12 -18.00 3.51
CA ALA D 646 -6.68 -16.78 2.83
C ALA D 646 -5.15 -16.76 2.64
N SER D 647 -4.41 -17.14 3.69
CA SER D 647 -2.95 -17.16 3.59
C SER D 647 -2.46 -18.19 2.60
N ALA D 648 -3.06 -19.38 2.60
CA ALA D 648 -2.66 -20.42 1.66
C ALA D 648 -3.00 -20.04 0.22
N MET D 649 -4.16 -19.42 0.01
CA MET D 649 -4.55 -18.99 -1.33
C MET D 649 -3.63 -17.88 -1.83
N LEU D 650 -3.28 -16.93 -0.95
CA LEU D 650 -2.34 -15.87 -1.31
C LEU D 650 -0.97 -16.44 -1.62
N ARG D 651 -0.52 -17.42 -0.84
CA ARG D 651 0.78 -18.04 -1.09
C ARG D 651 0.80 -18.79 -2.42
N ARG D 652 -0.28 -19.52 -2.72
CA ARG D 652 -0.36 -20.24 -4.00
C ARG D 652 -0.39 -19.27 -5.17
N ASN D 653 -1.20 -18.21 -5.08
CA ASN D 653 -1.30 -17.23 -6.15
C ASN D 653 0.02 -16.49 -6.34
N LEU D 654 0.72 -16.19 -5.24
CA LEU D 654 2.04 -15.56 -5.34
C LEU D 654 3.04 -16.49 -6.00
N TRP D 655 3.12 -17.74 -5.54
CA TRP D 655 4.07 -18.70 -6.09
C TRP D 655 3.81 -19.00 -7.57
N ILE D 656 2.55 -18.91 -8.02
CA ILE D 656 2.25 -19.24 -9.41
C ILE D 656 2.11 -18.01 -10.30
N TYR D 657 2.08 -16.80 -9.75
CA TYR D 657 1.97 -15.60 -10.58
C TYR D 657 3.13 -14.64 -10.41
N GLY D 658 3.52 -14.31 -9.18
CA GLY D 658 4.68 -13.45 -9.00
C GLY D 658 5.98 -14.11 -9.44
N LEU D 659 6.16 -15.38 -9.06
CA LEU D 659 7.31 -16.13 -9.55
C LEU D 659 7.22 -16.39 -11.05
N GLY D 660 6.00 -16.56 -11.57
CA GLY D 660 5.82 -16.68 -13.01
C GLY D 660 6.23 -15.42 -13.74
N GLY D 661 5.84 -14.25 -13.21
CA GLY D 661 6.30 -13.00 -13.78
C GLY D 661 7.77 -12.73 -13.56
N LEU D 662 8.36 -13.37 -12.56
CA LEU D 662 9.81 -13.29 -12.38
C LEU D 662 10.56 -14.12 -13.41
N LEU D 663 10.01 -15.29 -13.76
CA LEU D 663 10.74 -16.26 -14.58
C LEU D 663 10.36 -16.21 -16.06
N VAL D 664 9.07 -16.37 -16.38
CA VAL D 664 8.54 -16.53 -17.73
C VAL D 664 8.99 -15.46 -18.74
N PRO D 665 9.04 -14.15 -18.41
CA PRO D 665 9.56 -13.19 -19.41
C PRO D 665 11.00 -13.41 -19.82
N PHE D 666 11.84 -13.97 -18.94
CA PHE D 666 13.21 -14.32 -19.34
C PHE D 666 13.20 -15.36 -20.45
N ILE D 667 12.45 -16.44 -20.25
CA ILE D 667 12.34 -17.48 -21.27
C ILE D 667 11.69 -16.93 -22.53
N GLY D 668 10.66 -16.11 -22.40
CA GLY D 668 9.98 -15.57 -23.58
C GLY D 668 10.87 -14.67 -24.42
N ILE D 669 11.59 -13.76 -23.76
CA ILE D 669 12.49 -12.85 -24.48
C ILE D 669 13.65 -13.64 -25.08
N LYS D 670 14.16 -14.64 -24.38
CA LYS D 670 15.25 -15.46 -24.92
C LYS D 670 14.80 -16.25 -26.15
N VAL D 671 13.61 -16.85 -26.10
CA VAL D 671 13.10 -17.61 -27.24
C VAL D 671 12.83 -16.71 -28.43
N ILE D 672 12.27 -15.52 -28.18
CA ILE D 672 12.03 -14.57 -29.28
C ILE D 672 13.36 -14.13 -29.90
N ASP D 673 14.38 -13.89 -29.07
CA ASP D 673 15.69 -13.51 -29.58
C ASP D 673 16.33 -14.62 -30.39
N LEU D 674 16.21 -15.87 -29.94
CA LEU D 674 16.74 -17.00 -30.72
C LEU D 674 16.00 -17.17 -32.04
N LEU D 675 14.67 -16.98 -32.04
CA LEU D 675 13.92 -17.07 -33.28
C LEU D 675 14.32 -15.98 -34.26
N LEU D 676 14.53 -14.75 -33.77
CA LEU D 676 15.00 -13.67 -34.62
C LEU D 676 16.40 -13.96 -35.17
N THR D 677 17.27 -14.52 -34.33
CA THR D 677 18.63 -14.85 -34.75
C THR D 677 18.64 -15.93 -35.83
N VAL D 678 17.84 -16.99 -35.65
CA VAL D 678 17.82 -18.06 -36.65
C VAL D 678 17.01 -17.67 -37.89
N CYS D 679 16.13 -16.67 -37.79
CA CYS D 679 15.46 -16.17 -38.98
C CYS D 679 16.28 -15.11 -39.71
N GLY D 680 17.30 -14.55 -39.05
CA GLY D 680 18.15 -13.58 -39.71
C GLY D 680 17.57 -12.20 -39.84
N LEU D 681 16.45 -11.93 -39.18
CA LEU D 681 15.86 -10.58 -39.23
C LEU D 681 16.74 -9.56 -38.53
N VAL D 682 17.34 -9.96 -37.40
CA VAL D 682 18.24 -9.07 -36.67
C VAL D 682 19.24 -9.89 -35.87
#